data_4NSL
#
_entry.id   4NSL
#
_cell.length_a   87.708
_cell.length_b   102.297
_cell.length_c   198.399
_cell.angle_alpha   90.00
_cell.angle_beta   90.00
_cell.angle_gamma   90.00
#
_symmetry.space_group_name_H-M   'P 21 21 21'
#
loop_
_entity.id
_entity.type
_entity.pdbx_description
1 polymer 'Adenylosuccinate lyase'
2 non-polymer PENTANE-1,5-DIAMINE
3 water water
#
_entity_poly.entity_id   1
_entity_poly.type   'polypeptide(L)'
_entity_poly.pdbx_seq_one_letter_code
;MRGSHHHHHHGMASMELSSLTAVSPVDGRYGDKVSALRGIFSEYGLLKFRVQVEVRWLQKLAAHAAIKEVPAFAADANGY
LDTLVANFNEEDAARIKTIERTTNHDVKAVEYFLKEKVAAIPALHDVSEFIHFACTSEDINNLSHALMLKTARDEVILPY
WRQVINAVKDLATQYRDIPLLSRTHGQPATPSTLGKEMANVAYRMERQFRQLNQVEILGKINGAVGNYNAHIAAYPEVDW
HQFSEEFVTSLGIQWNPYTTQIEPHDYIAELFDCIARFNTILIDFDRDVWGYIALNHFKQKTIAGEIGSSTMPHKVNPID
FENSEGNLGLSNAVLHHLANKLPVSRWQRDLTDSTVLRNLGVGIGYALIAYQSTLKGVSKLEVNRDHLLDELDHNWEVLA
EPIQTVMRRYGIEKPYEKLKELTRGKRVDAEGMKQFIDSLALPEAEKTRLKAMTPANYIGRAVTLVDELK
;
_entity_poly.pdbx_strand_id   A,B,C,D
#
loop_
_chem_comp.id
_chem_comp.type
_chem_comp.name
_chem_comp.formula
N2P non-polymer PENTANE-1,5-DIAMINE 'C5 H14 N2'
#
# COMPACT_ATOMS: atom_id res chain seq x y z
N MET A 15 18.58 -8.38 -26.53
CA MET A 15 19.76 -7.55 -26.35
C MET A 15 20.55 -7.96 -25.11
N GLU A 16 21.86 -8.02 -25.25
CA GLU A 16 22.73 -8.40 -24.13
C GLU A 16 22.61 -7.40 -22.98
N LEU A 17 22.91 -7.85 -21.78
CA LEU A 17 22.67 -7.05 -20.59
C LEU A 17 23.81 -6.07 -20.31
N SER A 18 23.47 -4.79 -20.30
CA SER A 18 24.41 -3.75 -19.92
C SER A 18 23.68 -2.75 -19.03
N SER A 19 24.38 -1.74 -18.55
CA SER A 19 23.76 -0.71 -17.74
C SER A 19 22.75 0.07 -18.58
N LEU A 20 22.94 0.01 -19.90
CA LEU A 20 22.03 0.64 -20.85
C LEU A 20 20.74 -0.16 -21.03
N THR A 21 20.89 -1.48 -21.16
CA THR A 21 19.77 -2.34 -21.50
C THR A 21 19.04 -2.86 -20.27
N ALA A 22 19.48 -2.44 -19.08
CA ALA A 22 18.82 -2.83 -17.84
C ALA A 22 17.39 -2.31 -17.80
N VAL A 23 16.45 -3.20 -17.51
CA VAL A 23 15.04 -2.82 -17.43
C VAL A 23 14.78 -1.95 -16.20
N SER A 24 15.66 -2.07 -15.22
CA SER A 24 15.51 -1.34 -13.96
C SER A 24 16.72 -0.45 -13.71
N PRO A 25 16.47 0.76 -13.18
CA PRO A 25 17.50 1.78 -12.94
C PRO A 25 18.48 1.39 -11.84
N VAL A 26 18.11 0.43 -11.00
CA VAL A 26 18.98 -0.01 -9.92
C VAL A 26 20.25 -0.65 -10.47
N ASP A 27 20.09 -1.55 -11.45
CA ASP A 27 21.21 -2.06 -12.21
C ASP A 27 21.34 -1.22 -13.48
N GLY A 28 20.48 -0.22 -13.56
CA GLY A 28 20.43 0.71 -14.68
C GLY A 28 21.28 1.92 -14.38
N ARG A 29 20.81 3.09 -14.82
CA ARG A 29 21.55 4.33 -14.69
C ARG A 29 22.11 4.55 -13.27
N TYR A 30 21.42 4.07 -12.26
CA TYR A 30 21.83 4.26 -10.87
C TYR A 30 22.73 3.15 -10.34
N GLY A 31 23.08 2.19 -11.19
CA GLY A 31 23.85 1.03 -10.79
C GLY A 31 25.21 1.31 -10.14
N ASP A 32 25.96 2.23 -10.73
CA ASP A 32 27.30 2.56 -10.21
C ASP A 32 27.22 3.09 -8.78
N LYS A 33 26.01 3.45 -8.36
CA LYS A 33 25.75 3.83 -6.98
C LYS A 33 25.62 2.58 -6.10
N VAL A 34 24.84 1.63 -6.58
CA VAL A 34 24.44 0.47 -5.79
C VAL A 34 25.40 -0.71 -5.92
N SER A 35 26.51 -0.50 -6.63
CA SER A 35 27.46 -1.59 -6.88
C SER A 35 27.87 -2.34 -5.61
N ALA A 36 27.82 -1.66 -4.47
CA ALA A 36 28.18 -2.29 -3.20
C ALA A 36 27.23 -3.43 -2.84
N LEU A 37 26.01 -3.38 -3.38
CA LEU A 37 25.00 -4.40 -3.10
C LEU A 37 25.17 -5.64 -3.98
N ARG A 38 25.97 -5.51 -5.04
CA ARG A 38 26.18 -6.60 -5.99
C ARG A 38 26.87 -7.79 -5.33
N GLY A 39 27.66 -7.52 -4.28
CA GLY A 39 28.37 -8.58 -3.59
C GLY A 39 27.54 -9.19 -2.48
N ILE A 40 26.34 -8.66 -2.27
CA ILE A 40 25.45 -9.13 -1.20
C ILE A 40 24.17 -9.76 -1.72
N PHE A 41 23.27 -8.93 -2.23
CA PHE A 41 21.91 -9.35 -2.57
C PHE A 41 21.76 -10.00 -3.94
N SER A 42 22.82 -10.00 -4.73
CA SER A 42 22.78 -10.61 -6.06
C SER A 42 22.68 -12.13 -5.94
N GLU A 43 22.68 -12.80 -7.09
CA GLU A 43 22.79 -14.26 -7.09
C GLU A 43 24.17 -14.66 -6.60
N TYR A 44 25.16 -13.84 -6.94
CA TYR A 44 26.54 -14.05 -6.52
C TYR A 44 26.66 -14.06 -5.00
N GLY A 45 25.95 -13.14 -4.35
CA GLY A 45 25.95 -13.08 -2.90
C GLY A 45 25.22 -14.27 -2.31
N LEU A 46 24.10 -14.63 -2.93
CA LEU A 46 23.33 -15.79 -2.50
C LEU A 46 24.20 -17.03 -2.47
N LEU A 47 24.88 -17.29 -3.59
CA LEU A 47 25.77 -18.44 -3.69
C LEU A 47 26.95 -18.33 -2.73
N LYS A 48 27.46 -17.12 -2.57
CA LYS A 48 28.60 -16.88 -1.69
C LYS A 48 28.27 -17.29 -0.25
N PHE A 49 27.13 -16.81 0.24
CA PHE A 49 26.69 -17.12 1.59
C PHE A 49 26.17 -18.55 1.71
N ARG A 50 25.76 -19.15 0.60
CA ARG A 50 25.39 -20.56 0.61
C ARG A 50 26.63 -21.43 0.82
N VAL A 51 27.67 -21.14 0.06
CA VAL A 51 28.95 -21.83 0.23
C VAL A 51 29.45 -21.61 1.64
N GLN A 52 29.32 -20.37 2.12
CA GLN A 52 29.70 -20.03 3.48
C GLN A 52 29.00 -20.94 4.50
N VAL A 53 27.67 -20.98 4.42
CA VAL A 53 26.85 -21.76 5.34
C VAL A 53 27.14 -23.26 5.27
N GLU A 54 27.18 -23.80 4.06
CA GLU A 54 27.45 -25.22 3.87
C GLU A 54 28.81 -25.61 4.43
N VAL A 55 29.83 -24.83 4.06
CA VAL A 55 31.19 -25.08 4.55
C VAL A 55 31.23 -25.04 6.08
N ARG A 56 30.75 -23.95 6.67
CA ARG A 56 30.73 -23.82 8.11
C ARG A 56 29.99 -24.98 8.77
N TRP A 57 28.93 -25.44 8.11
CA TRP A 57 28.12 -26.54 8.62
C TRP A 57 28.90 -27.84 8.65
N LEU A 58 29.57 -28.15 7.54
CA LEU A 58 30.42 -29.34 7.49
C LEU A 58 31.53 -29.23 8.54
N GLN A 59 32.00 -28.01 8.76
CA GLN A 59 33.04 -27.75 9.74
C GLN A 59 32.55 -28.04 11.16
N LYS A 60 31.30 -27.71 11.44
CA LYS A 60 30.73 -28.02 12.74
C LYS A 60 30.52 -29.53 12.86
N LEU A 61 30.12 -30.15 11.76
CA LEU A 61 30.00 -31.60 11.71
C LEU A 61 31.32 -32.25 12.07
N ALA A 62 32.40 -31.65 11.63
CA ALA A 62 33.75 -32.18 11.84
C ALA A 62 34.25 -31.92 13.27
N ALA A 63 33.94 -30.73 13.78
CA ALA A 63 34.40 -30.34 15.11
C ALA A 63 33.84 -31.23 16.21
N HIS A 64 32.70 -31.86 15.95
CA HIS A 64 31.96 -32.57 16.98
C HIS A 64 32.55 -33.92 17.37
N ALA A 65 32.57 -34.20 18.67
CA ALA A 65 33.08 -35.46 19.20
C ALA A 65 32.08 -36.60 18.99
N ALA A 66 30.80 -36.27 19.08
CA ALA A 66 29.73 -37.27 18.90
C ALA A 66 29.70 -37.84 17.49
N ILE A 67 30.23 -37.08 16.52
CA ILE A 67 30.27 -37.54 15.14
C ILE A 67 31.67 -38.05 14.81
N LYS A 68 31.82 -39.37 14.73
CA LYS A 68 33.11 -39.98 14.42
C LYS A 68 33.28 -40.27 12.94
N GLU A 69 32.17 -40.17 12.21
CA GLU A 69 32.18 -40.40 10.77
C GLU A 69 32.84 -39.23 10.06
N VAL A 70 32.76 -38.05 10.67
CA VAL A 70 33.51 -36.89 10.19
C VAL A 70 34.61 -36.58 11.21
N PRO A 71 35.86 -36.95 10.87
CA PRO A 71 36.99 -36.73 11.78
C PRO A 71 37.46 -35.29 11.79
N ALA A 72 38.16 -34.90 12.85
CA ALA A 72 38.67 -33.54 12.96
C ALA A 72 39.60 -33.20 11.80
N PHE A 73 39.59 -31.93 11.41
CA PHE A 73 40.49 -31.47 10.35
C PHE A 73 41.75 -30.89 10.96
N ALA A 74 42.89 -31.12 10.33
CA ALA A 74 44.10 -30.40 10.71
C ALA A 74 44.12 -29.08 9.96
N ALA A 75 45.13 -28.25 10.22
CA ALA A 75 45.16 -26.90 9.67
C ALA A 75 45.03 -26.82 8.14
N ASP A 76 45.49 -27.86 7.44
CA ASP A 76 45.47 -27.87 5.99
C ASP A 76 44.07 -27.78 5.39
N ALA A 77 43.21 -28.72 5.76
CA ALA A 77 41.85 -28.78 5.22
C ALA A 77 40.98 -27.63 5.72
N ASN A 78 41.05 -27.34 7.02
CA ASN A 78 40.34 -26.20 7.57
C ASN A 78 40.72 -24.94 6.82
N GLY A 79 42.02 -24.81 6.54
CA GLY A 79 42.52 -23.69 5.75
C GLY A 79 41.91 -23.67 4.37
N TYR A 80 41.94 -24.82 3.69
CA TYR A 80 41.38 -24.92 2.34
C TYR A 80 39.92 -24.50 2.32
N LEU A 81 39.16 -24.85 3.36
CA LEU A 81 37.76 -24.47 3.43
C LEU A 81 37.58 -22.97 3.69
N ASP A 82 38.32 -22.46 4.68
CA ASP A 82 38.29 -21.04 4.99
C ASP A 82 38.58 -20.20 3.74
N THR A 83 39.55 -20.65 2.95
CA THR A 83 39.91 -19.96 1.72
C THR A 83 38.85 -20.20 0.66
N LEU A 84 38.18 -21.35 0.73
CA LEU A 84 37.09 -21.65 -0.19
C LEU A 84 35.99 -20.59 -0.02
N VAL A 85 35.64 -20.31 1.23
CA VAL A 85 34.62 -19.32 1.55
C VAL A 85 35.09 -17.90 1.25
N ALA A 86 36.26 -17.54 1.78
CA ALA A 86 36.79 -16.17 1.68
C ALA A 86 37.21 -15.79 0.26
N ASN A 87 37.76 -16.74 -0.48
CA ASN A 87 38.22 -16.47 -1.85
C ASN A 87 37.16 -16.73 -2.91
N PHE A 88 35.95 -17.07 -2.48
CA PHE A 88 34.85 -17.32 -3.40
C PHE A 88 34.73 -16.14 -4.38
N ASN A 89 34.69 -16.42 -5.67
CA ASN A 89 34.61 -15.37 -6.68
C ASN A 89 33.56 -15.60 -7.76
N GLU A 90 33.55 -14.71 -8.75
CA GLU A 90 32.53 -14.72 -9.80
C GLU A 90 32.57 -15.95 -10.70
N GLU A 91 33.76 -16.49 -10.95
CA GLU A 91 33.88 -17.68 -11.78
C GLU A 91 33.40 -18.92 -11.03
N ASP A 92 33.57 -18.92 -9.72
CA ASP A 92 33.04 -20.00 -8.89
C ASP A 92 31.53 -20.03 -9.02
N ALA A 93 30.91 -18.87 -8.82
CA ALA A 93 29.46 -18.73 -8.93
C ALA A 93 28.97 -19.09 -10.32
N ALA A 94 29.71 -18.64 -11.34
CA ALA A 94 29.36 -18.93 -12.72
C ALA A 94 29.38 -20.45 -12.94
N ARG A 95 30.37 -21.10 -12.36
CA ARG A 95 30.50 -22.56 -12.43
C ARG A 95 29.32 -23.24 -11.75
N ILE A 96 28.92 -22.72 -10.60
CA ILE A 96 27.76 -23.23 -9.88
C ILE A 96 26.52 -23.12 -10.77
N LYS A 97 26.41 -21.98 -11.46
CA LYS A 97 25.34 -21.77 -12.42
C LYS A 97 25.44 -22.75 -13.58
N THR A 98 26.66 -23.20 -13.86
CA THR A 98 26.89 -24.17 -14.93
C THR A 98 26.52 -25.58 -14.47
N ILE A 99 26.57 -25.80 -13.16
CA ILE A 99 26.21 -27.07 -12.59
C ILE A 99 24.69 -27.21 -12.58
N GLU A 100 23.99 -26.10 -12.73
CA GLU A 100 22.58 -26.14 -13.06
C GLU A 100 22.50 -26.56 -14.53
N ARG A 101 21.29 -26.70 -15.06
CA ARG A 101 21.09 -27.38 -16.34
C ARG A 101 21.29 -28.87 -16.11
N THR A 102 21.81 -29.20 -14.94
CA THR A 102 22.03 -30.58 -14.53
C THR A 102 21.14 -30.86 -13.33
N THR A 103 21.41 -30.16 -12.22
CA THR A 103 20.58 -30.25 -11.03
C THR A 103 19.16 -29.81 -11.32
N ASN A 104 19.02 -28.65 -11.95
CA ASN A 104 17.76 -27.95 -12.03
C ASN A 104 17.41 -27.40 -10.65
N HIS A 105 18.20 -27.82 -9.67
CA HIS A 105 18.08 -27.39 -8.27
C HIS A 105 19.23 -26.44 -7.92
N ASP A 106 18.90 -25.22 -7.50
CA ASP A 106 19.92 -24.19 -7.27
C ASP A 106 20.80 -24.40 -6.03
N VAL A 107 20.23 -25.04 -5.00
CA VAL A 107 20.98 -25.34 -3.77
C VAL A 107 21.90 -26.54 -3.93
N LYS A 108 21.48 -27.49 -4.76
CA LYS A 108 22.28 -28.70 -5.01
C LYS A 108 23.54 -28.40 -5.82
N ALA A 109 23.45 -27.43 -6.72
CA ALA A 109 24.61 -27.02 -7.51
C ALA A 109 25.78 -26.63 -6.58
N VAL A 110 25.44 -26.06 -5.43
CA VAL A 110 26.43 -25.69 -4.43
C VAL A 110 27.09 -26.92 -3.82
N GLU A 111 26.27 -27.94 -3.57
CA GLU A 111 26.80 -29.20 -3.03
C GLU A 111 27.76 -29.83 -4.01
N TYR A 112 27.36 -29.93 -5.27
CA TYR A 112 28.24 -30.45 -6.32
C TYR A 112 29.54 -29.64 -6.38
N PHE A 113 29.40 -28.32 -6.39
CA PHE A 113 30.53 -27.41 -6.45
C PHE A 113 31.52 -27.67 -5.32
N LEU A 114 30.98 -27.82 -4.11
CA LEU A 114 31.80 -28.09 -2.94
C LEU A 114 32.48 -29.45 -3.03
N LYS A 115 31.73 -30.48 -3.42
CA LYS A 115 32.31 -31.80 -3.55
C LYS A 115 33.50 -31.77 -4.50
N GLU A 116 33.27 -31.27 -5.71
CA GLU A 116 34.32 -31.25 -6.74
C GLU A 116 35.52 -30.39 -6.31
N LYS A 117 35.24 -29.20 -5.77
CA LYS A 117 36.29 -28.34 -5.26
C LYS A 117 37.15 -29.09 -4.25
N VAL A 118 36.46 -29.84 -3.39
CA VAL A 118 37.07 -30.47 -2.23
C VAL A 118 37.70 -31.85 -2.50
N ALA A 119 37.44 -32.41 -3.68
CA ALA A 119 37.92 -33.76 -4.01
C ALA A 119 39.43 -33.81 -4.22
N ALA A 120 40.06 -32.64 -4.26
CA ALA A 120 41.51 -32.56 -4.41
C ALA A 120 42.23 -32.93 -3.11
N ILE A 121 41.76 -32.36 -2.01
CA ILE A 121 42.28 -32.71 -0.68
C ILE A 121 41.53 -33.91 -0.11
N PRO A 122 42.28 -34.96 0.28
CA PRO A 122 41.73 -36.27 0.66
C PRO A 122 40.87 -36.25 1.93
N ALA A 123 41.30 -35.51 2.95
CA ALA A 123 40.57 -35.48 4.22
C ALA A 123 39.14 -35.05 4.02
N LEU A 124 38.95 -33.95 3.29
CA LEU A 124 37.62 -33.43 3.04
C LEU A 124 36.96 -34.25 1.93
N HIS A 125 37.78 -34.92 1.14
CA HIS A 125 37.31 -35.79 0.06
C HIS A 125 36.50 -36.96 0.60
N ASP A 126 37.01 -37.59 1.66
CA ASP A 126 36.40 -38.80 2.20
C ASP A 126 35.16 -38.52 3.06
N VAL A 127 35.05 -37.30 3.57
CA VAL A 127 33.86 -36.88 4.31
C VAL A 127 32.87 -36.15 3.42
N SER A 128 33.19 -36.04 2.13
CA SER A 128 32.50 -35.12 1.22
C SER A 128 30.99 -35.40 1.08
N GLU A 129 30.55 -36.55 1.55
CA GLU A 129 29.12 -36.87 1.47
C GLU A 129 28.37 -36.37 2.72
N PHE A 130 29.11 -35.75 3.63
CA PHE A 130 28.53 -35.17 4.83
C PHE A 130 28.21 -33.68 4.65
N ILE A 131 28.47 -33.18 3.45
CA ILE A 131 28.07 -31.82 3.11
C ILE A 131 26.55 -31.76 3.06
N HIS A 132 25.98 -30.65 3.54
CA HIS A 132 24.53 -30.48 3.52
C HIS A 132 23.84 -31.63 4.23
N PHE A 133 24.50 -32.20 5.23
CA PHE A 133 23.99 -33.41 5.89
C PHE A 133 22.72 -33.14 6.67
N ALA A 134 21.67 -33.91 6.37
CA ALA A 134 20.37 -33.75 7.00
C ALA A 134 19.84 -32.31 6.89
N CYS A 135 20.19 -31.65 5.79
CA CYS A 135 19.78 -30.27 5.58
C CYS A 135 18.66 -30.14 4.55
N THR A 136 17.64 -29.35 4.88
CA THR A 136 16.71 -28.87 3.87
C THR A 136 17.33 -27.67 3.16
N SER A 137 16.91 -27.42 1.92
CA SER A 137 17.44 -26.29 1.15
C SER A 137 17.33 -24.98 1.91
N GLU A 138 16.19 -24.77 2.56
CA GLU A 138 15.93 -23.52 3.27
C GLU A 138 16.78 -23.36 4.52
N ASP A 139 17.32 -24.46 5.03
CA ASP A 139 18.28 -24.39 6.13
C ASP A 139 19.45 -23.52 5.68
N ILE A 140 19.91 -23.75 4.46
CA ILE A 140 20.98 -22.95 3.87
C ILE A 140 20.48 -21.57 3.42
N ASN A 141 19.37 -21.57 2.69
CA ASN A 141 18.82 -20.33 2.14
C ASN A 141 18.55 -19.24 3.17
N ASN A 142 17.82 -19.59 4.23
CA ASN A 142 17.47 -18.60 5.25
C ASN A 142 18.70 -17.98 5.91
N LEU A 143 19.69 -18.82 6.22
CA LEU A 143 20.93 -18.35 6.80
C LEU A 143 21.64 -17.42 5.82
N SER A 144 21.66 -17.81 4.55
CA SER A 144 22.26 -16.99 3.51
C SER A 144 21.60 -15.62 3.47
N HIS A 145 20.28 -15.60 3.63
CA HIS A 145 19.52 -14.35 3.64
C HIS A 145 19.88 -13.51 4.87
N ALA A 146 19.99 -14.16 6.02
CA ALA A 146 20.36 -13.47 7.25
C ALA A 146 21.72 -12.79 7.08
N LEU A 147 22.65 -13.52 6.49
CA LEU A 147 23.98 -12.97 6.20
C LEU A 147 23.87 -11.80 5.22
N MET A 148 22.98 -11.93 4.24
CA MET A 148 22.72 -10.84 3.31
C MET A 148 22.34 -9.57 4.06
N LEU A 149 21.30 -9.68 4.89
CA LEU A 149 20.77 -8.54 5.60
C LEU A 149 21.74 -7.94 6.61
N LYS A 150 22.39 -8.80 7.38
CA LYS A 150 23.36 -8.32 8.37
C LYS A 150 24.51 -7.61 7.67
N THR A 151 25.10 -8.27 6.69
CA THR A 151 26.20 -7.72 5.91
C THR A 151 25.83 -6.39 5.28
N ALA A 152 24.64 -6.32 4.69
CA ALA A 152 24.17 -5.08 4.07
C ALA A 152 24.05 -3.97 5.10
N ARG A 153 23.41 -4.29 6.22
CA ARG A 153 23.22 -3.34 7.31
C ARG A 153 24.53 -2.76 7.81
N ASP A 154 25.53 -3.62 8.02
CA ASP A 154 26.81 -3.19 8.56
C ASP A 154 27.67 -2.43 7.55
N GLU A 155 27.80 -3.00 6.35
CA GLU A 155 28.70 -2.45 5.34
C GLU A 155 28.09 -1.34 4.49
N VAL A 156 26.76 -1.19 4.57
CA VAL A 156 26.08 -0.20 3.73
C VAL A 156 25.12 0.73 4.48
N ILE A 157 24.03 0.16 4.97
CA ILE A 157 22.92 0.93 5.51
C ILE A 157 23.30 1.88 6.65
N LEU A 158 23.86 1.34 7.73
CA LEU A 158 24.18 2.16 8.90
C LEU A 158 25.20 3.26 8.61
N PRO A 159 26.27 2.94 7.87
CA PRO A 159 27.24 3.98 7.49
C PRO A 159 26.56 5.15 6.77
N TYR A 160 25.69 4.83 5.81
CA TYR A 160 24.98 5.86 5.06
C TYR A 160 24.03 6.65 5.95
N TRP A 161 23.30 5.96 6.82
CA TRP A 161 22.42 6.63 7.78
C TRP A 161 23.23 7.62 8.60
N ARG A 162 24.43 7.20 8.99
CA ARG A 162 25.31 8.02 9.80
C ARG A 162 25.80 9.25 9.03
N GLN A 163 26.14 9.06 7.76
CA GLN A 163 26.56 10.18 6.92
C GLN A 163 25.42 11.18 6.75
N VAL A 164 24.20 10.66 6.65
CA VAL A 164 23.02 11.50 6.50
C VAL A 164 22.74 12.31 7.76
N ILE A 165 22.71 11.62 8.90
CA ILE A 165 22.51 12.27 10.18
C ILE A 165 23.63 13.28 10.45
N ASN A 166 24.81 13.01 9.93
CA ASN A 166 25.95 13.89 10.11
C ASN A 166 25.89 15.11 9.20
N ALA A 167 25.28 14.93 8.02
CA ALA A 167 25.05 16.06 7.13
C ALA A 167 24.01 16.98 7.76
N VAL A 168 22.89 16.39 8.15
CA VAL A 168 21.81 17.10 8.81
C VAL A 168 22.29 17.83 10.05
N LYS A 169 23.08 17.15 10.87
CA LYS A 169 23.61 17.74 12.08
C LYS A 169 24.64 18.83 11.76
N ASP A 170 25.38 18.65 10.66
CA ASP A 170 26.32 19.66 10.21
C ASP A 170 25.52 20.93 9.96
N LEU A 171 24.49 20.83 9.11
CA LEU A 171 23.62 21.96 8.84
C LEU A 171 23.06 22.56 10.12
N ALA A 172 22.65 21.70 11.05
CA ALA A 172 22.11 22.14 12.34
C ALA A 172 23.11 23.04 13.07
N THR A 173 24.37 22.63 13.08
CA THR A 173 25.40 23.37 13.79
C THR A 173 25.78 24.67 13.07
N GLN A 174 25.89 24.61 11.75
CA GLN A 174 26.18 25.80 10.96
C GLN A 174 25.09 26.85 11.17
N TYR A 175 23.84 26.41 11.08
CA TYR A 175 22.69 27.30 11.06
C TYR A 175 22.11 27.57 12.46
N ARG A 176 22.77 27.03 13.47
CA ARG A 176 22.28 27.12 14.86
C ARG A 176 21.85 28.52 15.26
N ASP A 177 22.64 29.52 14.90
CA ASP A 177 22.39 30.90 15.33
C ASP A 177 21.51 31.68 14.36
N ILE A 178 21.15 31.05 13.24
CA ILE A 178 20.43 31.74 12.17
C ILE A 178 18.91 31.69 12.36
N PRO A 179 18.31 32.85 12.66
CA PRO A 179 16.87 32.97 12.93
C PRO A 179 16.04 32.71 11.67
N LEU A 180 14.89 32.08 11.83
CA LEU A 180 14.06 31.65 10.72
C LEU A 180 12.60 31.94 11.01
N LEU A 181 11.88 32.46 10.02
CA LEU A 181 10.44 32.62 10.15
C LEU A 181 9.79 31.27 9.88
N SER A 182 9.09 30.76 10.89
CA SER A 182 8.47 29.44 10.78
C SER A 182 7.26 29.44 9.86
N ARG A 183 6.93 28.27 9.34
CA ARG A 183 5.73 28.10 8.54
C ARG A 183 4.81 27.02 9.14
N THR A 184 3.65 27.45 9.65
CA THR A 184 2.55 26.55 10.00
C THR A 184 1.43 26.82 9.00
N HIS A 185 0.77 25.77 8.53
CA HIS A 185 -0.10 25.89 7.34
C HIS A 185 0.62 26.69 6.26
N GLY A 186 1.92 26.45 6.13
CA GLY A 186 2.75 27.19 5.17
C GLY A 186 2.70 28.68 5.38
N GLN A 187 2.32 29.11 6.58
CA GLN A 187 2.13 30.53 6.86
C GLN A 187 2.91 30.99 8.09
N PRO A 188 3.30 32.27 8.11
CA PRO A 188 4.22 32.77 9.13
C PRO A 188 3.81 32.43 10.56
N ALA A 189 4.76 31.91 11.34
CA ALA A 189 4.50 31.52 12.72
C ALA A 189 5.68 31.92 13.60
N THR A 190 5.56 31.65 14.90
CA THR A 190 6.59 32.03 15.87
C THR A 190 7.96 31.53 15.45
N PRO A 191 8.95 32.45 15.40
CA PRO A 191 10.25 32.20 14.75
C PRO A 191 11.07 31.08 15.38
N SER A 192 12.23 30.81 14.78
CA SER A 192 13.08 29.70 15.18
C SER A 192 14.46 29.90 14.57
N THR A 193 15.31 28.89 14.68
CA THR A 193 16.54 28.83 13.91
C THR A 193 16.45 27.68 12.92
N LEU A 194 17.14 27.81 11.79
CA LEU A 194 17.17 26.75 10.80
C LEU A 194 17.90 25.56 11.40
N GLY A 195 18.94 25.86 12.17
CA GLY A 195 19.74 24.84 12.82
C GLY A 195 18.89 23.93 13.68
N LYS A 196 17.90 24.50 14.34
CA LYS A 196 16.97 23.71 15.16
C LYS A 196 16.15 22.79 14.26
N GLU A 197 15.63 23.36 13.19
CA GLU A 197 14.81 22.62 12.24
C GLU A 197 15.56 21.45 11.62
N MET A 198 16.88 21.58 11.50
CA MET A 198 17.69 20.46 11.06
C MET A 198 17.89 19.48 12.21
N ALA A 199 18.16 20.03 13.39
CA ALA A 199 18.40 19.26 14.59
C ALA A 199 17.29 18.25 14.87
N ASN A 200 16.05 18.68 14.65
CA ASN A 200 14.90 17.79 14.87
C ASN A 200 14.99 16.55 13.99
N VAL A 201 15.13 16.78 12.68
CA VAL A 201 15.23 15.71 11.71
C VAL A 201 16.40 14.79 12.07
N ALA A 202 17.48 15.39 12.57
CA ALA A 202 18.62 14.60 13.03
C ALA A 202 18.18 13.68 14.18
N TYR A 203 17.42 14.23 15.11
CA TYR A 203 16.96 13.47 16.27
C TYR A 203 16.11 12.27 15.84
N ARG A 204 15.09 12.53 15.03
CA ARG A 204 14.26 11.44 14.50
C ARG A 204 15.15 10.38 13.83
N MET A 205 16.00 10.86 12.94
CA MET A 205 16.93 9.98 12.22
C MET A 205 17.68 9.05 13.15
N GLU A 206 18.29 9.62 14.19
CA GLU A 206 19.10 8.80 15.10
C GLU A 206 18.24 7.90 15.98
N ARG A 207 16.99 8.29 16.21
CA ARG A 207 16.06 7.38 16.88
C ARG A 207 15.92 6.13 16.03
N GLN A 208 15.62 6.32 14.75
CA GLN A 208 15.50 5.20 13.83
C GLN A 208 16.81 4.42 13.69
N PHE A 209 17.93 5.12 13.83
CA PHE A 209 19.24 4.51 13.73
C PHE A 209 19.45 3.52 14.88
N ARG A 210 19.33 4.02 16.11
CA ARG A 210 19.48 3.17 17.28
C ARG A 210 18.43 2.06 17.27
N GLN A 211 17.31 2.34 16.60
CA GLN A 211 16.24 1.36 16.45
C GLN A 211 16.66 0.22 15.50
N LEU A 212 17.37 0.57 14.44
CA LEU A 212 17.79 -0.39 13.42
C LEU A 212 18.95 -1.25 13.90
N ASN A 213 19.91 -0.63 14.58
CA ASN A 213 21.03 -1.37 15.12
C ASN A 213 20.54 -2.43 16.11
N GLN A 214 19.35 -2.20 16.65
CA GLN A 214 18.79 -3.00 17.73
C GLN A 214 17.82 -4.07 17.21
N VAL A 215 17.71 -4.21 15.89
CA VAL A 215 16.81 -5.21 15.30
C VAL A 215 17.49 -6.56 15.22
N GLU A 216 16.74 -7.63 15.46
CA GLU A 216 17.28 -9.00 15.43
C GLU A 216 17.37 -9.56 14.03
N ILE A 217 18.58 -9.95 13.61
CA ILE A 217 18.72 -10.74 12.39
C ILE A 217 18.62 -12.20 12.78
N LEU A 218 17.58 -12.87 12.27
CA LEU A 218 17.22 -14.20 12.74
C LEU A 218 17.53 -15.27 11.69
N GLY A 219 17.86 -16.47 12.17
CA GLY A 219 18.08 -17.60 11.29
C GLY A 219 17.84 -18.88 12.05
N LYS A 220 17.48 -19.94 11.33
CA LYS A 220 17.32 -21.24 11.96
C LYS A 220 17.74 -22.35 11.01
N ILE A 221 18.55 -23.28 11.52
CA ILE A 221 18.67 -24.58 10.88
C ILE A 221 18.12 -25.61 11.84
N ASN A 222 16.98 -26.19 11.47
CA ASN A 222 16.38 -27.24 12.26
C ASN A 222 16.23 -28.51 11.43
N GLY A 223 15.43 -28.43 10.38
CA GLY A 223 15.29 -29.55 9.47
C GLY A 223 14.30 -29.25 8.36
N ALA A 224 13.84 -30.31 7.69
CA ALA A 224 12.87 -30.17 6.62
C ALA A 224 11.62 -29.48 7.14
N VAL A 225 11.01 -30.05 8.17
CA VAL A 225 9.87 -29.40 8.82
C VAL A 225 10.25 -28.65 10.09
N GLY A 226 11.53 -28.67 10.45
CA GLY A 226 12.03 -27.90 11.57
C GLY A 226 12.09 -28.63 12.89
N ASN A 227 11.79 -29.92 12.88
CA ASN A 227 11.79 -30.70 14.10
C ASN A 227 13.07 -31.54 14.35
N TYR A 228 14.08 -31.36 13.49
CA TYR A 228 15.33 -32.12 13.58
C TYR A 228 15.11 -33.61 13.33
N ASN A 229 14.17 -33.93 12.46
CA ASN A 229 13.82 -35.32 12.15
C ASN A 229 15.03 -36.17 11.74
N ALA A 230 15.55 -35.90 10.54
CA ALA A 230 16.65 -36.69 10.00
C ALA A 230 17.89 -36.60 10.87
N HIS A 231 18.11 -35.44 11.47
CA HIS A 231 19.26 -35.24 12.35
C HIS A 231 19.26 -36.28 13.46
N ILE A 232 18.13 -36.39 14.15
CA ILE A 232 17.97 -37.38 15.21
C ILE A 232 17.98 -38.80 14.65
N ALA A 233 17.42 -38.95 13.45
CA ALA A 233 17.34 -40.26 12.79
C ALA A 233 18.73 -40.87 12.61
N ALA A 234 19.66 -40.07 12.09
CA ALA A 234 21.04 -40.53 11.94
C ALA A 234 21.81 -40.47 13.25
N TYR A 235 21.70 -39.35 13.96
CA TYR A 235 22.53 -39.09 15.14
C TYR A 235 21.71 -38.74 16.38
N PRO A 236 21.05 -39.75 16.98
CA PRO A 236 20.16 -39.55 18.13
C PRO A 236 20.91 -39.14 19.39
N GLU A 237 22.21 -39.40 19.45
CA GLU A 237 23.01 -39.09 20.63
C GLU A 237 23.57 -37.67 20.58
N VAL A 238 23.26 -36.95 19.51
CA VAL A 238 23.67 -35.57 19.37
C VAL A 238 22.53 -34.63 19.75
N ASP A 239 22.84 -33.54 20.43
CA ASP A 239 21.83 -32.56 20.77
C ASP A 239 21.80 -31.53 19.64
N TRP A 240 20.74 -31.56 18.85
CA TRP A 240 20.67 -30.76 17.63
C TRP A 240 20.13 -29.36 17.89
N HIS A 241 19.61 -29.14 19.09
CA HIS A 241 19.13 -27.82 19.46
C HIS A 241 20.32 -26.95 19.82
N GLN A 242 21.27 -27.53 20.57
CA GLN A 242 22.51 -26.86 20.92
C GLN A 242 23.31 -26.67 19.65
N PHE A 243 23.28 -27.69 18.79
CA PHE A 243 23.93 -27.63 17.49
C PHE A 243 23.37 -26.43 16.72
N SER A 244 22.05 -26.36 16.67
CA SER A 244 21.35 -25.27 15.98
C SER A 244 21.80 -23.91 16.53
N GLU A 245 21.50 -23.67 17.80
CA GLU A 245 21.82 -22.39 18.43
C GLU A 245 23.27 -22.00 18.17
N GLU A 246 24.19 -22.90 18.52
CA GLU A 246 25.62 -22.66 18.34
C GLU A 246 25.96 -22.26 16.90
N PHE A 247 25.50 -23.07 15.95
CA PHE A 247 25.81 -22.86 14.54
C PHE A 247 25.29 -21.52 14.03
N VAL A 248 24.05 -21.19 14.40
CA VAL A 248 23.45 -19.94 13.97
C VAL A 248 24.13 -18.72 14.59
N THR A 249 24.46 -18.81 15.88
CA THR A 249 25.14 -17.70 16.57
C THR A 249 26.55 -17.50 16.01
N SER A 250 27.21 -18.60 15.64
CA SER A 250 28.59 -18.54 15.18
C SER A 250 28.74 -17.69 13.91
N LEU A 251 27.63 -17.49 13.19
CA LEU A 251 27.65 -16.77 11.92
C LEU A 251 27.41 -15.27 12.11
N GLY A 252 27.15 -14.86 13.35
CA GLY A 252 26.83 -13.48 13.64
C GLY A 252 25.33 -13.26 13.56
N ILE A 253 24.60 -14.36 13.45
CA ILE A 253 23.15 -14.31 13.44
C ILE A 253 22.61 -14.58 14.85
N GLN A 254 21.30 -14.63 14.95
CA GLN A 254 20.61 -14.76 16.22
C GLN A 254 19.50 -15.78 16.02
N TRP A 255 19.13 -16.49 17.07
CA TRP A 255 18.45 -17.77 16.92
C TRP A 255 16.93 -17.72 16.93
N ASN A 256 16.33 -18.42 15.97
CA ASN A 256 14.91 -18.76 16.07
C ASN A 256 14.79 -20.26 16.23
N PRO A 257 14.49 -20.71 17.45
CA PRO A 257 14.34 -22.13 17.80
C PRO A 257 13.12 -22.73 17.12
N TYR A 258 12.05 -21.96 17.01
CA TYR A 258 10.79 -22.46 16.49
C TYR A 258 10.52 -21.98 15.07
N THR A 259 10.56 -22.91 14.12
CA THR A 259 10.19 -22.60 12.74
C THR A 259 9.48 -23.77 12.07
N THR A 260 8.85 -23.47 10.95
CA THR A 260 8.46 -24.48 9.97
C THR A 260 9.65 -24.68 9.05
N GLN A 261 9.42 -25.32 7.92
CA GLN A 261 10.49 -25.49 6.94
C GLN A 261 11.19 -24.16 6.65
N ILE A 262 10.47 -23.05 6.84
CA ILE A 262 11.06 -21.73 6.62
C ILE A 262 11.16 -20.91 7.89
N GLU A 263 12.09 -19.98 7.90
CA GLU A 263 12.10 -18.92 8.90
C GLU A 263 10.91 -18.02 8.57
N PRO A 264 10.08 -17.72 9.57
CA PRO A 264 8.81 -17.02 9.35
C PRO A 264 8.95 -15.62 8.75
N HIS A 265 10.16 -15.07 8.78
CA HIS A 265 10.48 -13.83 8.07
C HIS A 265 10.08 -12.53 8.79
N ASP A 266 9.44 -12.66 9.95
CA ASP A 266 8.99 -11.49 10.71
C ASP A 266 10.08 -10.42 10.85
N TYR A 267 11.30 -10.86 11.12
CA TYR A 267 12.40 -9.93 11.39
C TYR A 267 12.76 -9.08 10.17
N ILE A 268 12.52 -9.59 8.98
CA ILE A 268 12.76 -8.83 7.77
C ILE A 268 11.68 -7.76 7.64
N ALA A 269 10.48 -8.10 8.10
CA ALA A 269 9.38 -7.15 8.16
C ALA A 269 9.77 -6.01 9.08
N GLU A 270 10.27 -6.37 10.26
CA GLU A 270 10.71 -5.38 11.25
C GLU A 270 11.80 -4.48 10.68
N LEU A 271 12.83 -5.11 10.12
CA LEU A 271 13.97 -4.38 9.55
C LEU A 271 13.50 -3.38 8.49
N PHE A 272 12.76 -3.89 7.50
CA PHE A 272 12.25 -3.06 6.42
C PHE A 272 11.28 -2.00 6.93
N ASP A 273 10.68 -2.25 8.08
CA ASP A 273 9.78 -1.29 8.70
C ASP A 273 10.56 -0.11 9.27
N CYS A 274 11.61 -0.42 10.02
CA CYS A 274 12.50 0.63 10.54
C CYS A 274 13.08 1.44 9.39
N ILE A 275 13.67 0.72 8.43
CA ILE A 275 14.25 1.36 7.24
C ILE A 275 13.22 2.26 6.55
N ALA A 276 11.98 1.78 6.48
CA ALA A 276 10.90 2.53 5.85
C ALA A 276 10.57 3.80 6.62
N ARG A 277 10.63 3.72 7.95
CA ARG A 277 10.39 4.89 8.78
C ARG A 277 11.48 5.93 8.55
N PHE A 278 12.73 5.47 8.53
CA PHE A 278 13.85 6.36 8.24
C PHE A 278 13.62 7.04 6.89
N ASN A 279 13.32 6.23 5.89
CA ASN A 279 13.01 6.74 4.55
C ASN A 279 11.93 7.82 4.61
N THR A 280 10.90 7.57 5.40
CA THR A 280 9.80 8.53 5.56
C THR A 280 10.30 9.86 6.11
N ILE A 281 11.05 9.80 7.20
CA ILE A 281 11.64 11.00 7.79
C ILE A 281 12.45 11.77 6.75
N LEU A 282 13.21 11.02 5.95
CA LEU A 282 14.07 11.63 4.94
C LEU A 282 13.25 12.24 3.81
N ILE A 283 12.07 11.69 3.55
CA ILE A 283 11.16 12.28 2.58
C ILE A 283 10.62 13.59 3.13
N ASP A 284 10.30 13.60 4.42
CA ASP A 284 9.86 14.81 5.09
C ASP A 284 10.93 15.90 4.92
N PHE A 285 12.18 15.49 5.15
CA PHE A 285 13.31 16.41 5.05
C PHE A 285 13.51 16.94 3.64
N ASP A 286 13.53 16.04 2.67
CA ASP A 286 13.71 16.43 1.27
C ASP A 286 12.61 17.40 0.83
N ARG A 287 11.36 17.08 1.16
CA ARG A 287 10.23 17.94 0.84
C ARG A 287 10.42 19.32 1.48
N ASP A 288 10.71 19.33 2.77
CA ASP A 288 10.90 20.58 3.51
C ASP A 288 11.98 21.46 2.89
N VAL A 289 13.15 20.89 2.62
CA VAL A 289 14.25 21.64 2.04
C VAL A 289 13.88 22.11 0.63
N TRP A 290 13.12 21.30 -0.09
CA TRP A 290 12.59 21.69 -1.39
C TRP A 290 11.80 22.99 -1.20
N GLY A 291 10.98 23.00 -0.16
CA GLY A 291 10.17 24.17 0.17
C GLY A 291 10.99 25.39 0.53
N TYR A 292 12.05 25.18 1.31
CA TYR A 292 12.95 26.27 1.69
C TYR A 292 13.61 26.88 0.47
N ILE A 293 14.12 26.02 -0.41
CA ILE A 293 14.70 26.47 -1.67
C ILE A 293 13.69 27.26 -2.47
N ALA A 294 12.45 26.76 -2.49
CA ALA A 294 11.36 27.45 -3.19
C ALA A 294 11.07 28.79 -2.53
N LEU A 295 11.37 28.91 -1.24
CA LEU A 295 11.17 30.15 -0.50
C LEU A 295 12.34 31.09 -0.68
N ASN A 296 13.35 30.64 -1.44
CA ASN A 296 14.58 31.40 -1.61
C ASN A 296 15.38 31.55 -0.31
N HIS A 297 15.16 30.63 0.63
CA HIS A 297 15.88 30.63 1.88
C HIS A 297 17.30 30.10 1.69
N PHE A 298 17.48 29.26 0.69
CA PHE A 298 18.79 28.72 0.37
C PHE A 298 19.31 29.26 -0.96
N LYS A 299 20.60 29.54 -1.01
CA LYS A 299 21.24 29.94 -2.24
C LYS A 299 22.37 28.97 -2.57
N GLN A 300 23.02 29.21 -3.71
CA GLN A 300 24.10 28.36 -4.15
C GLN A 300 25.34 28.59 -3.30
N LYS A 301 26.12 27.54 -3.09
CA LYS A 301 27.42 27.65 -2.47
C LYS A 301 28.39 28.28 -3.48
N THR A 302 29.50 28.83 -3.00
CA THR A 302 30.55 29.31 -3.89
C THR A 302 31.91 28.74 -3.50
N MET A 312 24.77 39.21 -7.23
CA MET A 312 23.78 38.79 -6.25
C MET A 312 23.79 37.28 -6.08
N PRO A 313 23.00 36.77 -5.11
CA PRO A 313 22.95 35.32 -4.88
C PRO A 313 22.37 34.56 -6.06
N HIS A 314 22.67 33.27 -6.15
CA HIS A 314 22.17 32.44 -7.24
C HIS A 314 21.22 31.36 -6.74
N LYS A 315 20.27 30.98 -7.59
CA LYS A 315 19.31 29.93 -7.28
C LYS A 315 20.04 28.60 -7.17
N VAL A 316 19.58 27.74 -6.25
CA VAL A 316 20.13 26.39 -6.14
C VAL A 316 19.08 25.40 -6.60
N ASN A 317 19.50 24.40 -7.36
CA ASN A 317 18.56 23.50 -8.01
C ASN A 317 18.47 22.18 -7.25
N PRO A 318 17.32 21.93 -6.60
CA PRO A 318 17.27 20.83 -5.64
C PRO A 318 16.98 19.46 -6.26
N ILE A 319 17.64 19.15 -7.36
CA ILE A 319 17.38 17.92 -8.09
C ILE A 319 17.69 16.73 -7.22
N ASP A 320 18.87 16.75 -6.60
CA ASP A 320 19.31 15.65 -5.76
C ASP A 320 18.30 15.38 -4.65
N PHE A 321 17.54 16.40 -4.28
CA PHE A 321 16.51 16.19 -3.27
C PHE A 321 15.31 15.51 -3.89
N GLU A 322 14.88 16.03 -5.03
CA GLU A 322 13.77 15.44 -5.77
C GLU A 322 14.11 14.00 -6.10
N ASN A 323 15.24 13.80 -6.76
CA ASN A 323 15.71 12.47 -7.09
C ASN A 323 15.78 11.56 -5.87
N SER A 324 15.97 12.16 -4.70
CA SER A 324 15.95 11.39 -3.47
C SER A 324 14.52 10.96 -3.16
N GLU A 325 13.64 11.95 -3.07
CA GLU A 325 12.28 11.75 -2.61
C GLU A 325 11.45 10.91 -3.58
N GLY A 326 11.90 10.86 -4.83
CA GLY A 326 11.27 10.00 -5.82
C GLY A 326 11.64 8.55 -5.55
N ASN A 327 12.92 8.33 -5.27
CA ASN A 327 13.42 6.99 -5.05
C ASN A 327 12.98 6.41 -3.71
N LEU A 328 13.09 7.21 -2.65
CA LEU A 328 12.77 6.74 -1.31
C LEU A 328 11.41 6.06 -1.26
N GLY A 329 10.40 6.75 -1.75
CA GLY A 329 9.05 6.18 -1.80
C GLY A 329 9.09 4.82 -2.47
N LEU A 330 9.66 4.77 -3.67
CA LEU A 330 9.82 3.52 -4.40
C LEU A 330 10.39 2.46 -3.47
N SER A 331 11.49 2.83 -2.81
CA SER A 331 12.10 1.96 -1.81
C SER A 331 11.02 1.41 -0.89
N ASN A 332 10.38 2.28 -0.12
CA ASN A 332 9.35 1.85 0.81
C ASN A 332 8.36 0.93 0.11
N ALA A 333 7.95 1.33 -1.10
CA ALA A 333 6.97 0.58 -1.85
C ALA A 333 7.30 -0.91 -1.84
N VAL A 334 8.55 -1.24 -2.16
CA VAL A 334 8.98 -2.63 -2.16
C VAL A 334 9.17 -3.13 -0.73
N LEU A 335 9.87 -2.34 0.09
CA LEU A 335 10.14 -2.74 1.46
C LEU A 335 8.87 -3.23 2.13
N HIS A 336 7.92 -2.32 2.28
CA HIS A 336 6.65 -2.64 2.91
C HIS A 336 6.10 -3.95 2.35
N HIS A 337 6.15 -4.11 1.04
CA HIS A 337 5.59 -5.31 0.43
C HIS A 337 6.21 -6.57 1.04
N LEU A 338 7.54 -6.64 1.02
CA LEU A 338 8.24 -7.80 1.55
C LEU A 338 7.97 -7.95 3.05
N ALA A 339 7.65 -6.83 3.70
CA ALA A 339 7.27 -6.85 5.10
C ALA A 339 5.92 -7.52 5.26
N ASN A 340 4.98 -7.15 4.38
CA ASN A 340 3.62 -7.66 4.47
C ASN A 340 3.44 -9.06 3.88
N LYS A 341 4.04 -9.30 2.71
CA LYS A 341 3.90 -10.58 2.01
C LYS A 341 4.65 -11.73 2.67
N LEU A 342 5.95 -11.54 2.88
CA LEU A 342 6.84 -12.63 3.31
C LEU A 342 6.36 -13.50 4.48
N PRO A 343 6.03 -12.88 5.63
CA PRO A 343 5.66 -13.68 6.81
C PRO A 343 4.46 -14.58 6.58
N VAL A 344 3.69 -14.32 5.53
CA VAL A 344 2.52 -15.14 5.24
C VAL A 344 2.88 -16.26 4.27
N SER A 345 2.87 -17.49 4.78
CA SER A 345 3.23 -18.67 4.00
C SER A 345 2.33 -19.83 4.37
N ARG A 346 1.79 -20.53 3.37
CA ARG A 346 0.76 -21.53 3.61
C ARG A 346 1.27 -22.78 4.33
N TRP A 347 0.65 -23.09 5.46
CA TRP A 347 1.03 -24.24 6.29
C TRP A 347 2.51 -24.23 6.64
N GLN A 348 3.17 -25.38 6.47
CA GLN A 348 4.59 -25.47 6.75
C GLN A 348 5.41 -24.61 5.79
N ARG A 349 4.91 -24.38 4.58
CA ARG A 349 5.44 -23.34 3.71
C ARG A 349 4.83 -23.35 2.32
N ASP A 350 4.94 -22.21 1.62
CA ASP A 350 4.74 -22.18 0.17
C ASP A 350 5.91 -21.40 -0.41
N LEU A 351 6.19 -21.57 -1.69
CA LEU A 351 7.43 -21.06 -2.26
C LEU A 351 7.35 -19.62 -2.77
N THR A 352 6.23 -18.96 -2.53
CA THR A 352 6.05 -17.59 -2.98
C THR A 352 7.17 -16.67 -2.48
N ASP A 353 7.81 -17.04 -1.38
CA ASP A 353 8.90 -16.25 -0.83
C ASP A 353 10.23 -16.49 -1.56
N SER A 354 10.42 -17.71 -2.06
CA SER A 354 11.67 -18.10 -2.71
C SER A 354 12.13 -17.06 -3.71
N THR A 355 11.23 -16.65 -4.60
CA THR A 355 11.55 -15.64 -5.59
C THR A 355 11.54 -14.25 -4.97
N VAL A 356 10.56 -14.01 -4.10
CA VAL A 356 10.42 -12.73 -3.41
C VAL A 356 11.73 -12.30 -2.74
N LEU A 357 12.41 -13.27 -2.12
CA LEU A 357 13.61 -13.00 -1.35
C LEU A 357 14.82 -12.66 -2.22
N ARG A 358 14.69 -12.81 -3.53
CA ARG A 358 15.73 -12.39 -4.46
C ARG A 358 15.66 -10.86 -4.61
N ASN A 359 14.55 -10.29 -4.14
CA ASN A 359 14.33 -8.85 -4.22
C ASN A 359 14.72 -8.08 -2.95
N LEU A 360 15.34 -8.77 -1.99
CA LEU A 360 15.72 -8.16 -0.72
C LEU A 360 16.57 -6.89 -0.86
N GLY A 361 17.25 -6.75 -1.98
CA GLY A 361 18.16 -5.63 -2.19
C GLY A 361 17.59 -4.47 -2.98
N VAL A 362 16.38 -4.62 -3.51
CA VAL A 362 15.78 -3.61 -4.37
C VAL A 362 15.48 -2.30 -3.62
N GLY A 363 14.69 -2.40 -2.55
CA GLY A 363 14.33 -1.24 -1.76
C GLY A 363 15.53 -0.64 -1.06
N ILE A 364 16.48 -1.51 -0.71
CA ILE A 364 17.72 -1.05 -0.10
C ILE A 364 18.57 -0.33 -1.15
N GLY A 365 18.41 -0.74 -2.41
CA GLY A 365 19.07 -0.07 -3.51
C GLY A 365 18.52 1.34 -3.70
N TYR A 366 17.21 1.43 -3.87
CA TYR A 366 16.55 2.71 -4.00
C TYR A 366 16.95 3.61 -2.84
N ALA A 367 16.87 3.06 -1.63
CA ALA A 367 17.26 3.79 -0.42
C ALA A 367 18.68 4.31 -0.54
N LEU A 368 19.58 3.46 -1.03
CA LEU A 368 20.98 3.83 -1.22
C LEU A 368 21.07 5.06 -2.10
N ILE A 369 20.50 4.97 -3.29
CA ILE A 369 20.54 6.04 -4.26
C ILE A 369 19.98 7.34 -3.68
N ALA A 370 18.88 7.24 -2.93
CA ALA A 370 18.27 8.41 -2.32
C ALA A 370 19.18 9.03 -1.26
N TYR A 371 19.86 8.19 -0.49
CA TYR A 371 20.79 8.65 0.52
C TYR A 371 21.91 9.45 -0.14
N GLN A 372 22.57 8.81 -1.10
CA GLN A 372 23.65 9.46 -1.83
C GLN A 372 23.19 10.79 -2.45
N SER A 373 22.01 10.76 -3.06
CA SER A 373 21.44 11.96 -3.66
C SER A 373 21.30 13.07 -2.63
N THR A 374 20.61 12.79 -1.53
CA THR A 374 20.41 13.76 -0.45
C THR A 374 21.74 14.32 0.02
N LEU A 375 22.74 13.46 0.20
CA LEU A 375 24.08 13.92 0.58
C LEU A 375 24.60 14.94 -0.43
N LYS A 376 24.51 14.59 -1.70
CA LYS A 376 24.97 15.47 -2.77
C LYS A 376 24.25 16.82 -2.74
N GLY A 377 22.95 16.79 -2.46
CA GLY A 377 22.13 17.97 -2.43
C GLY A 377 22.38 18.84 -1.22
N VAL A 378 22.84 18.23 -0.12
CA VAL A 378 23.23 18.98 1.06
C VAL A 378 24.60 19.60 0.81
N SER A 379 25.40 18.92 0.00
CA SER A 379 26.73 19.41 -0.35
C SER A 379 26.64 20.73 -1.12
N LYS A 380 25.49 20.96 -1.76
CA LYS A 380 25.30 22.14 -2.58
C LYS A 380 24.71 23.33 -1.82
N LEU A 381 24.29 23.09 -0.57
CA LEU A 381 23.50 24.08 0.17
C LEU A 381 24.25 25.26 0.74
N GLU A 382 23.82 26.47 0.40
CA GLU A 382 24.21 27.67 1.11
C GLU A 382 22.96 28.31 1.68
N VAL A 383 23.10 29.06 2.76
CA VAL A 383 21.96 29.74 3.36
C VAL A 383 21.99 31.23 2.99
N ASN A 384 20.81 31.82 2.80
CA ASN A 384 20.72 33.25 2.52
C ASN A 384 20.23 33.96 3.78
N ARG A 385 21.14 34.65 4.45
CA ARG A 385 20.84 35.24 5.76
C ARG A 385 20.10 36.56 5.63
N ASP A 386 20.55 37.40 4.70
CA ASP A 386 19.89 38.66 4.40
C ASP A 386 18.42 38.44 4.11
N HIS A 387 18.11 37.38 3.36
CA HIS A 387 16.74 37.08 2.98
C HIS A 387 15.91 36.72 4.21
N LEU A 388 16.39 35.76 4.99
CA LEU A 388 15.66 35.30 6.18
C LEU A 388 15.43 36.45 7.16
N LEU A 389 16.41 37.33 7.29
CA LEU A 389 16.28 38.50 8.16
C LEU A 389 15.27 39.50 7.60
N ASP A 390 15.31 39.69 6.28
CA ASP A 390 14.35 40.57 5.62
C ASP A 390 12.93 40.09 5.91
N GLU A 391 12.68 38.81 5.63
CA GLU A 391 11.37 38.20 5.85
C GLU A 391 10.96 38.34 7.31
N LEU A 392 11.85 37.95 8.21
CA LEU A 392 11.56 38.06 9.64
C LEU A 392 11.10 39.48 9.97
N ASP A 393 11.85 40.46 9.51
CA ASP A 393 11.57 41.85 9.81
C ASP A 393 10.32 42.36 9.11
N HIS A 394 9.85 41.64 8.09
CA HIS A 394 8.59 42.00 7.44
C HIS A 394 7.35 41.42 8.14
N ASN A 395 7.57 40.46 9.04
CA ASN A 395 6.51 40.01 9.94
C ASN A 395 6.84 40.39 11.38
N TRP A 396 6.17 41.42 11.90
CA TRP A 396 6.29 41.78 13.32
C TRP A 396 5.11 41.26 14.14
N GLU A 397 4.16 40.64 13.46
CA GLU A 397 2.93 40.15 14.09
C GLU A 397 3.23 39.00 15.06
N VAL A 398 4.29 38.25 14.78
CA VAL A 398 4.66 37.12 15.62
C VAL A 398 4.99 37.55 17.04
N LEU A 399 5.24 38.84 17.24
CA LEU A 399 5.56 39.35 18.56
C LEU A 399 4.31 39.58 19.39
N ALA A 400 3.14 39.31 18.81
CA ALA A 400 1.90 39.40 19.54
C ALA A 400 1.93 38.37 20.68
N GLU A 401 2.25 37.13 20.33
CA GLU A 401 2.26 36.02 21.28
C GLU A 401 3.00 36.31 22.58
N PRO A 402 4.29 36.67 22.50
CA PRO A 402 5.06 36.87 23.72
C PRO A 402 4.52 38.04 24.54
N ILE A 403 3.79 38.93 23.89
CA ILE A 403 3.20 40.06 24.59
C ILE A 403 1.96 39.59 25.35
N GLN A 404 1.22 38.65 24.77
CA GLN A 404 0.05 38.09 25.43
C GLN A 404 0.46 37.41 26.73
N THR A 405 1.36 36.44 26.60
CA THR A 405 1.80 35.62 27.72
C THR A 405 2.20 36.48 28.92
N VAL A 406 3.10 37.44 28.69
CA VAL A 406 3.53 38.33 29.75
C VAL A 406 2.31 39.06 30.33
N MET A 407 1.51 39.65 29.45
CA MET A 407 0.29 40.34 29.85
C MET A 407 -0.57 39.42 30.71
N ARG A 408 -0.51 38.12 30.44
CA ARG A 408 -1.30 37.15 31.18
C ARG A 408 -0.69 36.88 32.55
N ARG A 409 0.63 36.75 32.59
CA ARG A 409 1.34 36.49 33.83
C ARG A 409 1.13 37.64 34.80
N TYR A 410 1.10 38.86 34.28
CA TYR A 410 0.96 40.03 35.12
C TYR A 410 -0.51 40.44 35.32
N GLY A 411 -1.43 39.61 34.83
CA GLY A 411 -2.82 39.72 35.20
C GLY A 411 -3.71 40.65 34.39
N ILE A 412 -3.22 41.14 33.25
CA ILE A 412 -4.07 41.97 32.40
C ILE A 412 -5.14 41.09 31.75
N GLU A 413 -6.31 41.67 31.49
CA GLU A 413 -7.47 40.90 31.06
C GLU A 413 -7.77 41.06 29.58
N LYS A 414 -8.31 40.01 28.97
CA LYS A 414 -8.65 40.02 27.55
C LYS A 414 -7.44 40.37 26.67
N PRO A 415 -6.31 39.68 26.87
CA PRO A 415 -5.11 39.98 26.08
C PRO A 415 -5.33 39.81 24.58
N TYR A 416 -6.03 38.75 24.18
CA TYR A 416 -6.29 38.49 22.77
C TYR A 416 -7.12 39.61 22.16
N GLU A 417 -8.13 40.06 22.89
CA GLU A 417 -9.00 41.14 22.42
C GLU A 417 -8.30 42.49 22.45
N LYS A 418 -7.34 42.67 23.35
CA LYS A 418 -6.56 43.90 23.41
C LYS A 418 -5.54 43.94 22.29
N LEU A 419 -5.12 42.76 21.85
CA LEU A 419 -4.28 42.63 20.67
C LEU A 419 -5.15 42.52 19.42
N LYS A 420 -6.48 42.54 19.63
CA LYS A 420 -7.41 42.65 18.52
C LYS A 420 -7.59 44.13 18.26
N GLU A 421 -6.82 44.92 19.01
CA GLU A 421 -6.63 46.32 18.70
C GLU A 421 -5.39 46.43 17.81
N LEU A 422 -4.24 46.08 18.39
CA LEU A 422 -2.94 46.23 17.75
C LEU A 422 -2.76 45.54 16.39
N THR A 423 -3.47 44.44 16.15
CA THR A 423 -3.30 43.71 14.91
C THR A 423 -4.09 44.34 13.75
N ARG A 424 -5.41 44.21 13.81
CA ARG A 424 -6.28 44.77 12.77
C ARG A 424 -5.87 44.32 11.37
N LYS A 426 -3.18 48.47 10.75
CA LYS A 426 -2.28 48.24 9.63
C LYS A 426 -1.34 47.07 9.91
N ARG A 427 -0.30 46.94 9.10
CA ARG A 427 0.74 45.95 9.35
C ARG A 427 1.65 46.45 10.46
N VAL A 428 2.19 45.53 11.25
CA VAL A 428 2.91 45.89 12.47
C VAL A 428 4.36 46.30 12.25
N ASP A 429 4.83 47.29 13.01
CA ASP A 429 6.24 47.64 13.05
C ASP A 429 6.72 47.85 14.50
N ALA A 430 8.02 48.13 14.65
CA ALA A 430 8.62 48.28 15.98
C ALA A 430 8.08 49.47 16.76
N GLU A 431 7.84 50.58 16.06
CA GLU A 431 7.30 51.78 16.69
C GLU A 431 5.95 51.47 17.35
N GLY A 432 5.04 50.92 16.56
CA GLY A 432 3.72 50.55 17.07
C GLY A 432 3.82 49.58 18.22
N MET A 433 4.72 48.62 18.11
CA MET A 433 4.96 47.65 19.18
C MET A 433 5.37 48.36 20.46
N LYS A 434 6.19 49.40 20.32
CA LYS A 434 6.67 50.17 21.47
C LYS A 434 5.53 50.98 22.09
N GLN A 435 4.69 51.57 21.24
CA GLN A 435 3.52 52.29 21.71
C GLN A 435 2.64 51.36 22.56
N PHE A 436 2.26 50.24 21.95
CA PHE A 436 1.41 49.27 22.61
C PHE A 436 2.02 48.82 23.94
N ILE A 437 3.29 48.44 23.90
CA ILE A 437 4.01 48.02 25.10
C ILE A 437 3.93 49.08 26.20
N ASP A 438 4.20 50.33 25.85
CA ASP A 438 4.12 51.43 26.80
C ASP A 438 2.69 51.68 27.28
N SER A 439 1.73 51.19 26.51
CA SER A 439 0.31 51.42 26.81
C SER A 439 -0.22 50.40 27.82
N LEU A 440 0.67 49.55 28.30
CA LEU A 440 0.28 48.39 29.10
C LEU A 440 0.72 48.54 30.54
N ALA A 441 0.04 47.83 31.44
CA ALA A 441 0.43 47.86 32.84
C ALA A 441 1.39 46.70 33.10
N LEU A 442 2.66 47.04 33.30
CA LEU A 442 3.70 46.03 33.49
C LEU A 442 4.81 46.56 34.39
N PRO A 443 5.55 45.65 35.03
CA PRO A 443 6.86 46.07 35.54
C PRO A 443 7.66 46.64 34.37
N GLU A 444 8.23 47.82 34.55
CA GLU A 444 8.91 48.51 33.46
C GLU A 444 10.12 47.77 32.94
N ALA A 445 10.74 46.94 33.78
CA ALA A 445 11.82 46.07 33.33
C ALA A 445 11.28 45.15 32.25
N GLU A 446 10.14 44.54 32.53
CA GLU A 446 9.46 43.66 31.59
C GLU A 446 9.05 44.40 30.33
N LYS A 447 8.69 45.68 30.49
CA LYS A 447 8.34 46.52 29.36
C LYS A 447 9.54 46.67 28.42
N THR A 448 10.66 47.12 28.97
CA THR A 448 11.88 47.28 28.20
C THR A 448 12.34 45.94 27.58
N ARG A 449 12.09 44.84 28.27
CA ARG A 449 12.37 43.52 27.71
C ARG A 449 11.52 43.30 26.46
N LEU A 450 10.22 43.54 26.59
CA LEU A 450 9.30 43.40 25.47
C LEU A 450 9.67 44.30 24.29
N LYS A 451 10.20 45.47 24.58
CA LYS A 451 10.62 46.40 23.53
C LYS A 451 11.98 46.04 22.97
N ALA A 452 12.71 45.19 23.69
CA ALA A 452 13.99 44.69 23.20
C ALA A 452 13.78 43.62 22.14
N MET A 453 12.52 43.22 21.96
CA MET A 453 12.19 42.08 21.11
C MET A 453 11.99 42.39 19.62
N THR A 454 12.55 41.53 18.79
CA THR A 454 12.34 41.55 17.35
C THR A 454 11.98 40.14 16.88
N PRO A 455 11.41 40.03 15.68
CA PRO A 455 11.14 38.73 15.07
C PRO A 455 12.39 37.85 15.06
N ALA A 456 13.55 38.46 14.82
CA ALA A 456 14.82 37.76 14.85
C ALA A 456 15.29 37.54 16.28
N ASN A 457 14.89 38.46 17.15
CA ASN A 457 15.26 38.40 18.56
C ASN A 457 14.50 37.32 19.30
N TYR A 458 13.45 36.81 18.67
CA TYR A 458 12.59 35.84 19.32
C TYR A 458 12.78 34.48 18.65
N ILE A 459 13.75 33.72 19.16
CA ILE A 459 13.95 32.33 18.75
C ILE A 459 13.55 31.31 19.81
N GLY A 460 13.07 31.79 20.95
CA GLY A 460 12.91 30.95 22.11
C GLY A 460 14.22 30.34 22.58
N ARG A 461 14.19 29.05 22.89
CA ARG A 461 15.36 28.37 23.41
C ARG A 461 16.16 27.63 22.32
N ALA A 462 15.75 27.77 21.05
CA ALA A 462 16.29 26.97 19.95
C ALA A 462 17.82 26.84 19.91
N VAL A 463 18.54 27.94 20.12
CA VAL A 463 20.01 27.87 20.09
C VAL A 463 20.56 26.84 21.07
N THR A 464 20.11 26.93 22.31
CA THR A 464 20.56 26.03 23.37
C THR A 464 20.07 24.62 23.10
N LEU A 465 18.96 24.50 22.38
CA LEU A 465 18.42 23.19 22.01
C LEU A 465 19.29 22.50 20.96
N VAL A 466 19.85 23.30 20.05
CA VAL A 466 20.81 22.77 19.09
C VAL A 466 22.10 22.39 19.82
N ASP A 467 22.54 23.28 20.71
CA ASP A 467 23.72 23.04 21.52
C ASP A 467 23.65 21.71 22.28
N GLU A 468 22.43 21.31 22.64
CA GLU A 468 22.24 20.18 23.56
C GLU A 468 22.15 18.80 22.91
N LEU A 469 22.34 18.74 21.60
CA LEU A 469 22.28 17.44 20.92
C LEU A 469 23.56 16.65 21.17
N LYS A 470 23.42 15.48 21.78
CA LYS A 470 24.57 14.63 22.11
C LYS A 470 24.16 13.16 22.15
N MET B 15 32.24 -4.28 -8.83
CA MET B 15 32.24 -5.37 -9.80
C MET B 15 31.35 -5.08 -10.99
N GLU B 16 31.78 -5.50 -12.18
CA GLU B 16 31.05 -5.19 -13.41
C GLU B 16 29.68 -5.86 -13.44
N LEU B 17 28.77 -5.30 -14.23
CA LEU B 17 27.39 -5.76 -14.26
C LEU B 17 27.18 -7.03 -15.09
N SER B 18 26.54 -8.01 -14.48
CA SER B 18 26.13 -9.23 -15.18
C SER B 18 24.91 -9.82 -14.50
N SER B 19 24.40 -10.93 -15.03
CA SER B 19 23.24 -11.59 -14.45
C SER B 19 23.55 -12.14 -13.06
N LEU B 20 24.83 -12.41 -12.83
CA LEU B 20 25.29 -12.87 -11.53
C LEU B 20 25.43 -11.71 -10.53
N THR B 21 25.91 -10.57 -11.03
CA THR B 21 26.22 -9.43 -10.18
C THR B 21 25.06 -8.46 -10.07
N ALA B 22 23.96 -8.75 -10.76
CA ALA B 22 22.80 -7.86 -10.76
C ALA B 22 22.09 -7.87 -9.40
N VAL B 23 21.65 -6.69 -8.96
CA VAL B 23 20.94 -6.57 -7.69
C VAL B 23 19.48 -7.00 -7.83
N SER B 24 18.86 -6.61 -8.93
CA SER B 24 17.45 -6.90 -9.17
C SER B 24 17.30 -8.14 -10.05
N PRO B 25 16.48 -9.10 -9.60
CA PRO B 25 16.28 -10.38 -10.29
C PRO B 25 15.61 -10.19 -11.64
N VAL B 26 15.00 -9.03 -11.87
CA VAL B 26 14.41 -8.73 -13.18
C VAL B 26 15.50 -8.66 -14.24
N ASP B 27 16.60 -8.01 -13.89
CA ASP B 27 17.81 -8.00 -14.73
C ASP B 27 18.72 -9.11 -14.23
N GLY B 28 18.23 -9.83 -13.23
CA GLY B 28 18.94 -10.90 -12.55
C GLY B 28 18.56 -12.26 -13.11
N ARG B 29 18.46 -13.26 -12.22
CA ARG B 29 18.21 -14.63 -12.63
C ARG B 29 17.03 -14.77 -13.58
N TYR B 30 16.06 -13.85 -13.51
CA TYR B 30 14.89 -13.91 -14.38
C TYR B 30 15.03 -13.03 -15.63
N GLY B 31 16.19 -12.40 -15.78
CA GLY B 31 16.42 -11.42 -16.83
C GLY B 31 16.22 -11.83 -18.27
N ASP B 32 16.41 -13.11 -18.59
CA ASP B 32 16.29 -13.56 -19.98
C ASP B 32 14.84 -13.79 -20.39
N LYS B 33 13.93 -13.68 -19.42
CA LYS B 33 12.50 -13.69 -19.70
C LYS B 33 12.03 -12.32 -20.15
N VAL B 34 12.59 -11.30 -19.51
CA VAL B 34 12.11 -9.91 -19.66
C VAL B 34 12.81 -9.18 -20.80
N SER B 35 13.63 -9.90 -21.56
CA SER B 35 14.50 -9.28 -22.56
C SER B 35 13.77 -8.27 -23.46
N ALA B 36 12.52 -8.56 -23.79
CA ALA B 36 11.75 -7.71 -24.69
C ALA B 36 11.51 -6.30 -24.13
N LEU B 37 11.70 -6.16 -22.82
CA LEU B 37 11.51 -4.86 -22.16
C LEU B 37 12.82 -4.07 -22.16
N ARG B 38 13.90 -4.73 -22.56
CA ARG B 38 15.21 -4.07 -22.63
C ARG B 38 15.25 -3.10 -23.80
N GLY B 39 14.36 -3.31 -24.77
CA GLY B 39 14.27 -2.42 -25.92
C GLY B 39 13.32 -1.27 -25.65
N ILE B 40 12.72 -1.27 -24.46
CA ILE B 40 11.64 -0.34 -24.16
C ILE B 40 11.88 0.53 -22.93
N PHE B 41 11.89 -0.08 -21.76
CA PHE B 41 11.90 0.67 -20.50
C PHE B 41 13.29 0.97 -19.97
N SER B 42 14.31 0.49 -20.68
CA SER B 42 15.69 0.76 -20.31
C SER B 42 16.05 2.20 -20.68
N GLU B 43 17.32 2.56 -20.46
CA GLU B 43 17.79 3.87 -20.87
C GLU B 43 17.95 3.90 -22.38
N TYR B 44 18.26 2.73 -22.95
CA TYR B 44 18.35 2.59 -24.39
C TYR B 44 17.03 2.94 -25.06
N GLY B 45 15.93 2.51 -24.46
CA GLY B 45 14.61 2.82 -24.98
C GLY B 45 14.33 4.31 -24.87
N LEU B 46 14.69 4.87 -23.72
CA LEU B 46 14.48 6.28 -23.45
C LEU B 46 15.16 7.13 -24.52
N LEU B 47 16.45 6.90 -24.71
CA LEU B 47 17.24 7.62 -25.71
C LEU B 47 16.74 7.33 -27.13
N LYS B 48 16.30 6.10 -27.36
CA LYS B 48 15.80 5.72 -28.67
C LYS B 48 14.58 6.54 -29.06
N PHE B 49 13.57 6.52 -28.22
CA PHE B 49 12.34 7.26 -28.47
C PHE B 49 12.57 8.77 -28.40
N ARG B 50 13.52 9.21 -27.58
CA ARG B 50 13.91 10.62 -27.59
C ARG B 50 14.37 10.99 -28.99
N VAL B 51 15.31 10.21 -29.51
CA VAL B 51 15.83 10.43 -30.86
C VAL B 51 14.71 10.45 -31.89
N GLN B 52 13.88 9.41 -31.88
CA GLN B 52 12.75 9.33 -32.81
C GLN B 52 11.91 10.60 -32.77
N VAL B 53 11.49 10.99 -31.57
CA VAL B 53 10.64 12.15 -31.37
C VAL B 53 11.29 13.46 -31.82
N GLU B 54 12.58 13.61 -31.52
CA GLU B 54 13.32 14.80 -31.92
C GLU B 54 13.39 14.89 -33.44
N VAL B 55 13.75 13.78 -34.09
CA VAL B 55 13.80 13.73 -35.54
C VAL B 55 12.43 14.06 -36.13
N ARG B 56 11.39 13.44 -35.59
CA ARG B 56 10.03 13.69 -36.04
C ARG B 56 9.67 15.17 -35.90
N TRP B 57 10.16 15.78 -34.84
CA TRP B 57 9.91 17.18 -34.55
C TRP B 57 10.61 18.07 -35.58
N LEU B 58 11.85 17.75 -35.90
CA LEU B 58 12.58 18.49 -36.91
C LEU B 58 11.91 18.38 -38.28
N GLN B 59 11.59 17.15 -38.66
CA GLN B 59 10.93 16.90 -39.93
C GLN B 59 9.60 17.65 -40.00
N LYS B 60 8.88 17.64 -38.90
CA LYS B 60 7.60 18.34 -38.80
C LYS B 60 7.80 19.83 -38.96
N LEU B 61 8.90 20.35 -38.42
CA LEU B 61 9.20 21.75 -38.64
C LEU B 61 9.40 21.96 -40.14
N ALA B 62 10.41 21.30 -40.73
CA ALA B 62 10.73 21.49 -42.14
C ALA B 62 9.52 21.37 -43.06
N ALA B 63 8.52 20.60 -42.63
CA ALA B 63 7.32 20.39 -43.42
C ALA B 63 6.29 21.51 -43.33
N HIS B 64 6.49 22.45 -42.40
CA HIS B 64 5.59 23.58 -42.25
C HIS B 64 6.01 24.72 -43.18
N ALA B 65 5.05 25.31 -43.87
CA ALA B 65 5.33 26.35 -44.85
C ALA B 65 5.67 27.69 -44.18
N ALA B 66 5.17 27.89 -42.97
CA ALA B 66 5.36 29.15 -42.26
C ALA B 66 6.77 29.33 -41.72
N ILE B 67 7.54 28.25 -41.67
CA ILE B 67 8.95 28.36 -41.27
C ILE B 67 9.84 28.19 -42.49
N LYS B 68 10.45 29.29 -42.92
CA LYS B 68 11.33 29.25 -44.07
C LYS B 68 12.76 28.95 -43.63
N GLU B 69 12.98 29.03 -42.31
CA GLU B 69 14.30 28.77 -41.75
C GLU B 69 14.68 27.29 -41.89
N VAL B 70 13.72 26.41 -41.66
CA VAL B 70 13.89 25.02 -42.06
C VAL B 70 13.12 24.80 -43.34
N PRO B 71 13.83 24.74 -44.47
CA PRO B 71 13.24 24.43 -45.78
C PRO B 71 12.93 22.94 -45.88
N ALA B 72 11.87 22.57 -46.59
CA ALA B 72 11.45 21.17 -46.67
C ALA B 72 12.56 20.24 -47.16
N PHE B 73 12.65 19.07 -46.55
CA PHE B 73 13.74 18.12 -46.81
C PHE B 73 13.62 17.35 -48.12
N ALA B 74 14.75 17.15 -48.78
CA ALA B 74 14.84 16.28 -49.96
C ALA B 74 14.68 14.83 -49.52
N ALA B 75 14.32 13.96 -50.46
CA ALA B 75 14.05 12.56 -50.17
C ALA B 75 15.23 11.91 -49.46
N ASP B 76 16.43 12.29 -49.86
CA ASP B 76 17.65 11.70 -49.33
C ASP B 76 17.95 12.07 -47.87
N ALA B 77 17.77 13.34 -47.52
CA ALA B 77 17.96 13.80 -46.14
C ALA B 77 16.94 13.13 -45.22
N ASN B 78 15.69 13.11 -45.65
CA ASN B 78 14.66 12.37 -44.94
C ASN B 78 15.07 10.91 -44.83
N GLY B 79 15.83 10.45 -45.82
CA GLY B 79 16.39 9.11 -45.78
C GLY B 79 17.34 8.96 -44.62
N TYR B 80 18.25 9.91 -44.48
CA TYR B 80 19.25 9.89 -43.42
C TYR B 80 18.59 9.94 -42.04
N LEU B 81 17.56 10.77 -41.90
CA LEU B 81 16.86 10.89 -40.63
C LEU B 81 16.07 9.64 -40.28
N ASP B 82 15.20 9.23 -41.20
CA ASP B 82 14.38 8.04 -41.01
C ASP B 82 15.24 6.82 -40.70
N THR B 83 16.34 6.68 -41.44
CA THR B 83 17.27 5.59 -41.25
C THR B 83 17.99 5.74 -39.91
N LEU B 84 18.22 6.98 -39.50
CA LEU B 84 18.84 7.26 -38.21
C LEU B 84 17.95 6.75 -37.08
N VAL B 85 16.64 6.93 -37.26
CA VAL B 85 15.67 6.51 -36.26
C VAL B 85 15.44 5.00 -36.28
N ALA B 86 15.44 4.41 -37.46
CA ALA B 86 15.18 2.98 -37.61
C ALA B 86 16.39 2.13 -37.25
N ASN B 87 17.59 2.63 -37.57
CA ASN B 87 18.82 1.89 -37.33
C ASN B 87 19.43 2.14 -35.96
N PHE B 88 18.75 2.93 -35.13
CA PHE B 88 19.27 3.29 -33.83
C PHE B 88 19.63 2.06 -33.02
N ASN B 89 20.87 2.01 -32.52
CA ASN B 89 21.34 0.85 -31.77
C ASN B 89 22.09 1.22 -30.49
N GLU B 90 22.59 0.20 -29.80
CA GLU B 90 23.21 0.37 -28.48
C GLU B 90 24.47 1.23 -28.51
N GLU B 91 25.21 1.21 -29.61
CA GLU B 91 26.41 2.03 -29.73
C GLU B 91 26.05 3.51 -29.70
N ASP B 92 24.97 3.85 -30.40
CA ASP B 92 24.49 5.23 -30.42
C ASP B 92 24.11 5.67 -29.00
N ALA B 93 23.34 4.83 -28.32
CA ALA B 93 22.98 5.09 -26.93
C ALA B 93 24.24 5.34 -26.12
N ALA B 94 25.25 4.51 -26.33
CA ALA B 94 26.52 4.67 -25.65
C ALA B 94 27.11 6.06 -25.91
N ARG B 95 27.06 6.49 -27.17
CA ARG B 95 27.57 7.80 -27.56
C ARG B 95 26.85 8.91 -26.81
N ILE B 96 25.51 8.84 -26.79
CA ILE B 96 24.71 9.82 -26.08
C ILE B 96 25.11 9.85 -24.61
N LYS B 97 25.32 8.67 -24.03
CA LYS B 97 25.72 8.55 -22.64
C LYS B 97 27.10 9.17 -22.40
N THR B 98 27.95 9.14 -23.42
CA THR B 98 29.28 9.72 -23.33
C THR B 98 29.22 11.24 -23.42
N ILE B 99 28.33 11.74 -24.28
CA ILE B 99 28.09 13.18 -24.41
C ILE B 99 27.47 13.74 -23.13
N GLU B 100 26.64 12.93 -22.49
CA GLU B 100 25.98 13.32 -21.25
C GLU B 100 26.99 13.71 -20.18
N ARG B 101 28.20 13.17 -20.28
CA ARG B 101 29.27 13.51 -19.35
C ARG B 101 29.59 15.00 -19.44
N THR B 102 29.66 15.50 -20.67
CA THR B 102 29.94 16.91 -20.90
C THR B 102 28.71 17.80 -20.69
N THR B 103 27.57 17.35 -21.19
CA THR B 103 26.34 18.14 -21.11
C THR B 103 25.76 18.16 -19.70
N ASN B 104 25.83 17.03 -19.02
CA ASN B 104 25.22 16.88 -17.70
C ASN B 104 23.70 16.96 -17.75
N HIS B 105 23.17 17.27 -18.92
CA HIS B 105 21.75 17.14 -19.20
C HIS B 105 21.56 16.00 -20.21
N ASP B 106 20.70 15.04 -19.88
CA ASP B 106 20.57 13.82 -20.69
C ASP B 106 19.80 14.01 -22.00
N VAL B 107 18.94 15.01 -22.07
CA VAL B 107 18.24 15.35 -23.31
C VAL B 107 19.13 16.13 -24.27
N LYS B 108 19.81 17.16 -23.74
CA LYS B 108 20.74 17.96 -24.54
C LYS B 108 21.81 17.04 -25.14
N ALA B 109 22.11 15.96 -24.44
CA ALA B 109 23.05 14.96 -24.93
C ALA B 109 22.51 14.33 -26.22
N VAL B 110 21.22 13.99 -26.21
CA VAL B 110 20.54 13.48 -27.40
C VAL B 110 20.64 14.51 -28.52
N GLU B 111 20.31 15.75 -28.18
CA GLU B 111 20.36 16.85 -29.14
C GLU B 111 21.72 16.94 -29.82
N TYR B 112 22.78 16.88 -29.03
CA TYR B 112 24.15 16.94 -29.57
C TYR B 112 24.45 15.70 -30.41
N PHE B 113 24.00 14.54 -29.94
CA PHE B 113 24.17 13.31 -30.69
C PHE B 113 23.64 13.46 -32.11
N LEU B 114 22.39 13.89 -32.22
CA LEU B 114 21.78 14.15 -33.51
C LEU B 114 22.59 15.21 -34.27
N LYS B 115 22.96 16.28 -33.58
CA LYS B 115 23.74 17.36 -34.19
C LYS B 115 24.96 16.83 -34.92
N GLU B 116 25.71 15.95 -34.26
CA GLU B 116 26.95 15.43 -34.83
C GLU B 116 26.69 14.28 -35.79
N LYS B 117 25.48 13.73 -35.75
CA LYS B 117 25.12 12.68 -36.69
C LYS B 117 24.76 13.23 -38.06
N VAL B 118 24.18 14.43 -38.08
CA VAL B 118 23.79 15.10 -39.31
C VAL B 118 24.90 16.02 -39.83
N ALA B 119 25.99 16.10 -39.08
CA ALA B 119 27.05 17.08 -39.31
C ALA B 119 27.60 17.13 -40.74
N ALA B 120 27.61 16.00 -41.44
CA ALA B 120 28.22 15.96 -42.77
C ALA B 120 27.23 16.20 -43.91
N ILE B 121 25.95 16.35 -43.58
CA ILE B 121 24.91 16.54 -44.58
C ILE B 121 24.41 17.98 -44.56
N PRO B 122 24.77 18.76 -45.59
CA PRO B 122 24.58 20.21 -45.62
C PRO B 122 23.14 20.63 -45.33
N ALA B 123 22.18 19.97 -45.97
CA ALA B 123 20.77 20.30 -45.77
C ALA B 123 20.40 20.13 -44.31
N LEU B 124 20.85 19.04 -43.71
CA LEU B 124 20.52 18.74 -42.31
C LEU B 124 21.31 19.59 -41.34
N HIS B 125 22.61 19.72 -41.58
CA HIS B 125 23.48 20.48 -40.68
C HIS B 125 23.10 21.96 -40.64
N ASP B 126 22.70 22.51 -41.78
CA ASP B 126 22.33 23.91 -41.86
C ASP B 126 21.10 24.21 -40.99
N VAL B 127 20.20 23.24 -40.89
CA VAL B 127 19.02 23.36 -40.05
C VAL B 127 19.21 22.71 -38.68
N SER B 128 20.42 22.21 -38.43
CA SER B 128 20.69 21.40 -37.24
C SER B 128 20.42 22.14 -35.93
N GLU B 129 20.37 23.47 -36.00
CA GLU B 129 20.13 24.27 -34.80
C GLU B 129 18.66 24.32 -34.46
N PHE B 130 17.82 23.79 -35.36
CA PHE B 130 16.38 23.74 -35.14
C PHE B 130 15.93 22.43 -34.52
N ILE B 131 16.88 21.53 -34.28
CA ILE B 131 16.60 20.31 -33.54
C ILE B 131 16.20 20.71 -32.13
N HIS B 132 15.11 20.12 -31.63
CA HIS B 132 14.61 20.45 -30.30
C HIS B 132 14.30 21.96 -30.21
N PHE B 133 13.67 22.50 -31.24
CA PHE B 133 13.36 23.92 -31.24
C PHE B 133 12.13 24.25 -30.39
N ALA B 134 12.30 25.17 -29.45
CA ALA B 134 11.19 25.66 -28.62
C ALA B 134 10.62 24.60 -27.67
N CYS B 135 11.14 23.38 -27.75
CA CYS B 135 10.68 22.31 -26.87
C CYS B 135 11.33 22.41 -25.50
N THR B 136 10.61 22.01 -24.46
CA THR B 136 11.24 21.75 -23.18
C THR B 136 11.64 20.28 -23.17
N SER B 137 12.27 19.82 -22.09
CA SER B 137 12.80 18.45 -22.05
C SER B 137 11.66 17.42 -21.94
N GLU B 138 10.62 17.77 -21.19
CA GLU B 138 9.53 16.84 -20.97
C GLU B 138 8.63 16.71 -22.19
N ASP B 139 8.77 17.66 -23.12
CA ASP B 139 8.11 17.54 -24.42
C ASP B 139 8.58 16.26 -25.10
N ILE B 140 9.89 16.03 -25.04
CA ILE B 140 10.50 14.81 -25.59
C ILE B 140 10.26 13.62 -24.66
N ASN B 141 10.51 13.83 -23.36
CA ASN B 141 10.44 12.75 -22.38
C ASN B 141 9.07 12.09 -22.26
N ASN B 142 8.00 12.88 -22.15
CA ASN B 142 6.67 12.32 -21.97
C ASN B 142 6.21 11.53 -23.18
N LEU B 143 6.60 11.97 -24.37
CA LEU B 143 6.27 11.26 -25.60
C LEU B 143 7.09 9.98 -25.70
N SER B 144 8.36 10.05 -25.30
CA SER B 144 9.19 8.86 -25.27
C SER B 144 8.52 7.83 -24.36
N HIS B 145 8.06 8.28 -23.20
CA HIS B 145 7.35 7.43 -22.25
C HIS B 145 6.11 6.82 -22.90
N ALA B 146 5.28 7.67 -23.49
CA ALA B 146 4.06 7.22 -24.17
C ALA B 146 4.37 6.08 -25.13
N LEU B 147 5.39 6.29 -25.97
CA LEU B 147 5.81 5.25 -26.90
C LEU B 147 6.28 3.99 -26.19
N MET B 148 6.96 4.16 -25.06
CA MET B 148 7.39 3.02 -24.24
C MET B 148 6.19 2.17 -23.82
N LEU B 149 5.22 2.81 -23.18
CA LEU B 149 4.04 2.14 -22.64
C LEU B 149 3.15 1.55 -23.72
N LYS B 150 2.97 2.27 -24.84
CA LYS B 150 2.15 1.77 -25.93
C LYS B 150 2.81 0.57 -26.61
N THR B 151 4.08 0.74 -26.98
CA THR B 151 4.85 -0.32 -27.61
C THR B 151 4.85 -1.58 -26.72
N ALA B 152 5.02 -1.37 -25.42
CA ALA B 152 4.98 -2.49 -24.47
C ALA B 152 3.61 -3.15 -24.50
N ARG B 153 2.56 -2.32 -24.35
CA ARG B 153 1.19 -2.82 -24.31
C ARG B 153 0.87 -3.71 -25.51
N ASP B 154 1.12 -3.20 -26.72
CA ASP B 154 0.76 -3.92 -27.94
C ASP B 154 1.70 -5.09 -28.24
N GLU B 155 3.00 -4.83 -28.21
CA GLU B 155 3.98 -5.83 -28.64
C GLU B 155 4.27 -6.90 -27.60
N VAL B 156 4.00 -6.61 -26.33
CA VAL B 156 4.46 -7.48 -25.25
C VAL B 156 3.34 -7.95 -24.32
N ILE B 157 2.79 -7.02 -23.55
CA ILE B 157 1.78 -7.33 -22.55
C ILE B 157 0.57 -8.08 -23.13
N LEU B 158 -0.17 -7.42 -24.00
CA LEU B 158 -1.41 -7.98 -24.54
C LEU B 158 -1.25 -9.40 -25.12
N PRO B 159 -0.22 -9.62 -25.95
CA PRO B 159 0.03 -10.97 -26.45
C PRO B 159 0.20 -12.01 -25.35
N TYR B 160 0.87 -11.65 -24.25
CA TYR B 160 1.00 -12.54 -23.12
C TYR B 160 -0.35 -12.79 -22.45
N TRP B 161 -1.08 -11.71 -22.18
CA TRP B 161 -2.43 -11.83 -21.63
C TRP B 161 -3.25 -12.81 -22.46
N ARG B 162 -3.08 -12.75 -23.77
CA ARG B 162 -3.76 -13.63 -24.69
C ARG B 162 -3.26 -15.06 -24.56
N GLN B 163 -1.97 -15.23 -24.36
CA GLN B 163 -1.42 -16.58 -24.16
C GLN B 163 -2.04 -17.23 -22.92
N VAL B 164 -2.02 -16.50 -21.81
CA VAL B 164 -2.60 -16.98 -20.56
C VAL B 164 -4.10 -17.27 -20.73
N ILE B 165 -4.82 -16.29 -21.25
CA ILE B 165 -6.26 -16.43 -21.49
C ILE B 165 -6.56 -17.70 -22.28
N ASN B 166 -5.90 -17.86 -23.42
CA ASN B 166 -6.09 -19.05 -24.25
C ASN B 166 -5.70 -20.33 -23.54
N ALA B 167 -4.69 -20.25 -22.68
CA ALA B 167 -4.30 -21.40 -21.87
C ALA B 167 -5.47 -21.83 -20.98
N VAL B 168 -6.04 -20.87 -20.27
CA VAL B 168 -7.14 -21.14 -19.35
C VAL B 168 -8.38 -21.63 -20.10
N LYS B 169 -8.63 -21.06 -21.27
CA LYS B 169 -9.72 -21.54 -22.12
C LYS B 169 -9.50 -22.98 -22.51
N ASP B 170 -8.27 -23.32 -22.90
CA ASP B 170 -7.90 -24.69 -23.24
C ASP B 170 -8.20 -25.62 -22.07
N LEU B 171 -7.70 -25.27 -20.89
CA LEU B 171 -7.98 -26.05 -19.69
C LEU B 171 -9.47 -26.17 -19.44
N ALA B 172 -10.22 -25.16 -19.91
CA ALA B 172 -11.67 -25.14 -19.71
C ALA B 172 -12.40 -26.10 -20.65
N THR B 173 -11.91 -26.21 -21.88
CA THR B 173 -12.50 -27.11 -22.86
C THR B 173 -12.10 -28.57 -22.57
N GLN B 174 -10.86 -28.77 -22.14
CA GLN B 174 -10.36 -30.10 -21.80
C GLN B 174 -11.07 -30.65 -20.57
N TYR B 175 -11.28 -29.79 -19.58
CA TYR B 175 -11.89 -30.18 -18.31
C TYR B 175 -13.41 -30.00 -18.31
N ARG B 176 -13.96 -29.64 -19.46
CA ARG B 176 -15.36 -29.24 -19.56
C ARG B 176 -16.34 -30.13 -18.80
N ASP B 177 -16.45 -31.39 -19.23
CA ASP B 177 -17.46 -32.30 -18.67
C ASP B 177 -17.02 -33.02 -17.40
N ILE B 178 -15.83 -32.67 -16.90
CA ILE B 178 -15.26 -33.31 -15.72
C ILE B 178 -15.88 -32.78 -14.42
N PRO B 179 -16.65 -33.65 -13.73
CA PRO B 179 -17.31 -33.29 -12.46
C PRO B 179 -16.29 -32.94 -11.38
N LEU B 180 -16.68 -32.03 -10.48
CA LEU B 180 -15.79 -31.57 -9.42
C LEU B 180 -16.63 -31.26 -8.20
N LEU B 181 -16.10 -31.53 -7.01
CA LEU B 181 -16.83 -31.22 -5.79
C LEU B 181 -16.40 -29.83 -5.35
N SER B 182 -17.32 -28.89 -5.45
CA SER B 182 -17.00 -27.48 -5.21
C SER B 182 -16.66 -27.24 -3.74
N ARG B 183 -15.96 -26.14 -3.48
CA ARG B 183 -15.51 -25.84 -2.12
C ARG B 183 -15.91 -24.44 -1.68
N THR B 184 -16.76 -24.36 -0.67
CA THR B 184 -17.21 -23.10 -0.10
C THR B 184 -16.78 -23.01 1.36
N HIS B 185 -16.09 -21.93 1.71
CA HIS B 185 -15.38 -21.85 2.97
C HIS B 185 -14.55 -23.11 3.25
N GLY B 186 -13.87 -23.58 2.20
CA GLY B 186 -12.97 -24.70 2.30
C GLY B 186 -13.61 -26.07 2.17
N GLN B 187 -14.94 -26.12 2.15
CA GLN B 187 -15.62 -27.39 2.32
C GLN B 187 -16.55 -27.79 1.16
N PRO B 188 -16.88 -29.09 1.09
CA PRO B 188 -17.69 -29.67 0.01
C PRO B 188 -18.98 -28.90 -0.20
N ALA B 189 -19.43 -28.81 -1.46
CA ALA B 189 -20.55 -27.97 -1.82
C ALA B 189 -21.12 -28.39 -3.17
N THR B 190 -22.14 -27.66 -3.64
CA THR B 190 -22.85 -28.00 -4.86
C THR B 190 -21.90 -28.19 -6.04
N PRO B 191 -21.94 -29.37 -6.68
CA PRO B 191 -20.96 -29.82 -7.68
C PRO B 191 -20.86 -28.87 -8.88
N SER B 192 -19.71 -28.95 -9.56
CA SER B 192 -19.44 -28.12 -10.73
C SER B 192 -18.47 -28.90 -11.62
N THR B 193 -17.93 -28.24 -12.64
CA THR B 193 -16.87 -28.83 -13.44
C THR B 193 -15.66 -27.91 -13.47
N LEU B 194 -14.48 -28.49 -13.61
CA LEU B 194 -13.25 -27.70 -13.69
C LEU B 194 -13.30 -26.78 -14.91
N GLY B 195 -13.95 -27.26 -15.97
CA GLY B 195 -14.12 -26.47 -17.19
C GLY B 195 -14.69 -25.10 -16.90
N LYS B 196 -15.73 -25.07 -16.07
CA LYS B 196 -16.36 -23.83 -15.64
C LYS B 196 -15.44 -23.01 -14.74
N GLU B 197 -14.82 -23.67 -13.76
CA GLU B 197 -13.93 -22.99 -12.82
C GLU B 197 -12.80 -22.27 -13.56
N MET B 198 -12.40 -22.81 -14.70
CA MET B 198 -11.45 -22.14 -15.57
C MET B 198 -12.16 -21.06 -16.38
N ALA B 199 -13.39 -21.36 -16.81
CA ALA B 199 -14.19 -20.46 -17.64
C ALA B 199 -14.38 -19.09 -16.97
N ASN B 200 -14.59 -19.09 -15.67
CA ASN B 200 -14.71 -17.84 -14.94
C ASN B 200 -13.45 -16.98 -15.06
N VAL B 201 -12.32 -17.58 -14.70
CA VAL B 201 -11.02 -16.92 -14.80
C VAL B 201 -10.79 -16.36 -16.20
N ALA B 202 -11.03 -17.19 -17.21
CA ALA B 202 -10.92 -16.75 -18.60
C ALA B 202 -11.79 -15.52 -18.84
N TYR B 203 -13.02 -15.57 -18.34
CA TYR B 203 -13.98 -14.49 -18.53
C TYR B 203 -13.43 -13.17 -17.96
N ARG B 204 -13.09 -13.18 -16.68
CA ARG B 204 -12.59 -11.97 -16.02
C ARG B 204 -11.31 -11.46 -16.71
N MET B 205 -10.40 -12.38 -17.02
CA MET B 205 -9.19 -12.04 -17.75
C MET B 205 -9.54 -11.30 -19.04
N GLU B 206 -10.53 -11.81 -19.77
CA GLU B 206 -10.94 -11.19 -21.02
C GLU B 206 -11.49 -9.79 -20.78
N ARG B 207 -12.24 -9.64 -19.69
CA ARG B 207 -12.77 -8.34 -19.32
C ARG B 207 -11.63 -7.34 -19.17
N GLN B 208 -10.66 -7.68 -18.33
CA GLN B 208 -9.51 -6.82 -18.11
C GLN B 208 -8.73 -6.56 -19.39
N PHE B 209 -8.60 -7.58 -20.23
CA PHE B 209 -7.96 -7.46 -21.54
C PHE B 209 -8.61 -6.31 -22.30
N ARG B 210 -9.91 -6.47 -22.55
CA ARG B 210 -10.70 -5.44 -23.22
C ARG B 210 -10.39 -4.07 -22.60
N GLN B 211 -10.66 -3.93 -21.30
CA GLN B 211 -10.43 -2.66 -20.61
C GLN B 211 -9.04 -2.07 -20.86
N LEU B 212 -8.03 -2.93 -20.93
CA LEU B 212 -6.65 -2.48 -21.15
C LEU B 212 -6.41 -2.04 -22.59
N ASN B 213 -7.12 -2.64 -23.53
CA ASN B 213 -6.98 -2.22 -24.92
C ASN B 213 -7.69 -0.89 -25.17
N GLN B 214 -8.67 -0.56 -24.31
CA GLN B 214 -9.44 0.68 -24.44
C GLN B 214 -8.85 1.84 -23.65
N VAL B 215 -7.75 1.61 -22.95
CA VAL B 215 -7.13 2.64 -22.14
C VAL B 215 -6.44 3.69 -23.00
N GLU B 216 -6.62 4.95 -22.64
CA GLU B 216 -5.99 6.05 -23.37
C GLU B 216 -4.51 6.15 -23.04
N ILE B 217 -3.72 6.47 -24.05
CA ILE B 217 -2.29 6.73 -23.86
C ILE B 217 -1.95 8.10 -24.42
N LEU B 218 -1.53 9.00 -23.53
CA LEU B 218 -1.54 10.43 -23.83
C LEU B 218 -0.16 11.06 -23.93
N GLY B 219 -0.10 12.17 -24.67
CA GLY B 219 1.13 12.92 -24.83
C GLY B 219 0.91 14.39 -25.15
N LYS B 220 1.96 15.19 -25.04
CA LYS B 220 1.93 16.60 -25.40
C LYS B 220 3.29 17.07 -25.83
N ILE B 221 3.35 17.99 -26.79
CA ILE B 221 4.40 18.98 -26.76
C ILE B 221 3.68 20.30 -26.56
N ASN B 222 3.66 20.79 -25.33
CA ASN B 222 3.06 22.08 -25.01
C ASN B 222 4.07 23.22 -24.92
N GLY B 223 5.35 22.85 -24.91
CA GLY B 223 6.40 23.76 -24.50
C GLY B 223 6.55 23.81 -22.99
N ALA B 224 7.32 24.78 -22.50
CA ALA B 224 7.75 24.83 -21.09
C ALA B 224 6.71 24.60 -20.00
N VAL B 225 5.75 25.51 -19.85
CA VAL B 225 4.69 25.34 -18.85
C VAL B 225 3.42 24.75 -19.47
N GLY B 226 3.44 24.57 -20.78
CA GLY B 226 2.26 24.08 -21.49
C GLY B 226 1.57 25.16 -22.29
N ASN B 227 2.05 26.40 -22.18
CA ASN B 227 1.38 27.54 -22.78
C ASN B 227 1.85 27.94 -24.17
N TYR B 228 2.77 27.18 -24.76
CA TYR B 228 3.27 27.48 -26.10
C TYR B 228 4.00 28.83 -26.15
N ASN B 229 4.54 29.25 -25.01
CA ASN B 229 5.10 30.59 -24.88
C ASN B 229 6.18 30.92 -25.90
N ALA B 230 7.26 30.15 -25.90
CA ALA B 230 8.41 30.44 -26.76
C ALA B 230 8.11 30.12 -28.22
N HIS B 231 7.23 29.15 -28.44
CA HIS B 231 6.83 28.79 -29.80
C HIS B 231 6.21 30.01 -30.47
N ILE B 232 5.30 30.65 -29.74
CA ILE B 232 4.57 31.81 -30.24
C ILE B 232 5.42 33.07 -30.22
N ALA B 233 6.33 33.17 -29.27
CA ALA B 233 7.21 34.33 -29.16
C ALA B 233 8.20 34.36 -30.32
N ALA B 234 8.73 33.20 -30.68
CA ALA B 234 9.63 33.08 -31.82
C ALA B 234 8.87 33.01 -33.15
N TYR B 235 7.78 32.24 -33.16
CA TYR B 235 7.05 31.97 -34.39
C TYR B 235 5.55 32.26 -34.26
N PRO B 236 5.18 33.54 -34.30
CA PRO B 236 3.76 33.93 -34.22
C PRO B 236 2.99 33.51 -35.46
N GLU B 237 3.71 33.21 -36.55
CA GLU B 237 3.08 32.85 -37.82
C GLU B 237 2.40 31.48 -37.77
N VAL B 238 2.62 30.73 -36.70
CA VAL B 238 2.15 29.36 -36.61
C VAL B 238 1.06 29.20 -35.56
N ASP B 239 0.15 28.25 -35.78
CA ASP B 239 -0.70 27.79 -34.70
C ASP B 239 -0.08 26.53 -34.14
N TRP B 240 0.44 26.62 -32.93
CA TRP B 240 1.19 25.51 -32.34
C TRP B 240 0.26 24.53 -31.64
N HIS B 241 -1.02 24.88 -31.58
CA HIS B 241 -2.02 23.97 -31.05
C HIS B 241 -2.29 22.88 -32.09
N GLN B 242 -2.55 23.32 -33.32
CA GLN B 242 -2.75 22.39 -34.43
C GLN B 242 -1.44 21.66 -34.72
N PHE B 243 -0.33 22.38 -34.61
CA PHE B 243 0.99 21.81 -34.78
C PHE B 243 1.16 20.66 -33.79
N SER B 244 0.78 20.94 -32.54
CA SER B 244 0.95 20.00 -31.44
C SER B 244 0.05 18.78 -31.59
N GLU B 245 -1.21 18.99 -31.94
CA GLU B 245 -2.13 17.88 -32.16
C GLU B 245 -1.64 17.01 -33.31
N GLU B 246 -1.40 17.63 -34.46
CA GLU B 246 -0.90 16.93 -35.63
C GLU B 246 0.33 16.10 -35.29
N PHE B 247 1.24 16.70 -34.52
CA PHE B 247 2.49 16.04 -34.16
C PHE B 247 2.28 14.84 -33.23
N VAL B 248 1.55 15.06 -32.14
CA VAL B 248 1.34 13.99 -31.16
C VAL B 248 0.54 12.84 -31.75
N THR B 249 -0.40 13.16 -32.64
CA THR B 249 -1.19 12.14 -33.31
C THR B 249 -0.37 11.43 -34.38
N SER B 250 0.60 12.14 -34.95
CA SER B 250 1.46 11.55 -35.96
C SER B 250 2.28 10.39 -35.39
N LEU B 251 2.47 10.42 -34.07
CA LEU B 251 3.27 9.41 -33.38
C LEU B 251 2.47 8.18 -32.95
N GLY B 252 1.18 8.17 -33.26
CA GLY B 252 0.32 7.07 -32.89
C GLY B 252 -0.17 7.19 -31.46
N ILE B 253 0.03 8.38 -30.87
CA ILE B 253 -0.33 8.61 -29.48
C ILE B 253 -1.63 9.41 -29.40
N GLN B 254 -2.09 9.67 -28.18
CA GLN B 254 -3.33 10.39 -27.97
C GLN B 254 -3.11 11.78 -27.36
N TRP B 255 -4.03 12.67 -27.66
CA TRP B 255 -3.82 14.12 -27.57
C TRP B 255 -4.23 14.74 -26.23
N ASN B 256 -3.26 15.30 -25.50
CA ASN B 256 -3.50 15.93 -24.21
C ASN B 256 -3.09 17.40 -24.21
N PRO B 257 -4.02 18.28 -24.63
CA PRO B 257 -3.79 19.72 -24.83
C PRO B 257 -3.57 20.50 -23.53
N TYR B 258 -3.97 19.93 -22.39
CA TYR B 258 -3.84 20.65 -21.13
C TYR B 258 -2.77 20.04 -20.24
N THR B 259 -1.65 20.74 -20.10
CA THR B 259 -0.52 20.25 -19.30
C THR B 259 0.30 21.38 -18.67
N THR B 260 0.86 21.10 -17.50
CA THR B 260 1.97 21.89 -16.95
C THR B 260 3.21 21.39 -17.65
N GLN B 261 4.38 21.73 -17.14
CA GLN B 261 5.62 21.30 -17.77
C GLN B 261 5.61 19.81 -18.08
N ILE B 262 4.97 19.02 -17.22
CA ILE B 262 4.88 17.57 -17.43
C ILE B 262 3.53 17.11 -17.97
N GLU B 263 3.43 15.80 -18.20
CA GLU B 263 2.14 15.18 -18.47
C GLU B 263 1.64 14.58 -17.15
N PRO B 264 0.38 14.88 -16.79
CA PRO B 264 -0.15 14.60 -15.46
C PRO B 264 -0.06 13.12 -15.05
N HIS B 265 0.16 12.24 -16.01
CA HIS B 265 0.46 10.83 -15.73
C HIS B 265 -0.75 9.97 -15.41
N ASP B 266 -1.94 10.57 -15.37
CA ASP B 266 -3.16 9.83 -15.02
C ASP B 266 -3.28 8.51 -15.79
N TYR B 267 -3.05 8.58 -17.10
CA TYR B 267 -3.26 7.42 -17.97
C TYR B 267 -2.37 6.23 -17.60
N ILE B 268 -1.21 6.51 -17.01
CA ILE B 268 -0.31 5.45 -16.57
C ILE B 268 -0.87 4.83 -15.30
N ALA B 269 -1.54 5.64 -14.48
CA ALA B 269 -2.23 5.13 -13.31
C ALA B 269 -3.36 4.21 -13.77
N GLU B 270 -4.01 4.58 -14.87
CA GLU B 270 -5.08 3.78 -15.45
C GLU B 270 -4.54 2.44 -15.96
N LEU B 271 -3.53 2.52 -16.81
CA LEU B 271 -2.89 1.34 -17.39
C LEU B 271 -2.45 0.37 -16.28
N PHE B 272 -1.67 0.89 -15.35
CA PHE B 272 -1.14 0.09 -14.26
C PHE B 272 -2.23 -0.44 -13.34
N ASP B 273 -3.33 0.31 -13.23
CA ASP B 273 -4.49 -0.15 -12.46
C ASP B 273 -5.05 -1.40 -13.11
N CYS B 274 -5.32 -1.32 -14.41
CA CYS B 274 -5.85 -2.45 -15.15
C CYS B 274 -4.93 -3.66 -15.04
N ILE B 275 -3.66 -3.45 -15.40
CA ILE B 275 -2.66 -4.51 -15.33
C ILE B 275 -2.64 -5.14 -13.93
N ALA B 276 -2.79 -4.30 -12.91
CA ALA B 276 -2.82 -4.77 -11.53
C ALA B 276 -4.02 -5.67 -11.27
N ARG B 277 -5.18 -5.26 -11.78
CA ARG B 277 -6.38 -6.08 -11.67
C ARG B 277 -6.15 -7.45 -12.29
N PHE B 278 -5.64 -7.45 -13.52
CA PHE B 278 -5.33 -8.69 -14.22
C PHE B 278 -4.43 -9.57 -13.35
N ASN B 279 -3.33 -8.99 -12.88
CA ASN B 279 -2.40 -9.70 -12.01
C ASN B 279 -3.07 -10.27 -10.77
N THR B 280 -4.09 -9.57 -10.27
CA THR B 280 -4.82 -10.01 -9.09
C THR B 280 -5.66 -11.24 -9.42
N ILE B 281 -6.39 -11.18 -10.53
CA ILE B 281 -7.16 -12.34 -10.98
C ILE B 281 -6.24 -13.54 -11.16
N LEU B 282 -5.07 -13.30 -11.76
CA LEU B 282 -4.10 -14.35 -11.98
C LEU B 282 -3.58 -14.91 -10.66
N ILE B 283 -3.45 -14.04 -9.66
CA ILE B 283 -3.06 -14.46 -8.32
C ILE B 283 -4.11 -15.40 -7.75
N ASP B 284 -5.38 -15.03 -7.90
CA ASP B 284 -6.47 -15.87 -7.46
C ASP B 284 -6.40 -17.24 -8.13
N PHE B 285 -6.08 -17.23 -9.43
CA PHE B 285 -5.96 -18.47 -10.19
C PHE B 285 -4.82 -19.35 -9.69
N ASP B 286 -3.65 -18.74 -9.47
CA ASP B 286 -2.48 -19.48 -9.01
C ASP B 286 -2.72 -20.08 -7.62
N ARG B 287 -3.34 -19.30 -6.74
CA ARG B 287 -3.67 -19.82 -5.40
C ARG B 287 -4.66 -20.98 -5.50
N ASP B 288 -5.67 -20.80 -6.35
CA ASP B 288 -6.69 -21.84 -6.54
C ASP B 288 -6.10 -23.15 -7.08
N VAL B 289 -5.20 -23.04 -8.04
CA VAL B 289 -4.56 -24.23 -8.61
C VAL B 289 -3.60 -24.85 -7.60
N TRP B 290 -2.93 -24.00 -6.82
CA TRP B 290 -2.10 -24.47 -5.73
C TRP B 290 -2.97 -25.36 -4.83
N GLY B 291 -4.19 -24.87 -4.55
CA GLY B 291 -5.13 -25.61 -3.74
C GLY B 291 -5.54 -26.94 -4.36
N TYR B 292 -5.98 -26.89 -5.62
CA TYR B 292 -6.38 -28.10 -6.34
C TYR B 292 -5.28 -29.15 -6.34
N ILE B 293 -4.02 -28.70 -6.42
CA ILE B 293 -2.89 -29.61 -6.35
C ILE B 293 -2.75 -30.17 -4.95
N ALA B 294 -2.97 -29.32 -3.94
CA ALA B 294 -2.92 -29.76 -2.56
C ALA B 294 -3.88 -30.92 -2.28
N LEU B 295 -5.00 -30.93 -3.00
CA LEU B 295 -6.02 -31.96 -2.82
C LEU B 295 -5.75 -33.17 -3.72
N ASN B 296 -4.71 -33.08 -4.53
CA ASN B 296 -4.39 -34.12 -5.49
C ASN B 296 -5.46 -34.24 -6.58
N HIS B 297 -6.08 -33.12 -6.92
CA HIS B 297 -7.00 -33.05 -8.05
C HIS B 297 -6.17 -33.00 -9.32
N PHE B 298 -4.86 -32.82 -9.15
CA PHE B 298 -3.93 -32.70 -10.25
C PHE B 298 -2.73 -33.64 -10.10
N LYS B 299 -2.27 -34.16 -11.23
CA LYS B 299 -1.07 -35.00 -11.28
C LYS B 299 -0.19 -34.54 -12.44
N GLN B 300 1.07 -34.97 -12.42
CA GLN B 300 2.05 -34.56 -13.43
C GLN B 300 1.77 -35.22 -14.79
N LYS B 301 2.01 -34.46 -15.85
CA LYS B 301 1.85 -34.98 -17.21
C LYS B 301 3.08 -35.80 -17.59
N THR B 302 2.86 -36.92 -18.28
CA THR B 302 3.96 -37.78 -18.72
C THR B 302 4.81 -37.04 -19.75
N ILE B 303 6.06 -37.44 -19.89
CA ILE B 303 6.99 -36.76 -20.79
C ILE B 303 7.76 -37.72 -21.68
N ALA B 304 8.60 -37.16 -22.54
CA ALA B 304 9.58 -37.92 -23.28
C ALA B 304 11.00 -37.63 -22.82
N GLY B 305 11.11 -36.96 -21.67
CA GLY B 305 12.37 -36.36 -21.26
C GLY B 305 13.24 -37.27 -20.38
N HIS B 314 2.72 -39.63 -10.09
CA HIS B 314 3.68 -38.55 -10.00
C HIS B 314 2.98 -37.22 -9.74
N LYS B 315 3.29 -36.62 -8.60
CA LYS B 315 2.71 -35.33 -8.23
C LYS B 315 3.30 -34.17 -9.02
N VAL B 316 2.56 -33.06 -9.06
CA VAL B 316 3.09 -31.84 -9.66
C VAL B 316 3.66 -30.94 -8.57
N ASN B 317 4.91 -30.53 -8.73
CA ASN B 317 5.45 -29.48 -7.90
C ASN B 317 4.80 -28.18 -8.33
N PRO B 318 4.04 -27.54 -7.43
CA PRO B 318 3.23 -26.37 -7.76
C PRO B 318 4.06 -25.16 -8.22
N ILE B 319 5.36 -25.19 -7.98
CA ILE B 319 6.17 -23.98 -7.92
C ILE B 319 5.96 -22.98 -9.06
N ASP B 320 5.74 -23.47 -10.28
CA ASP B 320 5.52 -22.57 -11.41
C ASP B 320 4.48 -21.50 -11.07
N PHE B 321 3.35 -21.91 -10.49
CA PHE B 321 2.34 -20.96 -10.06
C PHE B 321 2.83 -20.17 -8.85
N GLU B 322 3.39 -20.87 -7.88
CA GLU B 322 3.91 -20.24 -6.66
C GLU B 322 4.73 -19.00 -7.00
N ASN B 323 5.87 -19.22 -7.65
CA ASN B 323 6.72 -18.11 -8.08
C ASN B 323 5.90 -17.03 -8.78
N SER B 324 5.08 -17.45 -9.74
CA SER B 324 4.25 -16.50 -10.47
C SER B 324 3.50 -15.63 -9.48
N GLU B 325 2.76 -16.26 -8.58
CA GLU B 325 2.02 -15.54 -7.56
C GLU B 325 2.97 -14.57 -6.88
N GLY B 326 4.06 -15.12 -6.35
CA GLY B 326 5.04 -14.32 -5.63
C GLY B 326 5.47 -13.09 -6.39
N ASN B 327 5.63 -13.25 -7.71
CA ASN B 327 6.05 -12.12 -8.54
C ASN B 327 4.92 -11.14 -8.80
N LEU B 328 3.73 -11.67 -9.04
CA LEU B 328 2.58 -10.83 -9.39
C LEU B 328 2.40 -9.70 -8.39
N GLY B 329 2.30 -10.05 -7.11
CA GLY B 329 2.19 -9.06 -6.06
C GLY B 329 3.28 -8.01 -6.18
N LEU B 330 4.53 -8.47 -6.30
CA LEU B 330 5.65 -7.56 -6.48
C LEU B 330 5.33 -6.58 -7.59
N SER B 331 4.91 -7.12 -8.73
CA SER B 331 4.48 -6.30 -9.86
C SER B 331 3.55 -5.21 -9.34
N ASN B 332 2.40 -5.64 -8.82
CA ASN B 332 1.42 -4.72 -8.27
C ASN B 332 2.07 -3.71 -7.34
N ALA B 333 2.94 -4.19 -6.46
CA ALA B 333 3.60 -3.35 -5.47
C ALA B 333 4.17 -2.11 -6.14
N VAL B 334 4.85 -2.30 -7.27
CA VAL B 334 5.36 -1.17 -8.04
C VAL B 334 4.22 -0.49 -8.80
N LEU B 335 3.45 -1.29 -9.54
CA LEU B 335 2.39 -0.76 -10.39
C LEU B 335 1.52 0.21 -9.62
N HIS B 336 1.13 -0.20 -8.42
CA HIS B 336 0.33 0.67 -7.56
C HIS B 336 1.07 1.96 -7.27
N HIS B 337 2.27 1.84 -6.69
CA HIS B 337 2.99 3.01 -6.20
C HIS B 337 3.11 4.09 -7.25
N LEU B 338 3.67 3.75 -8.41
CA LEU B 338 3.78 4.71 -9.50
C LEU B 338 2.41 5.32 -9.75
N ALA B 339 1.42 4.46 -10.00
CA ALA B 339 0.07 4.91 -10.32
C ALA B 339 -0.42 5.91 -9.28
N ASN B 340 0.00 5.70 -8.03
CA ASN B 340 -0.40 6.59 -6.95
C ASN B 340 0.44 7.86 -6.90
N LYS B 341 1.75 7.71 -7.10
CA LYS B 341 2.69 8.82 -6.92
C LYS B 341 2.74 9.83 -8.07
N LEU B 342 2.83 9.32 -9.30
CA LEU B 342 3.15 10.15 -10.47
C LEU B 342 2.23 11.36 -10.71
N PRO B 343 0.91 11.14 -10.67
CA PRO B 343 -0.02 12.24 -10.95
C PRO B 343 0.15 13.43 -10.00
N VAL B 344 0.83 13.24 -8.87
CA VAL B 344 1.07 14.33 -7.94
C VAL B 344 2.46 14.91 -8.15
N SER B 345 2.52 16.12 -8.70
CA SER B 345 3.78 16.85 -8.88
C SER B 345 3.58 18.31 -8.51
N ARG B 346 4.46 18.81 -7.64
CA ARG B 346 4.27 20.13 -7.05
C ARG B 346 4.10 21.24 -8.08
N TRP B 347 3.03 22.00 -7.93
CA TRP B 347 2.76 23.14 -8.81
C TRP B 347 2.91 22.81 -10.28
N GLN B 348 3.60 23.68 -11.01
CA GLN B 348 3.83 23.47 -12.43
C GLN B 348 4.70 22.23 -12.67
N ARG B 349 5.50 21.85 -11.67
CA ARG B 349 6.18 20.56 -11.71
C ARG B 349 7.15 20.32 -10.56
N ASP B 350 7.49 19.05 -10.37
CA ASP B 350 8.69 18.66 -9.61
C ASP B 350 9.33 17.47 -10.32
N LEU B 351 10.62 17.28 -10.11
CA LEU B 351 11.35 16.25 -10.84
C LEU B 351 11.35 14.89 -10.14
N THR B 352 10.65 14.80 -9.02
CA THR B 352 10.56 13.55 -8.28
C THR B 352 9.99 12.44 -9.15
N ASP B 353 9.24 12.82 -10.18
CA ASP B 353 8.64 11.86 -11.09
C ASP B 353 9.67 11.33 -12.09
N SER B 354 10.60 12.19 -12.49
CA SER B 354 11.55 11.85 -13.54
C SER B 354 12.21 10.50 -13.26
N THR B 355 12.89 10.40 -12.12
CA THR B 355 13.58 9.17 -11.77
C THR B 355 12.60 8.02 -11.70
N VAL B 356 11.42 8.29 -11.13
CA VAL B 356 10.40 7.26 -10.99
C VAL B 356 9.99 6.73 -12.36
N LEU B 357 10.00 7.62 -13.35
CA LEU B 357 9.56 7.24 -14.69
C LEU B 357 10.56 6.32 -15.36
N ARG B 358 11.72 6.14 -14.74
CA ARG B 358 12.70 5.19 -15.26
C ARG B 358 12.28 3.77 -14.91
N ASN B 359 11.37 3.66 -13.93
CA ASN B 359 10.97 2.37 -13.40
C ASN B 359 9.72 1.77 -14.07
N LEU B 360 9.21 2.44 -15.09
CA LEU B 360 7.95 2.04 -15.72
C LEU B 360 7.87 0.55 -16.05
N GLY B 361 9.00 -0.04 -16.43
CA GLY B 361 9.01 -1.42 -16.87
C GLY B 361 9.36 -2.46 -15.83
N VAL B 362 9.64 -2.04 -14.60
CA VAL B 362 10.00 -3.00 -13.56
C VAL B 362 8.80 -3.85 -13.15
N GLY B 363 7.71 -3.20 -12.78
CA GLY B 363 6.49 -3.91 -12.40
C GLY B 363 6.07 -4.81 -13.53
N ILE B 364 5.92 -4.24 -14.71
CA ILE B 364 5.60 -4.99 -15.92
C ILE B 364 6.52 -6.20 -16.00
N GLY B 365 7.81 -5.98 -15.80
CA GLY B 365 8.78 -7.06 -15.86
C GLY B 365 8.33 -8.21 -14.99
N TYR B 366 8.08 -7.92 -13.71
CA TYR B 366 7.62 -8.95 -12.79
C TYR B 366 6.43 -9.66 -13.42
N ALA B 367 5.45 -8.88 -13.85
CA ALA B 367 4.25 -9.43 -14.44
C ALA B 367 4.64 -10.44 -15.50
N LEU B 368 5.48 -10.02 -16.44
CA LEU B 368 5.90 -10.90 -17.52
C LEU B 368 6.34 -12.23 -16.94
N ILE B 369 7.30 -12.18 -16.02
CA ILE B 369 7.84 -13.40 -15.46
C ILE B 369 6.67 -14.25 -15.00
N ALA B 370 5.85 -13.69 -14.13
CA ALA B 370 4.74 -14.41 -13.55
C ALA B 370 3.95 -15.09 -14.66
N TYR B 371 3.59 -14.33 -15.69
CA TYR B 371 2.76 -14.86 -16.76
C TYR B 371 3.38 -16.16 -17.24
N GLN B 372 4.64 -16.06 -17.66
CA GLN B 372 5.33 -17.20 -18.23
C GLN B 372 5.26 -18.38 -17.26
N SER B 373 5.58 -18.10 -16.01
CA SER B 373 5.59 -19.13 -14.99
C SER B 373 4.26 -19.87 -15.05
N THR B 374 3.17 -19.12 -14.97
CA THR B 374 1.85 -19.72 -14.98
C THR B 374 1.69 -20.64 -16.18
N LEU B 375 2.06 -20.13 -17.35
CA LEU B 375 1.98 -20.91 -18.57
C LEU B 375 2.67 -22.25 -18.35
N LYS B 376 3.92 -22.20 -17.92
CA LYS B 376 4.68 -23.41 -17.66
C LYS B 376 3.89 -24.34 -16.75
N GLY B 377 3.38 -23.79 -15.65
CA GLY B 377 2.60 -24.57 -14.71
C GLY B 377 1.48 -25.29 -15.42
N VAL B 378 0.73 -24.56 -16.24
CA VAL B 378 -0.40 -25.14 -16.96
C VAL B 378 0.04 -26.30 -17.84
N SER B 379 1.23 -26.19 -18.43
CA SER B 379 1.73 -27.25 -19.31
C SER B 379 1.95 -28.53 -18.53
N LYS B 380 2.28 -28.40 -17.24
CA LYS B 380 2.59 -29.55 -16.41
C LYS B 380 1.34 -30.25 -15.91
N LEU B 381 0.21 -29.53 -15.95
CA LEU B 381 -1.02 -30.03 -15.35
C LEU B 381 -1.65 -31.18 -16.14
N GLU B 382 -1.99 -32.24 -15.42
CA GLU B 382 -2.95 -33.22 -15.93
C GLU B 382 -3.97 -33.45 -14.83
N VAL B 383 -5.24 -33.60 -15.21
CA VAL B 383 -6.30 -33.77 -14.22
C VAL B 383 -6.31 -35.20 -13.72
N ASN B 384 -6.65 -35.40 -12.45
CA ASN B 384 -6.89 -36.74 -11.94
C ASN B 384 -8.38 -36.96 -11.87
N ARG B 385 -8.90 -37.78 -12.79
CA ARG B 385 -10.35 -37.92 -12.96
C ARG B 385 -11.01 -38.80 -11.91
N ASP B 386 -10.42 -39.97 -11.66
CA ASP B 386 -11.03 -40.95 -10.78
C ASP B 386 -10.97 -40.53 -9.33
N HIS B 387 -9.98 -39.71 -8.98
CA HIS B 387 -9.88 -39.16 -7.64
C HIS B 387 -11.01 -38.18 -7.38
N LEU B 388 -11.32 -37.35 -8.36
CA LEU B 388 -12.44 -36.42 -8.26
C LEU B 388 -13.76 -37.19 -8.23
N LEU B 389 -13.91 -38.14 -9.16
CA LEU B 389 -15.09 -38.98 -9.21
C LEU B 389 -15.36 -39.64 -7.86
N ASP B 390 -14.32 -40.20 -7.26
CA ASP B 390 -14.46 -40.83 -5.95
C ASP B 390 -14.82 -39.80 -4.89
N GLU B 391 -14.06 -38.70 -4.86
CA GLU B 391 -14.29 -37.63 -3.91
C GLU B 391 -15.76 -37.21 -3.90
N LEU B 392 -16.37 -37.12 -5.07
CA LEU B 392 -17.79 -36.80 -5.19
C LEU B 392 -18.64 -37.96 -4.70
N ASP B 393 -18.27 -39.17 -5.12
CA ASP B 393 -18.99 -40.37 -4.71
C ASP B 393 -19.14 -40.44 -3.19
N HIS B 394 -18.13 -39.94 -2.47
CA HIS B 394 -18.08 -40.09 -1.02
C HIS B 394 -18.81 -38.99 -0.25
N ASN B 395 -19.22 -37.93 -0.93
CA ASN B 395 -20.15 -36.99 -0.34
C ASN B 395 -21.48 -37.00 -1.09
N TRP B 396 -22.51 -37.58 -0.48
CA TRP B 396 -23.84 -37.59 -1.09
C TRP B 396 -24.73 -36.49 -0.52
N GLU B 397 -24.19 -35.75 0.45
CA GLU B 397 -24.95 -34.72 1.14
C GLU B 397 -25.28 -33.52 0.25
N VAL B 398 -24.43 -33.24 -0.74
CA VAL B 398 -24.69 -32.15 -1.66
C VAL B 398 -26.02 -32.35 -2.36
N LEU B 399 -26.50 -33.60 -2.32
CA LEU B 399 -27.72 -34.00 -3.01
C LEU B 399 -28.97 -33.68 -2.19
N ALA B 400 -28.81 -33.19 -0.97
CA ALA B 400 -29.95 -32.75 -0.19
C ALA B 400 -30.64 -31.59 -0.90
N GLU B 401 -29.83 -30.59 -1.23
CA GLU B 401 -30.27 -29.34 -1.83
C GLU B 401 -31.29 -29.46 -2.97
N PRO B 402 -30.95 -30.20 -4.05
CA PRO B 402 -31.87 -30.27 -5.18
C PRO B 402 -33.18 -30.92 -4.76
N ILE B 403 -33.10 -31.84 -3.82
CA ILE B 403 -34.29 -32.50 -3.31
C ILE B 403 -35.13 -31.42 -2.66
N GLN B 404 -34.48 -30.63 -1.80
CA GLN B 404 -35.14 -29.58 -1.06
C GLN B 404 -35.94 -28.70 -2.01
N THR B 405 -35.28 -28.22 -3.06
CA THR B 405 -35.94 -27.40 -4.07
C THR B 405 -37.17 -28.11 -4.63
N VAL B 406 -36.98 -29.36 -5.05
CA VAL B 406 -38.07 -30.13 -5.64
C VAL B 406 -39.21 -30.34 -4.64
N MET B 407 -38.87 -30.27 -3.35
CA MET B 407 -39.89 -30.31 -2.31
C MET B 407 -40.58 -28.95 -2.24
N ARG B 408 -39.77 -27.89 -2.22
CA ARG B 408 -40.28 -26.53 -2.05
C ARG B 408 -41.29 -26.19 -3.13
N ARG B 409 -41.10 -26.80 -4.31
CA ARG B 409 -42.03 -26.63 -5.41
C ARG B 409 -43.38 -27.28 -5.07
N TYR B 410 -43.33 -28.55 -4.69
CA TYR B 410 -44.55 -29.35 -4.56
C TYR B 410 -45.26 -29.19 -3.23
N GLY B 411 -44.74 -28.31 -2.38
CA GLY B 411 -45.44 -27.92 -1.17
C GLY B 411 -45.09 -28.71 0.09
N ILE B 412 -44.24 -29.72 -0.04
CA ILE B 412 -43.85 -30.50 1.13
C ILE B 412 -43.28 -29.57 2.20
N GLU B 413 -43.84 -29.64 3.40
CA GLU B 413 -43.59 -28.66 4.44
C GLU B 413 -42.24 -28.83 5.15
N LYS B 414 -41.65 -27.70 5.52
CA LYS B 414 -40.42 -27.67 6.31
C LYS B 414 -39.35 -28.62 5.78
N PRO B 415 -38.89 -28.38 4.54
CA PRO B 415 -37.88 -29.26 3.93
C PRO B 415 -36.59 -29.29 4.72
N TYR B 416 -36.12 -28.12 5.18
CA TYR B 416 -34.89 -28.04 5.96
C TYR B 416 -35.03 -28.79 7.28
N GLU B 417 -36.27 -28.96 7.73
CA GLU B 417 -36.55 -29.69 8.96
C GLU B 417 -36.47 -31.19 8.72
N LYS B 418 -37.01 -31.62 7.59
CA LYS B 418 -37.08 -33.04 7.24
C LYS B 418 -35.74 -33.60 6.77
N LEU B 419 -34.96 -32.78 6.08
CA LEU B 419 -33.68 -33.22 5.55
C LEU B 419 -32.66 -33.52 6.64
N LYS B 420 -32.89 -32.96 7.83
CA LYS B 420 -32.01 -33.23 8.97
C LYS B 420 -32.23 -34.66 9.45
N GLU B 421 -33.43 -35.19 9.19
CA GLU B 421 -33.76 -36.56 9.53
C GLU B 421 -32.88 -37.52 8.74
N LEU B 422 -32.18 -36.98 7.75
CA LEU B 422 -31.27 -37.77 6.95
C LEU B 422 -29.80 -37.37 7.17
N THR B 423 -29.47 -36.13 6.81
CA THR B 423 -28.09 -35.69 6.64
C THR B 423 -27.16 -35.93 7.86
N ARG B 424 -27.74 -36.07 9.05
CA ARG B 424 -26.94 -36.40 10.24
C ARG B 424 -27.44 -37.65 10.96
N LYS B 426 -26.42 -40.06 8.88
CA LYS B 426 -25.08 -39.55 8.65
C LYS B 426 -24.36 -40.38 7.59
N ARG B 427 -24.87 -41.58 7.33
CA ARG B 427 -24.29 -42.45 6.33
C ARG B 427 -24.42 -41.84 4.94
N VAL B 428 -25.65 -41.46 4.60
CA VAL B 428 -25.99 -40.90 3.29
C VAL B 428 -25.36 -41.64 2.11
N ASP B 429 -25.82 -42.87 1.86
CA ASP B 429 -25.46 -43.58 0.65
C ASP B 429 -26.42 -43.20 -0.46
N ALA B 430 -26.36 -43.91 -1.58
CA ALA B 430 -27.35 -43.74 -2.63
C ALA B 430 -28.63 -44.48 -2.22
N GLU B 431 -28.46 -45.51 -1.40
CA GLU B 431 -29.59 -46.32 -0.93
C GLU B 431 -30.45 -45.55 0.06
N GLY B 432 -29.81 -44.93 1.05
CA GLY B 432 -30.50 -44.10 2.01
C GLY B 432 -31.19 -42.94 1.32
N MET B 433 -30.50 -42.38 0.33
CA MET B 433 -31.02 -41.26 -0.44
C MET B 433 -32.29 -41.66 -1.18
N LYS B 434 -32.18 -42.69 -2.02
CA LYS B 434 -33.31 -43.17 -2.80
C LYS B 434 -34.47 -43.63 -1.92
N GLN B 435 -34.14 -44.16 -0.75
CA GLN B 435 -35.18 -44.53 0.22
C GLN B 435 -35.92 -43.29 0.70
N PHE B 436 -35.17 -42.27 1.11
CA PHE B 436 -35.76 -41.03 1.58
C PHE B 436 -36.66 -40.44 0.49
N ILE B 437 -36.14 -40.39 -0.73
CA ILE B 437 -36.88 -39.88 -1.88
C ILE B 437 -38.16 -40.68 -2.11
N ASP B 438 -38.09 -42.00 -1.87
CA ASP B 438 -39.25 -42.86 -1.98
C ASP B 438 -40.30 -42.54 -0.91
N SER B 439 -39.82 -42.20 0.30
CA SER B 439 -40.72 -41.92 1.42
C SER B 439 -41.36 -40.54 1.35
N LEU B 440 -40.93 -39.73 0.39
CA LEU B 440 -41.53 -38.42 0.15
C LEU B 440 -42.88 -38.52 -0.55
N ALA B 441 -43.68 -37.48 -0.41
CA ALA B 441 -44.93 -37.35 -1.15
C ALA B 441 -44.67 -36.47 -2.36
N LEU B 442 -44.83 -37.05 -3.55
CA LEU B 442 -44.24 -36.50 -4.77
C LEU B 442 -44.72 -37.25 -5.99
N PRO B 443 -44.97 -36.52 -7.10
CA PRO B 443 -45.21 -37.20 -8.37
C PRO B 443 -44.07 -38.17 -8.67
N GLU B 444 -44.41 -39.41 -9.00
CA GLU B 444 -43.39 -40.45 -9.11
C GLU B 444 -42.40 -40.19 -10.24
N ALA B 445 -42.74 -39.26 -11.13
CA ALA B 445 -41.82 -38.88 -12.18
C ALA B 445 -40.64 -38.13 -11.55
N GLU B 446 -40.98 -37.25 -10.61
CA GLU B 446 -39.99 -36.50 -9.86
C GLU B 446 -39.18 -37.41 -8.94
N LYS B 447 -39.84 -38.44 -8.41
CA LYS B 447 -39.12 -39.44 -7.61
C LYS B 447 -38.09 -40.13 -8.49
N THR B 448 -38.53 -40.58 -9.67
CA THR B 448 -37.64 -41.23 -10.62
C THR B 448 -36.45 -40.34 -10.93
N ARG B 449 -36.72 -39.11 -11.36
CA ARG B 449 -35.67 -38.12 -11.64
C ARG B 449 -34.69 -37.98 -10.49
N LEU B 450 -35.18 -37.52 -9.34
CA LEU B 450 -34.34 -37.35 -8.18
C LEU B 450 -33.48 -38.58 -7.91
N LYS B 451 -34.07 -39.77 -8.11
CA LYS B 451 -33.36 -41.01 -7.88
C LYS B 451 -32.41 -41.38 -9.02
N ALA B 452 -32.47 -40.61 -10.11
CA ALA B 452 -31.51 -40.79 -11.20
C ALA B 452 -30.30 -39.88 -10.97
N MET B 453 -30.31 -39.18 -9.84
CA MET B 453 -29.29 -38.19 -9.52
C MET B 453 -28.06 -38.81 -8.86
N THR B 454 -26.89 -38.34 -9.24
CA THR B 454 -25.67 -38.57 -8.48
C THR B 454 -24.96 -37.24 -8.30
N PRO B 455 -24.20 -37.09 -7.22
CA PRO B 455 -23.43 -35.86 -7.00
C PRO B 455 -22.58 -35.53 -8.22
N ALA B 456 -22.00 -36.56 -8.83
CA ALA B 456 -21.17 -36.39 -10.03
C ALA B 456 -22.00 -35.88 -11.20
N ASN B 457 -23.04 -36.62 -11.55
CA ASN B 457 -23.90 -36.27 -12.69
C ASN B 457 -24.60 -34.94 -12.53
N TYR B 458 -24.67 -34.42 -11.32
CA TYR B 458 -25.51 -33.26 -11.11
C TYR B 458 -24.63 -32.01 -11.09
N ILE B 459 -24.54 -31.38 -12.27
CA ILE B 459 -23.77 -30.15 -12.44
C ILE B 459 -24.64 -28.90 -12.58
N GLY B 460 -25.95 -29.09 -12.63
CA GLY B 460 -26.79 -28.02 -13.13
C GLY B 460 -26.34 -27.64 -14.54
N ARG B 461 -26.12 -26.35 -14.78
CA ARG B 461 -25.89 -25.85 -16.14
C ARG B 461 -24.43 -25.69 -16.58
N ALA B 462 -23.47 -26.18 -15.78
CA ALA B 462 -22.06 -25.95 -16.05
C ALA B 462 -21.60 -26.12 -17.51
N VAL B 463 -21.67 -27.35 -18.02
CA VAL B 463 -21.11 -27.66 -19.35
C VAL B 463 -21.51 -26.68 -20.45
N THR B 464 -22.81 -26.42 -20.56
CA THR B 464 -23.31 -25.51 -21.59
C THR B 464 -22.70 -24.12 -21.42
N LEU B 465 -22.57 -23.67 -20.18
CA LEU B 465 -21.93 -22.39 -19.89
C LEU B 465 -20.48 -22.41 -20.35
N VAL B 466 -19.80 -23.52 -20.12
CA VAL B 466 -18.42 -23.67 -20.57
C VAL B 466 -18.36 -23.52 -22.09
N ASP B 467 -19.35 -24.09 -22.77
CA ASP B 467 -19.41 -24.04 -24.22
C ASP B 467 -19.83 -22.67 -24.75
N GLU B 468 -20.45 -21.85 -23.90
CA GLU B 468 -20.92 -20.53 -24.32
C GLU B 468 -19.80 -19.50 -24.33
N LEU B 469 -18.68 -19.83 -23.69
CA LEU B 469 -17.57 -18.90 -23.55
C LEU B 469 -17.06 -18.42 -24.90
N LYS B 470 -16.83 -19.35 -25.83
CA LYS B 470 -16.35 -19.01 -27.16
C LYS B 470 -17.43 -18.30 -27.97
N MET C 15 -21.10 1.96 27.20
CA MET C 15 -21.11 3.34 26.70
C MET C 15 -21.91 3.40 25.39
N GLU C 16 -23.10 4.00 25.46
CA GLU C 16 -24.01 4.05 24.32
C GLU C 16 -23.41 4.79 23.12
N LEU C 17 -23.89 4.43 21.94
CA LEU C 17 -23.41 5.03 20.70
C LEU C 17 -24.02 6.39 20.40
N SER C 18 -23.16 7.38 20.28
CA SER C 18 -23.53 8.68 19.75
C SER C 18 -22.36 9.16 18.92
N SER C 19 -22.57 10.19 18.11
CA SER C 19 -21.50 10.70 17.27
C SER C 19 -20.30 11.09 18.14
N LEU C 20 -20.57 11.28 19.42
CA LEU C 20 -19.54 11.61 20.39
C LEU C 20 -18.70 10.37 20.69
N THR C 21 -19.36 9.25 20.93
CA THR C 21 -18.69 8.02 21.34
C THR C 21 -18.22 7.18 20.16
N ALA C 22 -18.60 7.57 18.94
CA ALA C 22 -18.20 6.82 17.75
C ALA C 22 -16.69 6.74 17.61
N VAL C 23 -16.19 5.56 17.28
CA VAL C 23 -14.75 5.35 17.09
C VAL C 23 -14.29 5.99 15.78
N SER C 24 -15.06 5.80 14.72
CA SER C 24 -14.76 6.39 13.43
C SER C 24 -15.39 7.76 13.31
N PRO C 25 -14.63 8.74 12.78
CA PRO C 25 -15.12 10.09 12.51
C PRO C 25 -16.16 10.10 11.38
N VAL C 26 -16.21 9.02 10.60
CA VAL C 26 -17.16 8.92 9.50
C VAL C 26 -18.60 8.88 10.02
N ASP C 27 -18.83 8.11 11.07
CA ASP C 27 -20.07 8.16 11.82
C ASP C 27 -19.87 9.06 13.02
N GLY C 28 -18.63 9.53 13.14
CA GLY C 28 -18.18 10.32 14.26
C GLY C 28 -18.28 11.80 13.93
N ARG C 29 -17.30 12.56 14.41
CA ARG C 29 -17.27 14.01 14.24
C ARG C 29 -17.65 14.49 12.84
N TYR C 30 -17.17 13.78 11.82
CA TYR C 30 -17.41 14.18 10.43
C TYR C 30 -18.71 13.58 9.87
N GLY C 31 -19.44 12.85 10.70
CA GLY C 31 -20.56 12.04 10.23
C GLY C 31 -21.89 12.71 9.94
N ASP C 32 -21.97 14.03 10.05
CA ASP C 32 -23.17 14.72 9.61
C ASP C 32 -23.05 15.05 8.12
N LYS C 33 -21.83 14.94 7.63
CA LYS C 33 -21.52 15.20 6.22
C LYS C 33 -21.87 14.00 5.35
N VAL C 34 -21.77 12.82 5.95
CA VAL C 34 -21.92 11.56 5.22
C VAL C 34 -23.34 11.01 5.24
N SER C 35 -24.27 11.77 5.81
CA SER C 35 -25.59 11.24 6.14
C SER C 35 -26.25 10.49 4.99
N ALA C 36 -26.02 10.93 3.76
CA ALA C 36 -26.59 10.26 2.59
C ALA C 36 -26.25 8.77 2.60
N LEU C 37 -24.98 8.46 2.77
CA LEU C 37 -24.50 7.08 2.76
C LEU C 37 -25.19 6.23 3.81
N ARG C 38 -25.82 6.87 4.79
CA ARG C 38 -26.54 6.17 5.84
C ARG C 38 -27.69 5.34 5.27
N GLY C 39 -28.21 5.75 4.12
CA GLY C 39 -29.30 5.04 3.49
C GLY C 39 -28.85 4.07 2.43
N ILE C 40 -27.53 3.93 2.29
CA ILE C 40 -26.96 3.10 1.23
C ILE C 40 -26.05 1.98 1.75
N PHE C 41 -24.92 2.38 2.33
CA PHE C 41 -23.85 1.44 2.67
C PHE C 41 -23.96 0.84 4.07
N SER C 42 -24.96 1.28 4.83
CA SER C 42 -25.15 0.80 6.20
C SER C 42 -25.74 -0.61 6.20
N GLU C 43 -26.03 -1.13 7.40
CA GLU C 43 -26.76 -2.38 7.53
C GLU C 43 -28.19 -2.11 7.11
N TYR C 44 -28.66 -0.90 7.39
CA TYR C 44 -29.98 -0.46 6.96
C TYR C 44 -30.13 -0.60 5.45
N GLY C 45 -29.23 0.03 4.70
CA GLY C 45 -29.27 -0.03 3.26
C GLY C 45 -29.16 -1.46 2.74
N LEU C 46 -28.31 -2.25 3.39
CA LEU C 46 -28.15 -3.65 3.04
C LEU C 46 -29.50 -4.36 3.12
N LEU C 47 -30.19 -4.17 4.24
CA LEU C 47 -31.51 -4.76 4.44
C LEU C 47 -32.54 -4.24 3.43
N LYS C 48 -32.51 -2.94 3.16
CA LYS C 48 -33.42 -2.31 2.22
C LYS C 48 -33.30 -2.94 0.83
N PHE C 49 -32.09 -2.87 0.28
CA PHE C 49 -31.85 -3.42 -1.05
C PHE C 49 -32.08 -4.93 -1.09
N ARG C 50 -31.73 -5.63 -0.02
CA ARG C 50 -32.00 -7.07 0.07
C ARG C 50 -33.49 -7.33 -0.10
N VAL C 51 -34.29 -6.71 0.75
CA VAL C 51 -35.74 -6.82 0.64
C VAL C 51 -36.18 -6.54 -0.78
N GLN C 52 -35.61 -5.49 -1.37
CA GLN C 52 -35.94 -5.12 -2.74
C GLN C 52 -35.74 -6.27 -3.72
N VAL C 53 -34.53 -6.80 -3.76
CA VAL C 53 -34.17 -7.86 -4.71
C VAL C 53 -34.93 -9.16 -4.44
N GLU C 54 -35.19 -9.47 -3.18
CA GLU C 54 -35.99 -10.64 -2.83
C GLU C 54 -37.41 -10.50 -3.37
N VAL C 55 -38.02 -9.35 -3.09
CA VAL C 55 -39.36 -9.04 -3.56
C VAL C 55 -39.47 -9.11 -5.08
N ARG C 56 -38.55 -8.45 -5.78
CA ARG C 56 -38.52 -8.47 -7.24
C ARG C 56 -38.33 -9.89 -7.75
N TRP C 57 -37.53 -10.68 -7.03
CA TRP C 57 -37.32 -12.08 -7.39
C TRP C 57 -38.64 -12.82 -7.35
N LEU C 58 -39.37 -12.67 -6.24
CA LEU C 58 -40.68 -13.30 -6.11
C LEU C 58 -41.62 -12.85 -7.23
N GLN C 59 -41.55 -11.56 -7.56
CA GLN C 59 -42.37 -10.98 -8.62
C GLN C 59 -42.12 -11.67 -9.95
N LYS C 60 -40.85 -11.77 -10.33
CA LYS C 60 -40.48 -12.42 -11.57
C LYS C 60 -40.87 -13.91 -11.55
N LEU C 61 -40.74 -14.53 -10.38
CA LEU C 61 -41.18 -15.91 -10.20
C LEU C 61 -42.65 -16.06 -10.57
N ALA C 62 -43.49 -15.23 -9.97
CA ALA C 62 -44.92 -15.25 -10.25
C ALA C 62 -45.18 -15.00 -11.73
N ALA C 63 -44.53 -13.98 -12.27
CA ALA C 63 -44.75 -13.53 -13.64
C ALA C 63 -44.38 -14.58 -14.69
N HIS C 64 -43.71 -15.65 -14.26
CA HIS C 64 -43.32 -16.70 -15.20
C HIS C 64 -44.41 -17.76 -15.34
N ALA C 65 -44.70 -18.15 -16.58
CA ALA C 65 -45.74 -19.12 -16.86
C ALA C 65 -45.26 -20.54 -16.59
N ALA C 66 -44.00 -20.81 -16.92
CA ALA C 66 -43.41 -22.14 -16.74
C ALA C 66 -43.43 -22.56 -15.28
N ILE C 67 -43.72 -21.61 -14.40
CA ILE C 67 -43.92 -21.91 -12.98
C ILE C 67 -45.40 -21.74 -12.69
N LYS C 68 -46.11 -22.85 -12.54
CA LYS C 68 -47.55 -22.82 -12.31
C LYS C 68 -47.85 -22.64 -10.83
N GLU C 69 -46.86 -22.92 -10.00
CA GLU C 69 -47.03 -22.94 -8.56
C GLU C 69 -46.93 -21.55 -7.97
N VAL C 70 -46.51 -20.58 -8.78
CA VAL C 70 -46.65 -19.17 -8.43
C VAL C 70 -47.41 -18.47 -9.55
N PRO C 71 -48.74 -18.54 -9.49
CA PRO C 71 -49.60 -17.96 -10.53
C PRO C 71 -49.53 -16.44 -10.52
N ALA C 72 -49.68 -15.83 -11.69
CA ALA C 72 -49.48 -14.39 -11.83
C ALA C 72 -50.28 -13.58 -10.81
N PHE C 73 -49.60 -12.60 -10.21
CA PHE C 73 -50.23 -11.72 -9.24
C PHE C 73 -51.25 -10.80 -9.90
N ALA C 74 -52.16 -10.27 -9.10
CA ALA C 74 -52.98 -9.15 -9.53
C ALA C 74 -52.19 -7.89 -9.21
N ALA C 75 -52.76 -6.73 -9.47
CA ALA C 75 -52.19 -5.49 -8.98
C ALA C 75 -52.82 -5.22 -7.63
N ASP C 76 -53.67 -6.15 -7.22
CA ASP C 76 -54.19 -6.17 -5.87
C ASP C 76 -53.07 -6.71 -5.00
N ALA C 77 -52.12 -7.39 -5.65
CA ALA C 77 -51.03 -8.08 -4.98
C ALA C 77 -49.68 -7.39 -5.19
N ASN C 78 -49.22 -7.35 -6.45
CA ASN C 78 -47.92 -6.73 -6.75
C ASN C 78 -47.84 -5.30 -6.23
N GLY C 79 -49.00 -4.67 -6.07
CA GLY C 79 -49.08 -3.35 -5.45
C GLY C 79 -48.53 -3.38 -4.05
N TYR C 80 -49.00 -4.33 -3.24
CA TYR C 80 -48.51 -4.47 -1.87
C TYR C 80 -47.02 -4.71 -1.85
N LEU C 81 -46.53 -5.59 -2.72
CA LEU C 81 -45.10 -5.87 -2.81
C LEU C 81 -44.30 -4.59 -3.08
N ASP C 82 -44.69 -3.88 -4.13
CA ASP C 82 -44.03 -2.65 -4.51
C ASP C 82 -44.04 -1.62 -3.37
N THR C 83 -45.15 -1.54 -2.63
CA THR C 83 -45.23 -0.63 -1.50
C THR C 83 -44.42 -1.15 -0.32
N LEU C 84 -44.07 -2.44 -0.36
CA LEU C 84 -43.16 -3.00 0.62
C LEU C 84 -41.74 -2.54 0.33
N VAL C 85 -41.36 -2.58 -0.94
CA VAL C 85 -40.03 -2.15 -1.37
C VAL C 85 -39.84 -0.65 -1.18
N ALA C 86 -40.75 0.12 -1.77
CA ALA C 86 -40.62 1.58 -1.86
C ALA C 86 -40.78 2.32 -0.53
N ASN C 87 -41.67 1.84 0.32
CA ASN C 87 -41.94 2.50 1.59
C ASN C 87 -41.12 1.99 2.78
N PHE C 88 -40.12 1.17 2.49
CA PHE C 88 -39.23 0.62 3.51
C PHE C 88 -38.75 1.72 4.46
N ASN C 89 -38.70 1.38 5.75
CA ASN C 89 -38.24 2.33 6.74
C ASN C 89 -37.33 1.69 7.79
N GLU C 90 -36.88 2.51 8.73
CA GLU C 90 -35.91 2.10 9.74
C GLU C 90 -36.40 0.95 10.62
N GLU C 91 -37.67 0.99 10.99
CA GLU C 91 -38.20 -0.02 11.91
C GLU C 91 -38.44 -1.37 11.25
N ASP C 92 -38.51 -1.40 9.92
CA ASP C 92 -38.53 -2.66 9.21
C ASP C 92 -37.17 -3.32 9.37
N ALA C 93 -36.13 -2.52 9.16
CA ALA C 93 -34.76 -2.96 9.35
C ALA C 93 -34.56 -3.43 10.79
N ALA C 94 -35.16 -2.71 11.73
CA ALA C 94 -35.07 -3.07 13.15
C ALA C 94 -35.73 -4.42 13.41
N ARG C 95 -36.93 -4.60 12.87
CA ARG C 95 -37.63 -5.88 12.99
C ARG C 95 -36.75 -7.01 12.45
N ILE C 96 -36.28 -6.83 11.22
CA ILE C 96 -35.39 -7.80 10.59
C ILE C 96 -34.20 -8.12 11.49
N LYS C 97 -33.63 -7.10 12.12
CA LYS C 97 -32.54 -7.31 13.08
C LYS C 97 -32.97 -8.22 14.22
N THR C 98 -34.11 -7.88 14.84
CA THR C 98 -34.64 -8.70 15.93
C THR C 98 -34.92 -10.14 15.48
N ILE C 99 -35.15 -10.33 14.18
CA ILE C 99 -35.33 -11.67 13.63
C ILE C 99 -33.97 -12.34 13.45
N GLU C 100 -32.96 -11.55 13.13
CA GLU C 100 -31.59 -12.05 12.99
C GLU C 100 -31.08 -12.47 14.37
N ARG C 101 -31.70 -11.92 15.41
CA ARG C 101 -31.42 -12.34 16.77
C ARG C 101 -31.77 -13.81 16.94
N THR C 102 -32.95 -14.20 16.44
CA THR C 102 -33.45 -15.57 16.56
C THR C 102 -32.87 -16.55 15.54
N THR C 103 -32.69 -16.11 14.30
CA THR C 103 -32.22 -17.00 13.24
C THR C 103 -30.72 -17.23 13.26
N ASN C 104 -29.96 -16.21 13.65
CA ASN C 104 -28.50 -16.24 13.59
C ASN C 104 -27.98 -16.18 12.16
N HIS C 105 -28.90 -16.22 11.21
CA HIS C 105 -28.56 -15.98 9.80
C HIS C 105 -29.22 -14.67 9.35
N ASP C 106 -28.39 -13.70 8.97
CA ASP C 106 -28.87 -12.35 8.69
C ASP C 106 -29.70 -12.25 7.41
N VAL C 107 -29.51 -13.19 6.49
CA VAL C 107 -30.29 -13.22 5.25
C VAL C 107 -31.67 -13.82 5.47
N LYS C 108 -31.73 -14.89 6.25
CA LYS C 108 -32.99 -15.57 6.54
C LYS C 108 -34.05 -14.64 7.11
N ALA C 109 -33.60 -13.62 7.84
CA ALA C 109 -34.50 -12.67 8.49
C ALA C 109 -35.27 -11.81 7.48
N VAL C 110 -34.71 -11.64 6.29
CA VAL C 110 -35.43 -10.93 5.23
C VAL C 110 -36.56 -11.82 4.72
N GLU C 111 -36.31 -13.13 4.69
CA GLU C 111 -37.31 -14.09 4.30
C GLU C 111 -38.45 -14.13 5.32
N TYR C 112 -38.09 -14.34 6.59
CA TYR C 112 -39.07 -14.33 7.66
C TYR C 112 -39.86 -13.03 7.68
N PHE C 113 -39.16 -11.91 7.69
CA PHE C 113 -39.79 -10.60 7.69
C PHE C 113 -40.77 -10.47 6.53
N LEU C 114 -40.33 -10.84 5.33
CA LEU C 114 -41.18 -10.80 4.15
C LEU C 114 -42.43 -11.64 4.33
N LYS C 115 -42.27 -12.82 4.93
CA LYS C 115 -43.37 -13.76 5.08
C LYS C 115 -44.37 -13.32 6.14
N GLU C 116 -43.89 -12.66 7.19
CA GLU C 116 -44.75 -12.17 8.25
C GLU C 116 -45.44 -10.89 7.80
N LYS C 117 -44.83 -10.18 6.87
CA LYS C 117 -45.45 -9.04 6.22
C LYS C 117 -46.57 -9.55 5.32
N VAL C 118 -46.27 -10.61 4.59
CA VAL C 118 -47.13 -11.13 3.53
C VAL C 118 -48.25 -12.05 4.05
N ALA C 119 -48.13 -12.47 5.31
CA ALA C 119 -49.06 -13.43 5.89
C ALA C 119 -50.52 -12.98 5.80
N ALA C 120 -50.73 -11.67 5.78
CA ALA C 120 -52.07 -11.10 5.72
C ALA C 120 -52.77 -11.35 4.39
N ILE C 121 -52.06 -11.15 3.28
CA ILE C 121 -52.62 -11.40 1.97
C ILE C 121 -52.45 -12.87 1.62
N PRO C 122 -53.55 -13.63 1.60
CA PRO C 122 -53.47 -15.08 1.39
C PRO C 122 -52.93 -15.44 0.02
N ALA C 123 -53.12 -14.55 -0.95
CA ALA C 123 -52.60 -14.78 -2.30
C ALA C 123 -51.08 -14.89 -2.29
N LEU C 124 -50.44 -13.99 -1.56
CA LEU C 124 -48.99 -14.00 -1.42
C LEU C 124 -48.53 -15.03 -0.39
N HIS C 125 -49.26 -15.11 0.72
CA HIS C 125 -48.96 -16.06 1.78
C HIS C 125 -48.96 -17.50 1.27
N ASP C 126 -49.76 -17.76 0.23
CA ASP C 126 -49.87 -19.09 -0.33
C ASP C 126 -48.66 -19.45 -1.20
N VAL C 127 -48.00 -18.44 -1.76
CA VAL C 127 -46.77 -18.64 -2.52
C VAL C 127 -45.53 -18.34 -1.67
N SER C 128 -45.75 -18.00 -0.40
CA SER C 128 -44.70 -17.43 0.44
C SER C 128 -43.49 -18.34 0.66
N GLU C 129 -43.61 -19.62 0.29
CA GLU C 129 -42.50 -20.55 0.40
C GLU C 129 -41.58 -20.47 -0.81
N PHE C 130 -41.96 -19.67 -1.80
CA PHE C 130 -41.16 -19.48 -3.00
C PHE C 130 -40.25 -18.26 -2.92
N ILE C 131 -40.34 -17.54 -1.80
CA ILE C 131 -39.46 -16.40 -1.57
C ILE C 131 -38.01 -16.90 -1.46
N HIS C 132 -37.12 -16.27 -2.22
CA HIS C 132 -35.71 -16.67 -2.24
C HIS C 132 -35.54 -18.08 -2.81
N PHE C 133 -36.46 -18.48 -3.69
CA PHE C 133 -36.46 -19.83 -4.24
C PHE C 133 -35.17 -20.18 -4.97
N ALA C 134 -34.56 -21.28 -4.59
CA ALA C 134 -33.38 -21.80 -5.28
C ALA C 134 -32.17 -20.87 -5.18
N CYS C 135 -32.39 -19.68 -4.64
CA CYS C 135 -31.31 -18.72 -4.47
C CYS C 135 -30.38 -19.16 -3.35
N THR C 136 -29.14 -18.68 -3.40
CA THR C 136 -28.27 -18.76 -2.23
C THR C 136 -27.89 -17.33 -1.82
N SER C 137 -27.51 -17.16 -0.56
CA SER C 137 -27.42 -15.85 0.08
C SER C 137 -26.73 -14.74 -0.74
N GLU C 138 -25.64 -15.08 -1.42
CA GLU C 138 -24.89 -14.07 -2.15
C GLU C 138 -25.56 -13.64 -3.46
N ASP C 139 -26.55 -14.38 -3.91
CA ASP C 139 -27.38 -13.93 -5.03
C ASP C 139 -28.04 -12.62 -4.62
N ILE C 140 -28.63 -12.62 -3.43
CA ILE C 140 -29.24 -11.43 -2.86
C ILE C 140 -28.17 -10.40 -2.51
N ASN C 141 -27.21 -10.82 -1.69
CA ASN C 141 -26.16 -9.92 -1.21
C ASN C 141 -25.43 -9.14 -2.30
N ASN C 142 -25.00 -9.83 -3.35
CA ASN C 142 -24.21 -9.20 -4.40
C ASN C 142 -24.98 -8.14 -5.19
N LEU C 143 -26.24 -8.43 -5.47
CA LEU C 143 -27.10 -7.47 -6.16
C LEU C 143 -27.41 -6.30 -5.24
N SER C 144 -27.57 -6.58 -3.95
CA SER C 144 -27.74 -5.54 -2.96
C SER C 144 -26.55 -4.60 -3.02
N HIS C 145 -25.36 -5.18 -3.07
CA HIS C 145 -24.12 -4.42 -3.19
C HIS C 145 -24.12 -3.58 -4.46
N ALA C 146 -24.49 -4.20 -5.57
CA ALA C 146 -24.54 -3.51 -6.86
C ALA C 146 -25.42 -2.27 -6.78
N LEU C 147 -26.59 -2.43 -6.16
CA LEU C 147 -27.50 -1.31 -5.98
C LEU C 147 -26.94 -0.26 -5.03
N MET C 148 -26.18 -0.70 -4.02
CA MET C 148 -25.51 0.23 -3.13
C MET C 148 -24.55 1.12 -3.92
N LEU C 149 -23.65 0.48 -4.67
CA LEU C 149 -22.64 1.19 -5.44
C LEU C 149 -23.22 2.09 -6.52
N LYS C 150 -24.13 1.54 -7.33
CA LYS C 150 -24.77 2.33 -8.38
C LYS C 150 -25.51 3.52 -7.77
N THR C 151 -26.30 3.24 -6.74
CA THR C 151 -27.09 4.26 -6.08
C THR C 151 -26.21 5.40 -5.57
N ALA C 152 -25.17 5.05 -4.81
CA ALA C 152 -24.25 6.06 -4.30
C ALA C 152 -23.59 6.82 -5.44
N ARG C 153 -23.27 6.09 -6.50
CA ARG C 153 -22.54 6.66 -7.63
C ARG C 153 -23.34 7.71 -8.38
N ASP C 154 -24.60 7.41 -8.70
CA ASP C 154 -25.45 8.38 -9.38
C ASP C 154 -25.92 9.49 -8.43
N GLU C 155 -26.43 9.11 -7.27
CA GLU C 155 -27.05 10.06 -6.35
C GLU C 155 -26.06 10.90 -5.54
N VAL C 156 -24.91 10.31 -5.19
CA VAL C 156 -23.97 10.95 -4.27
C VAL C 156 -22.66 11.38 -4.93
N ILE C 157 -21.86 10.42 -5.32
CA ILE C 157 -20.50 10.66 -5.82
C ILE C 157 -20.45 11.61 -7.02
N LEU C 158 -21.14 11.27 -8.10
CA LEU C 158 -21.09 12.05 -9.33
C LEU C 158 -21.51 13.52 -9.17
N PRO C 159 -22.62 13.77 -8.46
CA PRO C 159 -23.01 15.16 -8.20
C PRO C 159 -21.87 15.96 -7.55
N TYR C 160 -21.20 15.35 -6.58
CA TYR C 160 -20.07 15.99 -5.92
C TYR C 160 -18.90 16.23 -6.87
N TRP C 161 -18.49 15.19 -7.58
CA TRP C 161 -17.42 15.33 -8.57
C TRP C 161 -17.73 16.51 -9.49
N ARG C 162 -18.99 16.62 -9.87
CA ARG C 162 -19.45 17.69 -10.73
C ARG C 162 -19.30 19.05 -10.05
N GLN C 163 -19.73 19.13 -8.79
CA GLN C 163 -19.63 20.37 -8.03
C GLN C 163 -18.18 20.86 -7.95
N VAL C 164 -17.27 19.91 -7.70
CA VAL C 164 -15.85 20.23 -7.58
C VAL C 164 -15.29 20.67 -8.93
N ILE C 165 -15.56 19.88 -9.96
CA ILE C 165 -15.14 20.20 -11.33
C ILE C 165 -15.61 21.59 -11.72
N ASN C 166 -16.82 21.95 -11.31
CA ASN C 166 -17.36 23.26 -11.61
C ASN C 166 -16.72 24.36 -10.77
N ALA C 167 -16.38 24.04 -9.52
CA ALA C 167 -15.66 24.99 -8.67
C ALA C 167 -14.34 25.36 -9.32
N VAL C 168 -13.56 24.33 -9.66
CA VAL C 168 -12.25 24.53 -10.29
C VAL C 168 -12.40 25.21 -11.65
N LYS C 169 -13.42 24.83 -12.39
CA LYS C 169 -13.72 25.44 -13.68
C LYS C 169 -13.98 26.93 -13.52
N ASP C 170 -14.67 27.29 -12.45
CA ASP C 170 -14.99 28.68 -12.16
C ASP C 170 -13.74 29.46 -11.75
N LEU C 171 -12.90 28.84 -10.93
CA LEU C 171 -11.62 29.45 -10.58
C LEU C 171 -10.77 29.66 -11.82
N ALA C 172 -10.97 28.80 -12.82
CA ALA C 172 -10.24 28.87 -14.07
C ALA C 172 -10.75 29.99 -14.96
N THR C 173 -12.07 30.06 -15.13
CA THR C 173 -12.69 31.01 -16.05
C THR C 173 -12.65 32.43 -15.50
N GLN C 174 -12.79 32.58 -14.18
CA GLN C 174 -12.71 33.89 -13.56
C GLN C 174 -11.30 34.46 -13.71
N TYR C 175 -10.32 33.63 -13.39
CA TYR C 175 -8.93 34.05 -13.27
C TYR C 175 -8.10 33.86 -14.54
N ARG C 176 -8.76 33.46 -15.63
CA ARG C 176 -8.08 33.11 -16.88
C ARG C 176 -7.00 34.12 -17.30
N ASP C 177 -7.32 35.41 -17.23
CA ASP C 177 -6.40 36.43 -17.72
C ASP C 177 -5.47 37.00 -16.64
N ILE C 178 -5.56 36.45 -15.43
CA ILE C 178 -4.68 36.87 -14.34
C ILE C 178 -3.33 36.17 -14.46
N PRO C 179 -2.27 36.94 -14.76
CA PRO C 179 -0.93 36.37 -14.95
C PRO C 179 -0.33 35.86 -13.65
N LEU C 180 0.29 34.68 -13.72
CA LEU C 180 0.93 34.06 -12.58
C LEU C 180 2.32 33.57 -12.96
N LEU C 181 3.28 33.74 -12.05
CA LEU C 181 4.63 33.28 -12.30
C LEU C 181 4.77 31.81 -11.91
N SER C 182 5.08 30.96 -12.90
CA SER C 182 5.10 29.53 -12.71
C SER C 182 6.24 29.07 -11.80
N ARG C 183 6.07 27.88 -11.21
CA ARG C 183 7.08 27.30 -10.34
C ARG C 183 7.40 25.86 -10.75
N THR C 184 8.63 25.64 -11.21
CA THR C 184 9.10 24.29 -11.53
C THR C 184 10.32 23.98 -10.68
N HIS C 185 10.29 22.83 -10.02
CA HIS C 185 11.19 22.56 -8.89
C HIS C 185 11.24 23.74 -7.91
N GLY C 186 10.06 24.32 -7.66
CA GLY C 186 9.89 25.35 -6.66
C GLY C 186 10.31 26.74 -7.08
N GLN C 187 10.97 26.86 -8.22
CA GLN C 187 11.61 28.11 -8.59
C GLN C 187 10.99 28.73 -9.84
N PRO C 188 11.11 30.06 -9.98
CA PRO C 188 10.43 30.80 -11.05
C PRO C 188 10.65 30.18 -12.41
N ALA C 189 9.60 30.16 -13.23
CA ALA C 189 9.65 29.57 -14.56
C ALA C 189 8.77 30.36 -15.53
N THR C 190 8.63 29.86 -16.75
CA THR C 190 7.86 30.55 -17.78
C THR C 190 6.44 30.86 -17.33
N PRO C 191 6.04 32.14 -17.40
CA PRO C 191 4.78 32.67 -16.85
C PRO C 191 3.54 32.00 -17.41
N SER C 192 2.44 32.12 -16.67
CA SER C 192 1.19 31.44 -17.00
C SER C 192 0.02 32.22 -16.37
N THR C 193 -1.15 31.61 -16.34
CA THR C 193 -2.30 32.18 -15.65
C THR C 193 -2.86 31.23 -14.60
N LEU C 194 -3.56 31.77 -13.62
CA LEU C 194 -4.28 30.96 -12.64
C LEU C 194 -5.31 30.11 -13.39
N GLY C 195 -5.97 30.74 -14.36
CA GLY C 195 -7.02 30.08 -15.10
C GLY C 195 -6.57 28.81 -15.78
N LYS C 196 -5.37 28.84 -16.35
CA LYS C 196 -4.80 27.67 -17.00
C LYS C 196 -4.53 26.59 -15.97
N GLU C 197 -3.90 27.00 -14.87
CA GLU C 197 -3.51 26.08 -13.80
C GLU C 197 -4.70 25.37 -13.16
N MET C 198 -5.84 26.04 -13.07
CA MET C 198 -7.05 25.40 -12.59
C MET C 198 -7.68 24.58 -13.71
N ALA C 199 -7.55 25.09 -14.93
CA ALA C 199 -8.09 24.44 -16.11
C ALA C 199 -7.54 23.02 -16.27
N ASN C 200 -6.26 22.85 -15.97
CA ASN C 200 -5.64 21.53 -16.03
C ASN C 200 -6.39 20.56 -15.11
N VAL C 201 -6.54 20.97 -13.86
CA VAL C 201 -7.23 20.17 -12.86
C VAL C 201 -8.63 19.82 -13.33
N ALA C 202 -9.32 20.81 -13.90
CA ALA C 202 -10.67 20.59 -14.42
C ALA C 202 -10.66 19.50 -15.49
N TYR C 203 -9.71 19.61 -16.42
CA TYR C 203 -9.60 18.68 -17.53
C TYR C 203 -9.38 17.26 -17.02
N ARG C 204 -8.39 17.08 -16.16
CA ARG C 204 -8.10 15.76 -15.59
C ARG C 204 -9.33 15.21 -14.88
N MET C 205 -9.90 16.01 -13.98
CA MET C 205 -11.08 15.63 -13.23
C MET C 205 -12.20 15.13 -14.15
N GLU C 206 -12.49 15.88 -15.21
CA GLU C 206 -13.52 15.47 -16.16
C GLU C 206 -13.15 14.13 -16.80
N ARG C 207 -11.88 14.03 -17.20
CA ARG C 207 -11.36 12.78 -17.77
C ARG C 207 -11.70 11.60 -16.86
N GLN C 208 -11.60 11.81 -15.55
CA GLN C 208 -11.96 10.76 -14.60
C GLN C 208 -13.47 10.55 -14.50
N PHE C 209 -14.20 11.65 -14.50
CA PHE C 209 -15.66 11.63 -14.41
C PHE C 209 -16.23 10.71 -15.48
N ARG C 210 -15.86 10.97 -16.73
CA ARG C 210 -16.33 10.15 -17.83
C ARG C 210 -16.10 8.67 -17.53
N GLN C 211 -14.87 8.36 -17.12
CA GLN C 211 -14.48 6.98 -16.83
C GLN C 211 -15.40 6.35 -15.78
N LEU C 212 -15.57 7.02 -14.65
CA LEU C 212 -16.42 6.50 -13.58
C LEU C 212 -17.83 6.27 -14.11
N ASN C 213 -18.28 7.14 -14.99
CA ASN C 213 -19.61 7.01 -15.58
C ASN C 213 -19.69 5.80 -16.51
N GLN C 214 -18.55 5.43 -17.10
CA GLN C 214 -18.50 4.33 -18.06
C GLN C 214 -18.19 2.98 -17.41
N VAL C 215 -18.01 2.97 -16.10
CA VAL C 215 -17.67 1.74 -15.40
C VAL C 215 -18.88 0.81 -15.25
N GLU C 216 -18.69 -0.46 -15.58
CA GLU C 216 -19.76 -1.44 -15.47
C GLU C 216 -20.05 -1.78 -14.01
N ILE C 217 -21.30 -2.16 -13.74
CA ILE C 217 -21.69 -2.62 -12.41
C ILE C 217 -22.43 -3.95 -12.55
N LEU C 218 -22.02 -4.97 -11.82
CA LEU C 218 -22.38 -6.34 -12.14
C LEU C 218 -23.08 -7.15 -11.03
N GLY C 219 -23.93 -8.09 -11.46
CA GLY C 219 -24.63 -9.02 -10.58
C GLY C 219 -24.82 -10.33 -11.31
N LYS C 220 -25.10 -11.39 -10.55
CA LYS C 220 -25.12 -12.72 -11.15
C LYS C 220 -26.44 -13.49 -10.98
N ILE C 221 -26.76 -13.82 -9.73
CA ILE C 221 -27.86 -14.74 -9.38
C ILE C 221 -27.93 -16.02 -10.25
N ASN C 222 -26.87 -16.82 -10.18
CA ASN C 222 -26.90 -18.17 -10.73
C ASN C 222 -27.14 -19.26 -9.68
N GLY C 223 -27.21 -18.85 -8.41
CA GLY C 223 -27.40 -19.79 -7.32
C GLY C 223 -26.09 -20.26 -6.68
N ALA C 224 -26.13 -21.44 -6.08
CA ALA C 224 -25.07 -21.89 -5.16
C ALA C 224 -23.63 -21.70 -5.67
N VAL C 225 -23.21 -22.51 -6.63
CA VAL C 225 -21.86 -22.37 -7.19
C VAL C 225 -21.89 -21.59 -8.49
N GLY C 226 -23.09 -21.19 -8.91
CA GLY C 226 -23.27 -20.41 -10.11
C GLY C 226 -23.69 -21.23 -11.31
N ASN C 227 -23.98 -22.51 -11.10
CA ASN C 227 -24.35 -23.40 -12.19
C ASN C 227 -25.87 -23.60 -12.39
N TYR C 228 -26.67 -22.91 -11.59
CA TYR C 228 -28.12 -23.06 -11.66
C TYR C 228 -28.56 -24.47 -11.28
N ASN C 229 -27.84 -25.09 -10.35
CA ASN C 229 -28.09 -26.49 -10.00
C ASN C 229 -29.52 -26.74 -9.50
N ALA C 230 -29.89 -26.08 -8.42
CA ALA C 230 -31.21 -26.29 -7.80
C ALA C 230 -32.33 -25.78 -8.69
N HIS C 231 -32.05 -24.70 -9.43
CA HIS C 231 -33.03 -24.12 -10.34
C HIS C 231 -33.47 -25.17 -11.35
N ILE C 232 -32.50 -25.79 -12.00
CA ILE C 232 -32.76 -26.81 -13.00
C ILE C 232 -33.29 -28.09 -12.35
N ALA C 233 -32.86 -28.34 -11.11
CA ALA C 233 -33.35 -29.49 -10.37
C ALA C 233 -34.87 -29.42 -10.23
N ALA C 234 -35.35 -28.29 -9.72
CA ALA C 234 -36.78 -28.09 -9.48
C ALA C 234 -37.57 -27.80 -10.75
N TYR C 235 -37.04 -26.92 -11.59
CA TYR C 235 -37.72 -26.52 -12.84
C TYR C 235 -36.80 -26.66 -14.04
N PRO C 236 -36.63 -27.90 -14.54
CA PRO C 236 -35.73 -28.19 -15.66
C PRO C 236 -36.19 -27.55 -16.96
N GLU C 237 -37.48 -27.20 -17.03
CA GLU C 237 -38.07 -26.67 -18.26
C GLU C 237 -37.63 -25.24 -18.56
N VAL C 238 -37.40 -24.46 -17.52
CA VAL C 238 -37.12 -23.04 -17.66
C VAL C 238 -35.70 -22.78 -18.17
N ASP C 239 -35.51 -21.64 -18.84
CA ASP C 239 -34.17 -21.16 -19.11
C ASP C 239 -33.81 -20.19 -17.99
N TRP C 240 -32.90 -20.61 -17.11
CA TRP C 240 -32.55 -19.81 -15.95
C TRP C 240 -31.41 -18.86 -16.24
N HIS C 241 -30.79 -19.04 -17.40
CA HIS C 241 -29.80 -18.08 -17.88
C HIS C 241 -30.55 -16.84 -18.37
N GLN C 242 -31.62 -17.09 -19.12
CA GLN C 242 -32.53 -16.03 -19.53
C GLN C 242 -33.07 -15.35 -18.28
N PHE C 243 -33.60 -16.16 -17.38
CA PHE C 243 -34.18 -15.69 -16.13
C PHE C 243 -33.19 -14.77 -15.42
N SER C 244 -31.93 -15.21 -15.37
CA SER C 244 -30.89 -14.49 -14.65
C SER C 244 -30.55 -13.17 -15.31
N GLU C 245 -30.22 -13.22 -16.60
CA GLU C 245 -29.90 -12.01 -17.36
C GLU C 245 -31.01 -10.99 -17.19
N GLU C 246 -32.24 -11.40 -17.49
CA GLU C 246 -33.40 -10.52 -17.39
C GLU C 246 -33.54 -9.93 -16.00
N PHE C 247 -33.58 -10.79 -14.99
CA PHE C 247 -33.78 -10.33 -13.62
C PHE C 247 -32.71 -9.35 -13.15
N VAL C 248 -31.46 -9.58 -13.56
CA VAL C 248 -30.36 -8.71 -13.15
C VAL C 248 -30.35 -7.39 -13.92
N THR C 249 -30.78 -7.42 -15.18
CA THR C 249 -30.90 -6.20 -15.99
C THR C 249 -32.08 -5.35 -15.56
N SER C 250 -33.11 -5.98 -15.02
CA SER C 250 -34.32 -5.28 -14.61
C SER C 250 -34.09 -4.43 -13.36
N LEU C 251 -32.97 -4.68 -12.69
CA LEU C 251 -32.63 -3.96 -11.47
C LEU C 251 -31.91 -2.64 -11.76
N GLY C 252 -31.52 -2.46 -13.02
CA GLY C 252 -30.74 -1.29 -13.41
C GLY C 252 -29.27 -1.63 -13.38
N ILE C 253 -28.98 -2.92 -13.28
CA ILE C 253 -27.61 -3.39 -13.14
C ILE C 253 -27.20 -4.12 -14.42
N GLN C 254 -25.96 -4.56 -14.46
CA GLN C 254 -25.43 -5.27 -15.61
C GLN C 254 -25.05 -6.70 -15.25
N TRP C 255 -25.20 -7.59 -16.23
CA TRP C 255 -25.21 -9.02 -15.99
C TRP C 255 -23.83 -9.68 -16.09
N ASN C 256 -23.56 -10.63 -15.18
CA ASN C 256 -22.30 -11.34 -15.12
C ASN C 256 -22.57 -12.85 -15.18
N PRO C 257 -22.65 -13.41 -16.39
CA PRO C 257 -23.08 -14.79 -16.62
C PRO C 257 -22.15 -15.83 -15.98
N TYR C 258 -20.88 -15.51 -15.85
CA TYR C 258 -19.91 -16.47 -15.33
C TYR C 258 -19.42 -16.14 -13.93
N THR C 259 -19.78 -17.00 -12.98
CA THR C 259 -19.50 -16.73 -11.57
C THR C 259 -19.41 -18.01 -10.74
N THR C 260 -18.69 -17.93 -9.62
CA THR C 260 -18.75 -18.90 -8.54
C THR C 260 -19.87 -18.45 -7.62
N GLN C 261 -19.92 -18.99 -6.41
CA GLN C 261 -20.91 -18.58 -5.42
C GLN C 261 -21.01 -17.06 -5.25
N ILE C 262 -19.89 -16.35 -5.44
CA ILE C 262 -19.86 -14.89 -5.30
C ILE C 262 -19.43 -14.18 -6.58
N GLU C 263 -19.95 -12.97 -6.78
CA GLU C 263 -19.47 -12.09 -7.84
C GLU C 263 -18.00 -11.75 -7.56
N PRO C 264 -17.16 -11.82 -8.59
CA PRO C 264 -15.70 -11.69 -8.44
C PRO C 264 -15.26 -10.36 -7.82
N HIS C 265 -16.16 -9.37 -7.80
CA HIS C 265 -15.86 -8.06 -7.23
C HIS C 265 -14.79 -7.32 -8.04
N ASP C 266 -14.79 -7.51 -9.35
CA ASP C 266 -13.86 -6.79 -10.23
C ASP C 266 -14.31 -5.35 -10.46
N TYR C 267 -15.61 -5.17 -10.72
CA TYR C 267 -16.16 -3.86 -11.01
C TYR C 267 -15.99 -2.93 -9.81
N ILE C 268 -15.88 -3.51 -8.62
CA ILE C 268 -15.59 -2.73 -7.42
C ILE C 268 -14.17 -2.21 -7.52
N ALA C 269 -13.27 -3.05 -8.00
CA ALA C 269 -11.89 -2.66 -8.22
C ALA C 269 -11.82 -1.51 -9.22
N GLU C 270 -12.49 -1.67 -10.35
CA GLU C 270 -12.54 -0.60 -11.36
C GLU C 270 -13.07 0.70 -10.75
N LEU C 271 -14.24 0.62 -10.12
CA LEU C 271 -14.84 1.77 -9.44
C LEU C 271 -13.81 2.48 -8.56
N PHE C 272 -13.40 1.80 -7.49
CA PHE C 272 -12.52 2.40 -6.50
C PHE C 272 -11.17 2.83 -7.09
N ASP C 273 -10.80 2.25 -8.23
CA ASP C 273 -9.60 2.70 -8.92
C ASP C 273 -9.83 4.08 -9.51
N CYS C 274 -10.94 4.23 -10.22
CA CYS C 274 -11.31 5.52 -10.79
C CYS C 274 -11.44 6.56 -9.68
N ILE C 275 -12.23 6.23 -8.65
CA ILE C 275 -12.45 7.10 -7.51
C ILE C 275 -11.13 7.51 -6.87
N ALA C 276 -10.22 6.56 -6.72
CA ALA C 276 -8.91 6.84 -6.14
C ALA C 276 -8.11 7.79 -7.03
N ARG C 277 -8.24 7.62 -8.34
CA ARG C 277 -7.56 8.51 -9.29
C ARG C 277 -8.05 9.94 -9.14
N PHE C 278 -9.37 10.11 -9.14
CA PHE C 278 -9.97 11.43 -8.93
C PHE C 278 -9.45 12.01 -7.63
N ASN C 279 -9.55 11.21 -6.56
CA ASN C 279 -9.06 11.61 -5.25
C ASN C 279 -7.62 12.09 -5.29
N THR C 280 -6.81 11.45 -6.13
CA THR C 280 -5.39 11.79 -6.24
C THR C 280 -5.22 13.12 -6.96
N ILE C 281 -6.02 13.34 -8.00
CA ILE C 281 -6.00 14.62 -8.70
C ILE C 281 -6.36 15.73 -7.73
N LEU C 282 -7.37 15.48 -6.90
CA LEU C 282 -7.82 16.45 -5.90
C LEU C 282 -6.77 16.64 -4.80
N ILE C 283 -5.99 15.60 -4.55
CA ILE C 283 -4.89 15.71 -3.60
C ILE C 283 -3.85 16.66 -4.16
N ASP C 284 -3.48 16.45 -5.41
CA ASP C 284 -2.54 17.33 -6.09
C ASP C 284 -3.04 18.77 -6.03
N PHE C 285 -4.32 18.96 -6.33
CA PHE C 285 -4.94 20.28 -6.30
C PHE C 285 -4.85 20.92 -4.92
N ASP C 286 -5.34 20.21 -3.90
CA ASP C 286 -5.29 20.70 -2.52
C ASP C 286 -3.87 21.13 -2.15
N ARG C 287 -2.90 20.30 -2.52
CA ARG C 287 -1.50 20.60 -2.22
C ARG C 287 -1.03 21.88 -2.91
N ASP C 288 -1.29 21.98 -4.22
CA ASP C 288 -0.88 23.16 -4.98
C ASP C 288 -1.50 24.43 -4.43
N VAL C 289 -2.77 24.36 -4.06
CA VAL C 289 -3.47 25.51 -3.49
C VAL C 289 -2.89 25.87 -2.14
N TRP C 290 -2.57 24.85 -1.35
CA TRP C 290 -1.88 25.05 -0.08
C TRP C 290 -0.61 25.86 -0.35
N GLY C 291 0.11 25.48 -1.40
CA GLY C 291 1.32 26.16 -1.80
C GLY C 291 1.09 27.61 -2.17
N TYR C 292 0.12 27.85 -3.05
CA TYR C 292 -0.20 29.21 -3.49
C TYR C 292 -0.58 30.09 -2.31
N ILE C 293 -1.32 29.54 -1.35
CA ILE C 293 -1.66 30.27 -0.15
C ILE C 293 -0.41 30.55 0.67
N ALA C 294 0.53 29.61 0.65
CA ALA C 294 1.79 29.78 1.36
C ALA C 294 2.65 30.87 0.73
N LEU C 295 2.33 31.20 -0.53
CA LEU C 295 3.05 32.27 -1.24
C LEU C 295 2.33 33.60 -1.12
N ASN C 296 1.21 33.60 -0.40
CA ASN C 296 0.34 34.78 -0.34
C ASN C 296 -0.28 35.07 -1.71
N HIS C 297 -0.40 34.04 -2.54
CA HIS C 297 -1.00 34.18 -3.86
C HIS C 297 -2.51 34.29 -3.76
N PHE C 298 -3.07 33.79 -2.66
CA PHE C 298 -4.49 33.94 -2.39
C PHE C 298 -4.69 34.76 -1.11
N LYS C 299 -5.83 35.43 -1.02
CA LYS C 299 -6.19 36.18 0.18
C LYS C 299 -7.65 35.94 0.52
N GLN C 300 -8.12 36.56 1.60
CA GLN C 300 -9.50 36.39 2.04
C GLN C 300 -10.49 37.16 1.18
N LYS C 301 -11.76 37.06 1.55
CA LYS C 301 -12.83 37.79 0.90
C LYS C 301 -13.38 38.85 1.85
N THR C 302 -13.60 40.05 1.34
CA THR C 302 -14.19 41.12 2.13
C THR C 302 -15.55 40.69 2.65
N PRO C 313 -4.92 43.35 3.11
CA PRO C 313 -4.91 41.92 2.74
C PRO C 313 -4.97 41.00 3.96
N HIS C 314 -5.90 40.06 3.96
CA HIS C 314 -6.03 39.13 5.07
C HIS C 314 -5.46 37.74 4.73
N LYS C 315 -4.84 37.10 5.72
CA LYS C 315 -4.24 35.79 5.52
C LYS C 315 -5.28 34.69 5.64
N VAL C 316 -5.22 33.71 4.73
CA VAL C 316 -6.25 32.68 4.63
C VAL C 316 -5.79 31.37 5.27
N ASN C 317 -6.72 30.65 5.90
CA ASN C 317 -6.40 29.34 6.48
C ASN C 317 -6.71 28.22 5.50
N PRO C 318 -5.69 27.44 5.11
CA PRO C 318 -5.93 26.30 4.23
C PRO C 318 -6.28 25.06 5.04
N ILE C 319 -7.23 25.20 5.96
CA ILE C 319 -7.62 24.09 6.81
C ILE C 319 -8.58 23.15 6.09
N ASP C 320 -9.25 23.68 5.07
CA ASP C 320 -10.19 22.89 4.29
C ASP C 320 -9.45 22.02 3.29
N PHE C 321 -8.36 22.56 2.74
CA PHE C 321 -7.52 21.79 1.83
C PHE C 321 -6.64 20.81 2.60
N GLU C 322 -6.36 21.15 3.85
CA GLU C 322 -5.62 20.24 4.73
C GLU C 322 -6.53 19.10 5.20
N ASN C 323 -7.79 19.42 5.43
CA ASN C 323 -8.78 18.40 5.79
C ASN C 323 -9.06 17.48 4.62
N SER C 324 -9.32 18.06 3.46
CA SER C 324 -9.58 17.29 2.25
C SER C 324 -8.37 16.41 1.95
N GLU C 325 -7.20 17.04 1.88
CA GLU C 325 -5.96 16.32 1.64
C GLU C 325 -5.80 15.18 2.64
N GLY C 326 -6.18 15.45 3.89
CA GLY C 326 -6.08 14.45 4.95
C GLY C 326 -6.95 13.24 4.71
N ASN C 327 -8.24 13.47 4.48
CA ASN C 327 -9.21 12.37 4.32
C ASN C 327 -9.11 11.62 2.99
N LEU C 328 -8.63 12.28 1.96
CA LEU C 328 -8.50 11.65 0.65
C LEU C 328 -7.55 10.45 0.68
N GLY C 329 -6.46 10.59 1.43
CA GLY C 329 -5.48 9.52 1.54
C GLY C 329 -6.06 8.28 2.21
N LEU C 330 -6.85 8.50 3.26
CA LEU C 330 -7.54 7.41 3.95
C LEU C 330 -8.55 6.76 3.00
N SER C 331 -9.29 7.60 2.28
CA SER C 331 -10.22 7.10 1.28
C SER C 331 -9.54 6.17 0.31
N ASN C 332 -8.41 6.61 -0.24
CA ASN C 332 -7.66 5.82 -1.22
C ASN C 332 -7.06 4.56 -0.60
N ALA C 333 -6.66 4.65 0.66
CA ALA C 333 -6.16 3.48 1.37
C ALA C 333 -7.24 2.40 1.43
N VAL C 334 -8.40 2.78 1.96
CA VAL C 334 -9.52 1.86 2.09
C VAL C 334 -9.99 1.30 0.74
N LEU C 335 -10.34 2.20 -0.17
CA LEU C 335 -10.80 1.81 -1.49
C LEU C 335 -9.80 0.86 -2.13
N HIS C 336 -8.52 1.24 -2.06
CA HIS C 336 -7.47 0.43 -2.63
C HIS C 336 -7.49 -0.97 -2.03
N HIS C 337 -7.56 -1.05 -0.71
CA HIS C 337 -7.58 -2.35 -0.04
C HIS C 337 -8.74 -3.21 -0.53
N LEU C 338 -9.95 -2.64 -0.50
CA LEU C 338 -11.13 -3.37 -0.95
C LEU C 338 -10.91 -3.89 -2.38
N ALA C 339 -10.33 -3.04 -3.21
CA ALA C 339 -10.12 -3.35 -4.62
C ALA C 339 -9.11 -4.48 -4.83
N ASN C 340 -8.07 -4.50 -4.02
CA ASN C 340 -7.03 -5.54 -4.13
C ASN C 340 -7.42 -6.88 -3.51
N LYS C 341 -8.03 -6.84 -2.32
CA LYS C 341 -8.41 -8.04 -1.60
C LYS C 341 -9.72 -8.70 -2.09
N LEU C 342 -10.73 -7.88 -2.34
CA LEU C 342 -12.06 -8.40 -2.69
C LEU C 342 -12.10 -9.44 -3.83
N PRO C 343 -11.44 -9.14 -4.96
CA PRO C 343 -11.40 -10.04 -6.12
C PRO C 343 -10.75 -11.40 -5.83
N VAL C 344 -10.02 -11.52 -4.71
CA VAL C 344 -9.38 -12.80 -4.38
C VAL C 344 -10.16 -13.56 -3.31
N SER C 345 -10.77 -14.68 -3.72
CA SER C 345 -11.49 -15.55 -2.78
C SER C 345 -11.20 -17.00 -3.13
N ARG C 346 -10.88 -17.81 -2.12
CA ARG C 346 -10.34 -19.14 -2.36
C ARG C 346 -11.39 -20.08 -2.95
N TRP C 347 -11.05 -20.65 -4.11
CA TRP C 347 -11.94 -21.54 -4.85
C TRP C 347 -13.30 -20.90 -5.11
N GLN C 348 -14.36 -21.66 -4.87
CA GLN C 348 -15.70 -21.17 -5.11
C GLN C 348 -16.13 -20.08 -4.11
N ARG C 349 -15.40 -19.94 -3.01
CA ARG C 349 -15.37 -18.69 -2.24
C ARG C 349 -14.64 -18.84 -0.90
N ASP C 350 -14.28 -17.71 -0.31
CA ASP C 350 -14.04 -17.66 1.13
C ASP C 350 -14.81 -16.45 1.65
N LEU C 351 -15.25 -16.49 2.90
CA LEU C 351 -16.18 -15.48 3.41
C LEU C 351 -15.47 -14.25 3.96
N THR C 352 -14.15 -14.20 3.78
CA THR C 352 -13.36 -13.06 4.19
C THR C 352 -13.91 -11.77 3.58
N ASP C 353 -14.59 -11.90 2.45
CA ASP C 353 -15.18 -10.75 1.76
C ASP C 353 -16.49 -10.31 2.41
N SER C 354 -17.24 -11.26 2.96
CA SER C 354 -18.56 -10.99 3.52
C SER C 354 -18.57 -9.83 4.50
N THR C 355 -17.56 -9.78 5.37
CA THR C 355 -17.43 -8.67 6.30
C THR C 355 -16.89 -7.42 5.60
N VAL C 356 -15.94 -7.64 4.72
CA VAL C 356 -15.28 -6.55 4.02
C VAL C 356 -16.25 -5.71 3.19
N LEU C 357 -17.27 -6.37 2.63
CA LEU C 357 -18.26 -5.66 1.82
C LEU C 357 -19.17 -4.78 2.65
N ARG C 358 -19.06 -4.88 3.98
CA ARG C 358 -19.80 -3.98 4.86
C ARG C 358 -19.09 -2.63 4.87
N ASN C 359 -17.86 -2.62 4.38
CA ASN C 359 -17.02 -1.44 4.39
C ASN C 359 -17.05 -0.61 3.11
N LEU C 360 -17.88 -1.03 2.15
CA LEU C 360 -17.93 -0.38 0.84
C LEU C 360 -18.03 1.14 0.90
N GLY C 361 -18.87 1.65 1.79
CA GLY C 361 -19.11 3.08 1.88
C GLY C 361 -18.17 3.84 2.80
N VAL C 362 -17.18 3.13 3.36
CA VAL C 362 -16.20 3.78 4.22
C VAL C 362 -15.29 4.70 3.41
N GLY C 363 -14.65 4.13 2.38
CA GLY C 363 -13.73 4.90 1.56
C GLY C 363 -14.45 6.08 0.93
N ILE C 364 -15.51 5.78 0.21
CA ILE C 364 -16.36 6.81 -0.38
C ILE C 364 -16.68 7.84 0.69
N GLY C 365 -17.01 7.35 1.89
CA GLY C 365 -17.35 8.22 2.99
C GLY C 365 -16.28 9.28 3.19
N TYR C 366 -15.04 8.84 3.36
CA TYR C 366 -13.94 9.78 3.52
C TYR C 366 -13.97 10.76 2.36
N ALA C 367 -14.01 10.20 1.15
CA ALA C 367 -14.03 11.03 -0.06
C ALA C 367 -15.08 12.12 0.11
N LEU C 368 -16.28 11.73 0.52
CA LEU C 368 -17.37 12.69 0.64
C LEU C 368 -16.90 13.88 1.47
N ILE C 369 -16.43 13.60 2.68
CA ILE C 369 -15.98 14.65 3.57
C ILE C 369 -15.03 15.55 2.80
N ALA C 370 -14.00 14.94 2.22
CA ALA C 370 -13.01 15.69 1.47
C ALA C 370 -13.70 16.57 0.44
N TYR C 371 -14.53 15.95 -0.39
CA TYR C 371 -15.18 16.67 -1.48
C TYR C 371 -15.87 17.93 -0.97
N GLN C 372 -16.46 17.83 0.22
CA GLN C 372 -17.14 18.98 0.81
C GLN C 372 -16.12 20.03 1.23
N SER C 373 -15.14 19.61 2.04
CA SER C 373 -14.16 20.52 2.59
C SER C 373 -13.54 21.39 1.50
N THR C 374 -13.00 20.73 0.48
CA THR C 374 -12.38 21.44 -0.64
C THR C 374 -13.30 22.54 -1.14
N LEU C 375 -14.56 22.20 -1.41
CA LEU C 375 -15.51 23.18 -1.91
C LEU C 375 -15.51 24.39 -1.00
N LYS C 376 -15.70 24.15 0.29
CA LYS C 376 -15.70 25.21 1.29
C LYS C 376 -14.44 26.06 1.13
N GLY C 377 -13.29 25.40 1.03
CA GLY C 377 -12.04 26.10 0.84
C GLY C 377 -12.06 26.99 -0.39
N VAL C 378 -12.54 26.43 -1.49
CA VAL C 378 -12.63 27.17 -2.74
C VAL C 378 -13.53 28.39 -2.56
N SER C 379 -14.47 28.31 -1.63
CA SER C 379 -15.42 29.40 -1.42
C SER C 379 -14.74 30.56 -0.69
N LYS C 380 -13.60 30.29 -0.08
CA LYS C 380 -12.88 31.32 0.65
C LYS C 380 -11.81 31.99 -0.20
N LEU C 381 -11.61 31.49 -1.41
CA LEU C 381 -10.50 31.93 -2.23
C LEU C 381 -10.75 33.25 -2.95
N GLU C 382 -9.86 34.21 -2.68
CA GLU C 382 -9.75 35.41 -3.50
C GLU C 382 -8.33 35.45 -4.01
N VAL C 383 -8.13 36.08 -5.16
CA VAL C 383 -6.80 36.20 -5.72
C VAL C 383 -6.20 37.55 -5.34
N ASN C 384 -4.89 37.57 -5.10
CA ASN C 384 -4.20 38.84 -4.99
C ASN C 384 -3.47 39.10 -6.30
N ARG C 385 -3.98 40.05 -7.08
CA ARG C 385 -3.45 40.31 -8.41
C ARG C 385 -2.17 41.13 -8.32
N ASP C 386 -2.12 42.03 -7.34
CA ASP C 386 -0.98 42.88 -7.13
C ASP C 386 0.26 42.09 -6.71
N HIS C 387 0.09 41.21 -5.73
CA HIS C 387 1.18 40.35 -5.27
C HIS C 387 1.78 39.57 -6.44
N LEU C 388 0.91 38.94 -7.22
CA LEU C 388 1.33 38.15 -8.38
C LEU C 388 2.04 39.00 -9.43
N LEU C 389 1.46 40.16 -9.76
CA LEU C 389 2.04 41.06 -10.76
C LEU C 389 3.41 41.57 -10.33
N ASP C 390 3.56 41.78 -9.04
CA ASP C 390 4.81 42.28 -8.47
C ASP C 390 5.88 41.21 -8.48
N GLU C 391 5.52 40.02 -7.99
CA GLU C 391 6.43 38.87 -8.05
C GLU C 391 6.90 38.65 -9.49
N LEU C 392 5.98 38.76 -10.43
CA LEU C 392 6.32 38.69 -11.84
C LEU C 392 7.30 39.79 -12.21
N ASP C 393 7.03 40.99 -11.68
CA ASP C 393 7.80 42.19 -11.99
C ASP C 393 9.24 42.14 -11.46
N HIS C 394 9.48 41.29 -10.45
CA HIS C 394 10.83 41.11 -9.96
C HIS C 394 11.54 39.97 -10.72
N ASN C 395 10.77 39.27 -11.56
CA ASN C 395 11.25 38.03 -12.19
C ASN C 395 11.73 38.07 -13.66
N TRP C 396 11.97 39.28 -14.18
CA TRP C 396 12.20 39.54 -15.61
C TRP C 396 13.14 38.55 -16.30
N GLU C 397 14.01 37.89 -15.53
CA GLU C 397 14.87 36.87 -16.10
C GLU C 397 14.12 35.84 -16.96
N VAL C 398 12.86 35.58 -16.63
CA VAL C 398 12.05 34.62 -17.39
C VAL C 398 11.95 34.96 -18.88
N LEU C 399 12.14 36.24 -19.19
CA LEU C 399 12.07 36.71 -20.58
C LEU C 399 13.28 36.28 -21.39
N ALA C 400 14.27 35.69 -20.72
CA ALA C 400 15.44 35.20 -21.44
C ALA C 400 15.00 34.22 -22.52
N GLU C 401 14.32 33.16 -22.11
CA GLU C 401 13.96 32.06 -23.02
C GLU C 401 13.44 32.53 -24.38
N PRO C 402 12.39 33.36 -24.38
CA PRO C 402 11.82 33.76 -25.68
C PRO C 402 12.91 34.35 -26.56
N ILE C 403 13.70 35.26 -26.00
CA ILE C 403 14.80 35.87 -26.73
C ILE C 403 15.67 34.78 -27.36
N GLN C 404 16.10 33.81 -26.55
CA GLN C 404 16.92 32.72 -27.07
C GLN C 404 16.30 32.18 -28.33
N THR C 405 15.02 31.84 -28.21
CA THR C 405 14.32 31.16 -29.27
C THR C 405 14.32 32.04 -30.51
N VAL C 406 14.01 33.32 -30.30
CA VAL C 406 14.02 34.28 -31.40
C VAL C 406 15.43 34.33 -31.98
N MET C 407 16.42 34.42 -31.10
CA MET C 407 17.82 34.40 -31.51
C MET C 407 18.15 33.14 -32.32
N ARG C 408 17.53 32.02 -31.96
CA ARG C 408 17.78 30.76 -32.64
C ARG C 408 17.12 30.75 -34.02
N ARG C 409 16.10 31.59 -34.17
CA ARG C 409 15.33 31.65 -35.40
C ARG C 409 16.10 32.38 -36.49
N TYR C 410 16.68 33.52 -36.12
CA TYR C 410 17.40 34.35 -37.09
C TYR C 410 18.89 34.00 -37.20
N GLY C 411 19.29 32.92 -36.54
CA GLY C 411 20.59 32.33 -36.75
C GLY C 411 21.74 32.89 -35.92
N ILE C 412 21.40 33.58 -34.83
CA ILE C 412 22.45 34.13 -33.97
C ILE C 412 23.18 33.01 -33.23
N GLU C 413 24.51 32.98 -33.37
CA GLU C 413 25.33 31.87 -32.87
C GLU C 413 25.32 31.71 -31.34
N LYS C 414 25.19 30.46 -30.90
CA LYS C 414 25.21 30.11 -29.47
C LYS C 414 24.39 31.07 -28.62
N PRO C 415 23.07 31.09 -28.83
CA PRO C 415 22.18 32.05 -28.18
C PRO C 415 22.18 31.95 -26.65
N TYR C 416 22.04 30.75 -26.11
CA TYR C 416 21.84 30.57 -24.67
C TYR C 416 22.99 31.08 -23.81
N GLU C 417 24.21 31.03 -24.35
CA GLU C 417 25.40 31.47 -23.61
C GLU C 417 25.70 32.94 -23.84
N LYS C 418 24.95 33.56 -24.75
CA LYS C 418 25.00 35.00 -24.95
C LYS C 418 24.29 35.66 -23.77
N LEU C 419 23.14 35.11 -23.41
CA LEU C 419 22.51 35.39 -22.13
C LEU C 419 23.16 34.41 -21.16
N LYS C 420 22.72 34.39 -19.91
CA LYS C 420 23.39 33.62 -18.88
C LYS C 420 24.75 34.27 -18.66
N GLU C 421 25.11 35.13 -19.62
CA GLU C 421 26.17 36.10 -19.44
C GLU C 421 25.51 37.30 -18.77
N LEU C 422 24.20 37.17 -18.51
CA LEU C 422 23.63 37.93 -17.42
C LEU C 422 23.29 36.90 -16.34
N THR C 423 24.27 36.70 -15.46
CA THR C 423 24.09 36.14 -14.14
C THR C 423 24.24 37.32 -13.18
N ARG C 424 24.43 38.49 -13.78
CA ARG C 424 24.88 39.73 -13.14
C ARG C 424 24.16 40.08 -11.87
N GLY C 425 24.89 40.57 -10.87
CA GLY C 425 24.33 40.95 -9.60
C GLY C 425 23.74 42.35 -9.63
N LYS C 426 23.51 42.85 -10.84
CA LYS C 426 22.68 44.03 -11.05
C LYS C 426 21.30 43.49 -11.35
N ARG C 427 21.20 42.16 -11.32
CA ARG C 427 20.00 41.42 -11.67
C ARG C 427 19.48 41.82 -13.04
N VAL C 428 18.17 41.91 -13.18
CA VAL C 428 17.56 42.15 -14.48
C VAL C 428 16.33 43.05 -14.40
N ASP C 429 16.25 44.01 -15.32
CA ASP C 429 15.08 44.87 -15.45
C ASP C 429 14.72 45.10 -16.91
N ALA C 430 13.70 45.94 -17.15
CA ALA C 430 13.25 46.21 -18.51
C ALA C 430 14.37 46.84 -19.37
N GLU C 431 15.09 47.79 -18.79
CA GLU C 431 16.19 48.45 -19.49
C GLU C 431 17.27 47.48 -19.94
N GLY C 432 17.59 46.51 -19.08
CA GLY C 432 18.58 45.51 -19.41
C GLY C 432 18.22 44.72 -20.64
N MET C 433 17.02 44.15 -20.63
CA MET C 433 16.53 43.39 -21.78
C MET C 433 16.52 44.28 -23.02
N LYS C 434 15.90 45.44 -22.90
CA LYS C 434 15.79 46.38 -24.02
C LYS C 434 17.14 46.62 -24.67
N GLN C 435 18.12 47.04 -23.87
CA GLN C 435 19.45 47.32 -24.38
C GLN C 435 20.06 46.08 -25.02
N PHE C 436 19.97 44.95 -24.33
CA PHE C 436 20.55 43.70 -24.81
C PHE C 436 20.05 43.33 -26.20
N ILE C 437 18.72 43.28 -26.36
CA ILE C 437 18.14 42.93 -27.64
C ILE C 437 18.36 44.03 -28.68
N ASP C 438 18.54 45.27 -28.21
CA ASP C 438 18.92 46.36 -29.08
C ASP C 438 20.31 46.12 -29.67
N SER C 439 21.15 45.43 -28.90
CA SER C 439 22.50 45.10 -29.36
C SER C 439 22.46 44.01 -30.42
N LEU C 440 21.47 43.14 -30.31
CA LEU C 440 21.36 41.98 -31.20
C LEU C 440 21.14 42.43 -32.64
N ALA C 441 21.51 41.57 -33.59
CA ALA C 441 21.19 41.85 -34.98
C ALA C 441 19.87 41.17 -35.33
N LEU C 442 18.84 41.99 -35.48
CA LEU C 442 17.51 41.51 -35.80
C LEU C 442 16.79 42.53 -36.64
N PRO C 443 15.87 42.08 -37.50
CA PRO C 443 14.90 42.99 -38.09
C PRO C 443 14.20 43.76 -36.98
N GLU C 444 14.02 45.07 -37.16
CA GLU C 444 13.47 45.93 -36.11
C GLU C 444 12.10 45.45 -35.61
N ALA C 445 11.33 44.84 -36.48
CA ALA C 445 10.00 44.34 -36.12
C ALA C 445 10.09 43.34 -34.97
N GLU C 446 11.05 42.43 -35.06
CA GLU C 446 11.26 41.42 -34.03
C GLU C 446 11.84 42.08 -32.77
N LYS C 447 12.62 43.14 -32.97
CA LYS C 447 13.21 43.87 -31.85
C LYS C 447 12.15 44.55 -30.98
N THR C 448 11.21 45.23 -31.63
CA THR C 448 10.13 45.88 -30.91
C THR C 448 9.15 44.83 -30.40
N ARG C 449 9.03 43.72 -31.13
CA ARG C 449 8.24 42.59 -30.67
C ARG C 449 8.74 42.12 -29.31
N LEU C 450 10.06 41.97 -29.20
CA LEU C 450 10.68 41.52 -27.97
C LEU C 450 10.67 42.61 -26.88
N LYS C 451 10.81 43.86 -27.29
CA LYS C 451 10.79 44.97 -26.34
C LYS C 451 9.42 45.16 -25.72
N ALA C 452 8.38 44.82 -26.48
CA ALA C 452 7.01 44.92 -25.99
C ALA C 452 6.74 43.88 -24.90
N MET C 453 7.55 42.84 -24.87
CA MET C 453 7.36 41.73 -23.93
C MET C 453 7.72 42.08 -22.50
N THR C 454 6.79 41.82 -21.59
CA THR C 454 7.05 41.85 -20.15
C THR C 454 6.58 40.52 -19.57
N PRO C 455 7.07 40.17 -18.38
CA PRO C 455 6.71 38.91 -17.72
C PRO C 455 5.19 38.67 -17.65
N ALA C 456 4.40 39.73 -17.49
CA ALA C 456 2.94 39.60 -17.31
C ALA C 456 2.14 39.35 -18.61
N ASN C 457 2.64 39.85 -19.74
CA ASN C 457 2.02 39.57 -21.02
C ASN C 457 2.66 38.36 -21.71
N TYR C 458 3.61 37.72 -21.03
CA TYR C 458 4.33 36.58 -21.60
C TYR C 458 3.66 35.23 -21.30
N ILE C 459 2.44 35.29 -20.75
CA ILE C 459 1.67 34.10 -20.41
C ILE C 459 1.36 33.16 -21.61
N GLY C 460 1.60 33.63 -22.83
CA GLY C 460 1.39 32.81 -24.01
C GLY C 460 -0.07 32.55 -24.37
N ARG C 461 -0.40 31.28 -24.61
CA ARG C 461 -1.73 30.90 -25.09
C ARG C 461 -2.73 30.58 -23.96
N ALA C 462 -2.31 30.77 -22.72
CA ALA C 462 -3.09 30.31 -21.57
C ALA C 462 -4.57 30.71 -21.61
N VAL C 463 -4.83 32.00 -21.82
CA VAL C 463 -6.20 32.53 -21.79
C VAL C 463 -7.11 31.85 -22.81
N THR C 464 -6.57 31.57 -23.99
CA THR C 464 -7.36 30.97 -25.07
C THR C 464 -7.63 29.50 -24.81
N LEU C 465 -6.70 28.83 -24.13
CA LEU C 465 -6.89 27.44 -23.74
C LEU C 465 -7.96 27.37 -22.67
N VAL C 466 -7.89 28.28 -21.71
CA VAL C 466 -8.92 28.39 -20.68
C VAL C 466 -10.28 28.59 -21.34
N ASP C 467 -10.34 29.52 -22.29
CA ASP C 467 -11.56 29.78 -23.04
C ASP C 467 -12.06 28.52 -23.73
N GLU C 468 -11.12 27.75 -24.29
CA GLU C 468 -11.46 26.57 -25.08
C GLU C 468 -11.83 25.37 -24.21
N LEU C 469 -11.58 25.46 -22.90
CA LEU C 469 -12.01 24.42 -21.98
C LEU C 469 -13.51 24.21 -22.17
N LYS C 470 -14.17 25.25 -22.67
CA LYS C 470 -15.55 25.14 -23.13
C LYS C 470 -15.59 24.89 -24.64
N MET D 15 -32.77 10.16 9.79
CA MET D 15 -31.87 9.03 10.05
C MET D 15 -30.78 9.44 11.03
N GLU D 16 -31.11 9.45 12.32
CA GLU D 16 -30.11 9.70 13.36
C GLU D 16 -29.18 8.49 13.49
N LEU D 17 -28.19 8.58 14.37
CA LEU D 17 -27.15 7.56 14.44
C LEU D 17 -27.54 6.33 15.23
N SER D 18 -27.49 5.17 14.58
CA SER D 18 -27.67 3.89 15.24
C SER D 18 -26.66 2.89 14.69
N SER D 19 -26.51 1.74 15.36
CA SER D 19 -25.68 0.67 14.82
C SER D 19 -26.18 0.33 13.42
N LEU D 20 -27.46 0.60 13.21
CA LEU D 20 -28.14 0.27 11.96
C LEU D 20 -27.81 1.25 10.82
N THR D 21 -27.80 2.53 11.14
CA THR D 21 -27.68 3.58 10.13
C THR D 21 -26.23 4.00 9.90
N ALA D 22 -25.32 3.41 10.65
CA ALA D 22 -23.89 3.72 10.56
C ALA D 22 -23.31 3.28 9.22
N VAL D 23 -22.42 4.09 8.66
CA VAL D 23 -21.77 3.74 7.40
C VAL D 23 -20.64 2.73 7.64
N SER D 24 -19.89 2.95 8.71
CA SER D 24 -18.77 2.07 9.07
C SER D 24 -19.23 1.00 10.04
N PRO D 25 -18.86 -0.26 9.77
CA PRO D 25 -19.22 -1.41 10.62
C PRO D 25 -18.54 -1.37 11.99
N VAL D 26 -17.51 -0.53 12.12
CA VAL D 26 -16.81 -0.39 13.39
C VAL D 26 -17.73 0.11 14.51
N ASP D 27 -18.44 1.19 14.24
CA ASP D 27 -19.48 1.68 15.16
C ASP D 27 -20.83 1.14 14.71
N GLY D 28 -20.77 0.31 13.68
CA GLY D 28 -21.93 -0.32 13.06
C GLY D 28 -22.20 -1.68 13.65
N ARG D 29 -22.61 -2.63 12.80
CA ARG D 29 -22.92 -3.98 13.22
C ARG D 29 -21.91 -4.58 14.19
N TYR D 30 -20.63 -4.30 13.97
CA TYR D 30 -19.57 -4.81 14.85
C TYR D 30 -19.31 -3.90 16.06
N GLY D 31 -20.09 -2.83 16.17
CA GLY D 31 -19.86 -1.79 17.15
C GLY D 31 -20.02 -2.14 18.62
N ASP D 32 -20.67 -3.27 18.92
CA ASP D 32 -20.83 -3.67 20.31
C ASP D 32 -19.63 -4.52 20.76
N LYS D 33 -18.76 -4.85 19.80
CA LYS D 33 -17.48 -5.46 20.09
C LYS D 33 -16.46 -4.40 20.52
N VAL D 34 -16.55 -3.24 19.87
CA VAL D 34 -15.52 -2.21 19.96
C VAL D 34 -15.75 -1.22 21.10
N SER D 35 -16.79 -1.46 21.89
CA SER D 35 -17.21 -0.50 22.90
C SER D 35 -16.08 0.01 23.80
N ALA D 36 -15.12 -0.84 24.11
CA ALA D 36 -13.99 -0.44 24.94
C ALA D 36 -13.26 0.80 24.38
N LEU D 37 -13.30 0.95 23.06
CA LEU D 37 -12.60 2.05 22.38
C LEU D 37 -13.40 3.35 22.36
N ARG D 38 -14.62 3.31 22.88
CA ARG D 38 -15.48 4.50 22.86
C ARG D 38 -15.12 5.51 23.94
N GLY D 39 -14.28 5.10 24.88
CA GLY D 39 -13.81 6.01 25.91
C GLY D 39 -12.43 6.55 25.58
N ILE D 40 -11.88 6.10 24.45
CA ILE D 40 -10.52 6.43 24.08
C ILE D 40 -10.42 7.23 22.79
N PHE D 41 -10.65 6.57 21.66
CA PHE D 41 -10.34 7.15 20.36
C PHE D 41 -11.45 8.03 19.77
N SER D 42 -12.59 8.07 20.44
CA SER D 42 -13.68 8.93 20.00
C SER D 42 -13.40 10.38 20.38
N GLU D 43 -14.35 11.26 20.11
CA GLU D 43 -14.19 12.65 20.49
C GLU D 43 -14.36 12.80 22.01
N TYR D 44 -15.20 11.95 22.59
CA TYR D 44 -15.36 11.93 24.04
C TYR D 44 -14.01 11.71 24.70
N GLY D 45 -13.27 10.73 24.16
CA GLY D 45 -11.93 10.45 24.65
C GLY D 45 -11.02 11.63 24.42
N LEU D 46 -11.13 12.25 23.25
CA LEU D 46 -10.31 13.39 22.89
C LEU D 46 -10.43 14.50 23.93
N LEU D 47 -11.66 14.90 24.22
CA LEU D 47 -11.93 15.96 25.19
C LEU D 47 -11.61 15.50 26.62
N LYS D 48 -11.72 14.20 26.86
CA LYS D 48 -11.40 13.63 28.17
C LYS D 48 -9.92 13.85 28.49
N PHE D 49 -9.08 13.35 27.59
CA PHE D 49 -7.64 13.47 27.76
C PHE D 49 -7.16 14.91 27.63
N ARG D 50 -7.81 15.69 26.78
CA ARG D 50 -7.50 17.12 26.69
C ARG D 50 -7.73 17.78 28.04
N VAL D 51 -8.89 17.51 28.63
CA VAL D 51 -9.23 18.04 29.93
C VAL D 51 -8.23 17.60 31.00
N GLN D 52 -7.87 16.33 30.98
CA GLN D 52 -6.86 15.81 31.90
C GLN D 52 -5.55 16.59 31.79
N VAL D 53 -5.00 16.63 30.58
CA VAL D 53 -3.74 17.31 30.32
C VAL D 53 -3.77 18.78 30.71
N GLU D 54 -4.85 19.47 30.36
CA GLU D 54 -5.02 20.87 30.73
C GLU D 54 -4.98 21.02 32.25
N VAL D 55 -5.83 20.26 32.94
CA VAL D 55 -5.90 20.31 34.39
C VAL D 55 -4.55 20.09 35.05
N ARG D 56 -3.87 19.00 34.67
CA ARG D 56 -2.59 18.67 35.27
C ARG D 56 -1.53 19.70 34.90
N TRP D 57 -1.71 20.35 33.75
CA TRP D 57 -0.83 21.44 33.36
C TRP D 57 -0.98 22.56 34.37
N LEU D 58 -2.23 22.92 34.66
CA LEU D 58 -2.54 23.91 35.68
C LEU D 58 -1.89 23.52 37.01
N GLN D 59 -2.15 22.29 37.45
CA GLN D 59 -1.63 21.78 38.70
C GLN D 59 -0.12 21.92 38.80
N LYS D 60 0.59 21.52 37.74
CA LYS D 60 2.05 21.62 37.73
C LYS D 60 2.50 23.06 37.74
N LEU D 61 1.74 23.94 37.09
CA LEU D 61 2.04 25.36 37.16
C LEU D 61 1.95 25.84 38.61
N ALA D 62 0.99 25.28 39.33
CA ALA D 62 0.82 25.62 40.74
C ALA D 62 1.98 25.06 41.56
N ALA D 63 2.48 23.90 41.17
CA ALA D 63 3.58 23.25 41.88
C ALA D 63 4.84 24.11 41.87
N HIS D 64 5.23 24.59 40.69
CA HIS D 64 6.48 25.33 40.54
C HIS D 64 6.57 26.51 41.51
N ALA D 65 7.72 26.65 42.15
CA ALA D 65 7.95 27.70 43.14
C ALA D 65 8.23 29.04 42.49
N ALA D 66 8.72 29.01 41.24
CA ALA D 66 9.07 30.24 40.53
C ALA D 66 7.87 30.94 39.90
N ILE D 67 6.71 30.29 39.97
CA ILE D 67 5.48 30.95 39.54
C ILE D 67 4.64 31.23 40.78
N LYS D 68 4.62 32.49 41.21
CA LYS D 68 3.90 32.88 42.41
C LYS D 68 2.55 33.47 42.04
N GLU D 69 2.33 33.63 40.75
CA GLU D 69 1.11 34.22 40.23
C GLU D 69 -0.05 33.25 40.40
N VAL D 70 0.26 31.96 40.34
CA VAL D 70 -0.66 30.94 40.85
C VAL D 70 -0.03 30.24 42.05
N PRO D 71 -0.57 30.51 43.25
CA PRO D 71 -0.09 29.87 44.47
C PRO D 71 -0.48 28.39 44.50
N ALA D 72 0.18 27.61 45.34
CA ALA D 72 -0.01 26.16 45.36
C ALA D 72 -1.46 25.76 45.67
N PHE D 73 -1.86 24.60 45.16
CA PHE D 73 -3.21 24.09 45.39
C PHE D 73 -3.29 23.24 46.66
N ALA D 74 -4.21 23.60 47.55
CA ALA D 74 -4.44 22.84 48.76
C ALA D 74 -5.16 21.53 48.43
N ALA D 75 -5.43 20.73 49.46
CA ALA D 75 -6.05 19.41 49.28
C ALA D 75 -7.44 19.49 48.67
N ASP D 76 -8.20 20.53 49.02
CA ASP D 76 -9.56 20.71 48.53
C ASP D 76 -9.61 21.02 47.03
N ALA D 77 -8.80 21.96 46.59
CA ALA D 77 -8.75 22.33 45.18
C ALA D 77 -8.22 21.19 44.33
N ASN D 78 -7.21 20.49 44.82
CA ASN D 78 -6.72 19.30 44.14
C ASN D 78 -7.82 18.25 44.11
N GLY D 79 -8.68 18.29 45.13
CA GLY D 79 -9.85 17.44 45.18
C GLY D 79 -10.78 17.73 44.02
N TYR D 80 -11.11 19.01 43.85
CA TYR D 80 -12.04 19.44 42.81
C TYR D 80 -11.49 19.19 41.40
N LEU D 81 -10.18 19.40 41.22
CA LEU D 81 -9.56 19.18 39.92
C LEU D 81 -9.43 17.69 39.58
N ASP D 82 -8.95 16.92 40.55
CA ASP D 82 -8.81 15.48 40.37
C ASP D 82 -10.16 14.84 40.08
N THR D 83 -11.17 15.24 40.85
CA THR D 83 -12.52 14.72 40.65
C THR D 83 -13.08 15.21 39.32
N LEU D 84 -12.71 16.43 38.94
CA LEU D 84 -13.14 17.00 37.68
C LEU D 84 -12.65 16.12 36.53
N VAL D 85 -11.38 15.75 36.57
CA VAL D 85 -10.78 14.89 35.56
C VAL D 85 -11.33 13.46 35.59
N ALA D 86 -11.45 12.92 36.79
CA ALA D 86 -11.87 11.52 36.97
C ALA D 86 -13.33 11.27 36.59
N ASN D 87 -14.20 12.22 36.90
CA ASN D 87 -15.63 12.05 36.67
C ASN D 87 -16.09 12.50 35.28
N PHE D 88 -15.15 12.88 34.42
CA PHE D 88 -15.51 13.40 33.11
C PHE D 88 -16.44 12.44 32.38
N ASN D 89 -17.59 12.96 31.95
CA ASN D 89 -18.60 12.13 31.30
C ASN D 89 -19.08 12.71 29.96
N GLU D 90 -20.06 12.04 29.36
CA GLU D 90 -20.57 12.43 28.04
C GLU D 90 -21.26 13.78 28.02
N GLU D 91 -21.92 14.13 29.14
CA GLU D 91 -22.59 15.41 29.27
C GLU D 91 -21.58 16.56 29.27
N ASP D 92 -20.45 16.35 29.93
CA ASP D 92 -19.37 17.33 29.92
C ASP D 92 -18.89 17.54 28.50
N ALA D 93 -18.66 16.44 27.79
CA ALA D 93 -18.21 16.48 26.41
C ALA D 93 -19.23 17.16 25.51
N ALA D 94 -20.50 17.06 25.86
CA ALA D 94 -21.56 17.71 25.12
C ALA D 94 -21.53 19.22 25.40
N ARG D 95 -21.19 19.57 26.63
CA ARG D 95 -21.04 20.98 27.01
C ARG D 95 -19.89 21.61 26.23
N ILE D 96 -18.74 20.92 26.23
CA ILE D 96 -17.60 21.35 25.44
C ILE D 96 -18.00 21.49 23.98
N LYS D 97 -18.64 20.47 23.44
CA LYS D 97 -19.08 20.46 22.05
C LYS D 97 -20.00 21.65 21.77
N THR D 98 -20.74 22.07 22.78
CA THR D 98 -21.64 23.21 22.65
C THR D 98 -20.85 24.52 22.63
N ILE D 99 -19.83 24.60 23.47
CA ILE D 99 -18.95 25.77 23.51
C ILE D 99 -18.21 25.90 22.18
N GLU D 100 -17.99 24.77 21.52
CA GLU D 100 -17.25 24.72 20.27
C GLU D 100 -17.98 25.48 19.16
N ARG D 101 -19.30 25.63 19.29
CA ARG D 101 -20.10 26.36 18.32
C ARG D 101 -19.81 27.86 18.37
N THR D 102 -19.64 28.38 19.57
CA THR D 102 -19.32 29.80 19.76
C THR D 102 -17.84 30.08 19.51
N THR D 103 -16.98 29.20 20.05
CA THR D 103 -15.54 29.42 19.98
C THR D 103 -14.94 29.07 18.62
N ASN D 104 -15.46 28.01 18.00
CA ASN D 104 -14.97 27.53 16.71
C ASN D 104 -13.48 27.17 16.68
N HIS D 105 -12.94 26.87 17.86
CA HIS D 105 -11.66 26.18 17.99
C HIS D 105 -11.85 25.12 19.07
N ASP D 106 -11.71 23.86 18.69
CA ASP D 106 -12.11 22.76 19.57
C ASP D 106 -11.31 22.62 20.87
N VAL D 107 -10.12 23.22 20.92
CA VAL D 107 -9.33 23.25 22.15
C VAL D 107 -9.81 24.35 23.10
N LYS D 108 -10.12 25.51 22.52
CA LYS D 108 -10.59 26.66 23.28
C LYS D 108 -11.90 26.38 24.01
N ALA D 109 -12.65 25.39 23.55
CA ALA D 109 -13.90 25.01 24.20
C ALA D 109 -13.61 24.23 25.48
N VAL D 110 -12.57 23.40 25.44
CA VAL D 110 -12.11 22.69 26.62
C VAL D 110 -11.60 23.74 27.61
N GLU D 111 -10.81 24.67 27.09
CA GLU D 111 -10.28 25.76 27.90
C GLU D 111 -11.41 26.50 28.64
N TYR D 112 -12.40 26.97 27.87
CA TYR D 112 -13.54 27.67 28.43
C TYR D 112 -14.35 26.79 29.38
N PHE D 113 -14.32 25.49 29.13
CA PHE D 113 -15.06 24.53 29.94
C PHE D 113 -14.44 24.39 31.32
N LEU D 114 -13.11 24.37 31.36
CA LEU D 114 -12.38 24.31 32.62
C LEU D 114 -12.49 25.64 33.37
N LYS D 115 -12.23 26.74 32.67
CA LYS D 115 -12.37 28.06 33.28
C LYS D 115 -13.77 28.21 33.85
N GLU D 116 -14.75 27.62 33.17
CA GLU D 116 -16.15 27.72 33.56
C GLU D 116 -16.43 26.89 34.81
N LYS D 117 -16.07 25.61 34.76
CA LYS D 117 -16.30 24.68 35.87
C LYS D 117 -15.57 25.09 37.14
N VAL D 118 -14.37 25.62 36.97
CA VAL D 118 -13.45 25.89 38.07
C VAL D 118 -13.84 27.08 38.95
N ALA D 119 -14.74 27.92 38.44
CA ALA D 119 -15.11 29.16 39.13
C ALA D 119 -15.91 28.92 40.41
N ALA D 120 -16.33 27.68 40.65
CA ALA D 120 -17.01 27.35 41.89
C ALA D 120 -16.04 27.57 43.06
N ILE D 121 -14.79 27.22 42.84
CA ILE D 121 -13.74 27.33 43.84
C ILE D 121 -12.94 28.62 43.66
N PRO D 122 -12.89 29.46 44.70
CA PRO D 122 -12.27 30.80 44.67
C PRO D 122 -10.79 30.76 44.32
N ALA D 123 -10.02 29.87 44.96
CA ALA D 123 -8.58 29.80 44.73
C ALA D 123 -8.22 29.36 43.32
N LEU D 124 -9.10 28.59 42.69
CA LEU D 124 -8.92 28.18 41.31
C LEU D 124 -9.30 29.34 40.38
N HIS D 125 -10.47 29.93 40.64
CA HIS D 125 -10.97 31.02 39.80
C HIS D 125 -9.99 32.19 39.79
N ASP D 126 -9.22 32.32 40.88
CA ASP D 126 -8.18 33.33 40.94
C ASP D 126 -7.16 33.07 39.83
N VAL D 127 -6.81 31.80 39.67
CA VAL D 127 -5.77 31.37 38.73
C VAL D 127 -6.32 30.93 37.36
N SER D 128 -7.62 31.09 37.15
CA SER D 128 -8.31 30.55 35.97
C SER D 128 -7.67 30.94 34.63
N GLU D 129 -6.95 32.06 34.62
CA GLU D 129 -6.36 32.57 33.39
C GLU D 129 -4.98 31.97 33.10
N PHE D 130 -4.50 31.10 33.98
CA PHE D 130 -3.24 30.40 33.73
C PHE D 130 -3.47 29.02 33.10
N ILE D 131 -4.73 28.70 32.83
CA ILE D 131 -5.07 27.50 32.11
C ILE D 131 -4.57 27.64 30.67
N HIS D 132 -3.95 26.58 30.14
CA HIS D 132 -3.42 26.60 28.79
C HIS D 132 -2.39 27.71 28.64
N PHE D 133 -1.58 27.91 29.69
CA PHE D 133 -0.61 28.99 29.70
C PHE D 133 0.60 28.68 28.82
N ALA D 134 0.87 29.57 27.87
CA ALA D 134 2.03 29.45 26.98
C ALA D 134 1.89 28.26 26.02
N CYS D 135 0.89 27.42 26.25
CA CYS D 135 0.68 26.22 25.45
C CYS D 135 0.18 26.55 24.05
N THR D 136 0.39 25.62 23.12
CA THR D 136 -0.24 25.67 21.81
C THR D 136 -1.12 24.43 21.68
N SER D 137 -2.11 24.48 20.81
CA SER D 137 -3.13 23.44 20.72
C SER D 137 -2.50 22.04 20.72
N GLU D 138 -1.53 21.84 19.84
CA GLU D 138 -0.90 20.53 19.71
C GLU D 138 -0.19 20.05 20.97
N ASP D 139 0.21 20.97 21.84
CA ASP D 139 0.77 20.58 23.13
C ASP D 139 -0.24 19.72 23.91
N ILE D 140 -1.50 20.12 23.86
CA ILE D 140 -2.58 19.36 24.50
C ILE D 140 -2.98 18.16 23.65
N ASN D 141 -3.21 18.40 22.36
CA ASN D 141 -3.69 17.36 21.46
C ASN D 141 -2.78 16.13 21.40
N ASN D 142 -1.48 16.37 21.31
CA ASN D 142 -0.51 15.28 21.15
C ASN D 142 -0.36 14.44 22.41
N LEU D 143 -0.42 15.08 23.57
CA LEU D 143 -0.41 14.35 24.83
C LEU D 143 -1.71 13.57 24.98
N SER D 144 -2.80 14.16 24.48
CA SER D 144 -4.08 13.47 24.47
C SER D 144 -3.98 12.21 23.62
N HIS D 145 -3.28 12.31 22.50
CA HIS D 145 -3.05 11.18 21.62
C HIS D 145 -2.21 10.12 22.33
N ALA D 146 -1.15 10.56 22.99
CA ALA D 146 -0.28 9.67 23.73
C ALA D 146 -1.07 8.85 24.74
N LEU D 147 -1.87 9.55 25.55
CA LEU D 147 -2.73 8.90 26.52
C LEU D 147 -3.70 7.94 25.83
N MET D 148 -4.21 8.34 24.66
CA MET D 148 -5.10 7.48 23.88
C MET D 148 -4.43 6.14 23.57
N LEU D 149 -3.27 6.20 22.94
CA LEU D 149 -2.57 5.01 22.48
C LEU D 149 -2.04 4.15 23.62
N LYS D 150 -1.59 4.81 24.69
CA LYS D 150 -1.10 4.07 25.86
C LYS D 150 -2.25 3.33 26.52
N THR D 151 -3.32 4.07 26.82
CA THR D 151 -4.52 3.48 27.41
C THR D 151 -5.03 2.32 26.56
N ALA D 152 -5.17 2.56 25.27
CA ALA D 152 -5.62 1.53 24.34
C ALA D 152 -4.72 0.31 24.45
N ARG D 153 -3.41 0.52 24.40
CA ARG D 153 -2.44 -0.57 24.47
C ARG D 153 -2.59 -1.41 25.73
N ASP D 154 -2.48 -0.75 26.89
CA ASP D 154 -2.47 -1.46 28.17
C ASP D 154 -3.82 -2.11 28.52
N GLU D 155 -4.90 -1.34 28.39
CA GLU D 155 -6.20 -1.81 28.85
C GLU D 155 -6.95 -2.67 27.83
N VAL D 156 -6.49 -2.66 26.57
CA VAL D 156 -7.23 -3.32 25.50
C VAL D 156 -6.40 -4.30 24.67
N ILE D 157 -5.46 -3.75 23.91
CA ILE D 157 -4.69 -4.52 22.93
C ILE D 157 -3.86 -5.64 23.55
N LEU D 158 -3.03 -5.30 24.54
CA LEU D 158 -2.17 -6.29 25.17
C LEU D 158 -2.96 -7.46 25.79
N PRO D 159 -4.04 -7.14 26.54
CA PRO D 159 -4.86 -8.22 27.09
C PRO D 159 -5.36 -9.19 26.02
N TYR D 160 -5.89 -8.68 24.91
CA TYR D 160 -6.33 -9.54 23.82
C TYR D 160 -5.18 -10.36 23.26
N TRP D 161 -4.09 -9.68 22.88
CA TRP D 161 -2.93 -10.40 22.35
C TRP D 161 -2.59 -11.57 23.27
N ARG D 162 -2.65 -11.32 24.57
CA ARG D 162 -2.37 -12.36 25.55
C ARG D 162 -3.40 -13.48 25.46
N GLN D 163 -4.68 -13.14 25.36
CA GLN D 163 -5.73 -14.14 25.21
C GLN D 163 -5.50 -15.04 24.00
N VAL D 164 -5.24 -14.43 22.84
CA VAL D 164 -4.97 -15.15 21.61
C VAL D 164 -3.76 -16.07 21.77
N ILE D 165 -2.67 -15.50 22.28
CA ILE D 165 -1.44 -16.26 22.51
C ILE D 165 -1.71 -17.48 23.38
N ASN D 166 -2.49 -17.28 24.45
CA ASN D 166 -2.83 -18.38 25.34
C ASN D 166 -3.76 -19.39 24.70
N ALA D 167 -4.57 -18.93 23.76
CA ALA D 167 -5.43 -19.84 23.01
C ALA D 167 -4.56 -20.76 22.16
N VAL D 168 -3.70 -20.16 21.35
CA VAL D 168 -2.81 -20.92 20.48
C VAL D 168 -1.94 -21.87 21.31
N LYS D 169 -1.46 -21.37 22.45
CA LYS D 169 -0.64 -22.18 23.36
C LYS D 169 -1.44 -23.36 23.88
N ASP D 170 -2.71 -23.13 24.19
CA ASP D 170 -3.59 -24.20 24.65
C ASP D 170 -3.73 -25.27 23.56
N LEU D 171 -3.90 -24.81 22.32
CA LEU D 171 -3.95 -25.74 21.19
C LEU D 171 -2.64 -26.50 21.05
N ALA D 172 -1.55 -25.86 21.47
CA ALA D 172 -0.23 -26.45 21.39
C ALA D 172 -0.03 -27.56 22.42
N THR D 173 -0.45 -27.30 23.65
CA THR D 173 -0.34 -28.28 24.73
C THR D 173 -1.30 -29.43 24.49
N GLN D 174 -2.47 -29.12 23.98
CA GLN D 174 -3.49 -30.13 23.68
C GLN D 174 -2.99 -31.12 22.63
N TYR D 175 -2.58 -30.58 21.49
CA TYR D 175 -2.23 -31.37 20.31
C TYR D 175 -0.74 -31.71 20.29
N ARG D 176 -0.04 -31.36 21.36
CA ARG D 176 1.41 -31.56 21.43
C ARG D 176 1.86 -32.94 20.97
N ASP D 177 1.17 -33.97 21.47
CA ASP D 177 1.56 -35.35 21.18
C ASP D 177 0.94 -35.87 19.88
N ILE D 178 0.00 -35.10 19.34
CA ILE D 178 -0.76 -35.54 18.17
C ILE D 178 0.04 -35.34 16.88
N PRO D 179 0.41 -36.44 16.23
CA PRO D 179 1.21 -36.42 15.00
C PRO D 179 0.41 -35.92 13.80
N LEU D 180 1.07 -35.19 12.92
CA LEU D 180 0.42 -34.57 11.76
C LEU D 180 1.33 -34.65 10.54
N LEU D 181 0.75 -34.99 9.40
CA LEU D 181 1.49 -35.03 8.15
C LEU D 181 1.67 -33.62 7.59
N SER D 182 2.91 -33.18 7.47
CA SER D 182 3.20 -31.80 7.07
C SER D 182 2.82 -31.54 5.62
N ARG D 183 2.66 -30.25 5.30
CA ARG D 183 2.43 -29.84 3.93
C ARG D 183 3.43 -28.75 3.53
N THR D 184 4.33 -29.09 2.62
CA THR D 184 5.26 -28.10 2.06
C THR D 184 4.87 -27.87 0.61
N HIS D 185 4.62 -26.62 0.27
CA HIS D 185 3.97 -26.25 -0.98
C HIS D 185 2.70 -27.09 -1.23
N GLY D 186 2.00 -27.41 -0.14
CA GLY D 186 0.68 -28.02 -0.20
C GLY D 186 0.72 -29.53 -0.28
N GLN D 187 1.83 -30.06 -0.76
CA GLN D 187 2.01 -31.49 -0.90
C GLN D 187 2.66 -32.06 0.37
N PRO D 188 2.40 -33.36 0.66
CA PRO D 188 2.86 -33.95 1.91
C PRO D 188 4.36 -33.80 2.11
N ALA D 189 4.79 -33.78 3.38
CA ALA D 189 6.20 -33.66 3.72
C ALA D 189 6.46 -34.26 5.11
N THR D 190 7.70 -34.10 5.59
CA THR D 190 8.15 -34.74 6.83
C THR D 190 7.19 -34.45 7.98
N PRO D 191 6.75 -35.52 8.68
CA PRO D 191 5.71 -35.45 9.71
C PRO D 191 6.07 -34.56 10.89
N SER D 192 5.06 -34.16 11.66
CA SER D 192 5.23 -33.21 12.76
C SER D 192 4.08 -33.40 13.74
N THR D 193 3.91 -32.47 14.67
CA THR D 193 2.72 -32.44 15.51
C THR D 193 1.99 -31.11 15.31
N LEU D 194 0.69 -31.09 15.57
CA LEU D 194 -0.08 -29.85 15.50
C LEU D 194 0.36 -28.92 16.62
N GLY D 195 0.67 -29.50 17.78
CA GLY D 195 1.15 -28.75 18.92
C GLY D 195 2.36 -27.89 18.55
N LYS D 196 3.22 -28.44 17.68
CA LYS D 196 4.38 -27.72 17.18
C LYS D 196 3.97 -26.51 16.37
N GLU D 197 3.14 -26.76 15.35
CA GLU D 197 2.69 -25.72 14.44
C GLU D 197 1.94 -24.60 15.16
N MET D 198 1.29 -24.95 16.28
CA MET D 198 0.64 -23.95 17.10
C MET D 198 1.68 -23.21 17.96
N ALA D 199 2.67 -23.96 18.42
CA ALA D 199 3.75 -23.42 19.24
C ALA D 199 4.55 -22.36 18.49
N ASN D 200 4.76 -22.57 17.19
CA ASN D 200 5.48 -21.59 16.40
C ASN D 200 4.73 -20.25 16.36
N VAL D 201 3.44 -20.33 16.06
CA VAL D 201 2.58 -19.15 16.08
C VAL D 201 2.68 -18.46 17.43
N ALA D 202 2.54 -19.25 18.49
CA ALA D 202 2.63 -18.72 19.85
C ALA D 202 3.95 -17.99 20.08
N TYR D 203 5.03 -18.52 19.49
CA TYR D 203 6.37 -17.96 19.66
C TYR D 203 6.47 -16.61 18.95
N ARG D 204 6.00 -16.55 17.70
CA ARG D 204 6.02 -15.31 16.95
C ARG D 204 5.17 -14.23 17.64
N MET D 205 3.96 -14.61 18.04
CA MET D 205 3.08 -13.71 18.78
C MET D 205 3.79 -13.22 20.04
N GLU D 206 4.47 -14.12 20.74
CA GLU D 206 5.27 -13.71 21.89
C GLU D 206 6.22 -12.60 21.49
N ARG D 207 6.96 -12.83 20.41
CA ARG D 207 7.91 -11.83 19.92
C ARG D 207 7.25 -10.46 19.76
N GLN D 208 6.17 -10.42 18.97
CA GLN D 208 5.50 -9.15 18.70
C GLN D 208 4.92 -8.51 19.97
N PHE D 209 4.55 -9.35 20.93
CA PHE D 209 4.02 -8.87 22.20
C PHE D 209 5.11 -8.12 22.94
N ARG D 210 6.26 -8.77 23.11
CA ARG D 210 7.41 -8.15 23.72
C ARG D 210 7.72 -6.83 23.03
N GLN D 211 7.74 -6.87 21.70
CA GLN D 211 8.04 -5.68 20.90
C GLN D 211 7.07 -4.52 21.15
N LEU D 212 5.77 -4.82 21.22
CA LEU D 212 4.77 -3.78 21.46
C LEU D 212 4.91 -3.24 22.88
N ASN D 213 5.38 -4.08 23.79
CA ASN D 213 5.68 -3.61 25.14
C ASN D 213 6.84 -2.63 25.10
N GLN D 214 7.82 -2.94 24.25
CA GLN D 214 9.04 -2.14 24.12
C GLN D 214 8.84 -0.77 23.47
N VAL D 215 7.84 -0.64 22.61
CA VAL D 215 7.64 0.59 21.85
C VAL D 215 7.44 1.82 22.75
N GLU D 216 8.03 2.94 22.34
CA GLU D 216 7.92 4.18 23.10
C GLU D 216 6.62 4.91 22.80
N ILE D 217 5.99 5.46 23.83
CA ILE D 217 4.86 6.36 23.64
C ILE D 217 5.35 7.78 23.96
N LEU D 218 5.38 8.64 22.95
CA LEU D 218 6.08 9.92 23.05
C LEU D 218 5.16 11.13 23.13
N GLY D 219 5.63 12.17 23.81
CA GLY D 219 4.88 13.41 23.97
C GLY D 219 5.76 14.63 24.20
N LYS D 220 5.18 15.81 24.06
CA LYS D 220 5.88 17.04 24.38
C LYS D 220 4.94 18.20 24.74
N ILE D 221 5.34 19.06 25.67
CA ILE D 221 4.91 20.45 25.61
C ILE D 221 6.16 21.31 25.45
N ASN D 222 6.44 21.72 24.22
CA ASN D 222 7.48 22.70 23.97
C ASN D 222 6.92 24.09 23.66
N GLY D 223 5.60 24.19 23.58
CA GLY D 223 4.94 25.41 23.14
C GLY D 223 4.75 25.47 21.64
N ALA D 224 4.55 26.69 21.13
CA ALA D 224 4.11 26.90 19.74
C ALA D 224 4.89 26.12 18.67
N VAL D 225 6.11 26.54 18.38
CA VAL D 225 6.92 25.87 17.36
C VAL D 225 7.91 24.90 17.98
N GLY D 226 7.88 24.80 19.31
CA GLY D 226 8.72 23.87 20.02
C GLY D 226 9.91 24.49 20.73
N ASN D 227 10.03 25.81 20.64
CA ASN D 227 11.19 26.51 21.22
C ASN D 227 10.97 27.12 22.61
N TYR D 228 9.78 26.94 23.18
CA TYR D 228 9.45 27.56 24.45
C TYR D 228 9.52 29.08 24.37
N ASN D 229 9.10 29.63 23.23
CA ASN D 229 9.17 31.07 23.02
C ASN D 229 8.42 31.86 24.10
N ALA D 230 7.12 31.60 24.22
CA ALA D 230 6.27 32.33 25.15
C ALA D 230 6.61 32.02 26.60
N HIS D 231 6.90 30.74 26.89
CA HIS D 231 7.27 30.34 28.24
C HIS D 231 8.43 31.19 28.72
N ILE D 232 9.49 31.22 27.92
CA ILE D 232 10.70 31.98 28.25
C ILE D 232 10.44 33.48 28.26
N ALA D 233 9.54 33.94 27.40
CA ALA D 233 9.20 35.35 27.33
C ALA D 233 8.56 35.83 28.65
N ALA D 234 7.61 35.04 29.15
CA ALA D 234 6.93 35.37 30.39
C ALA D 234 7.77 35.01 31.62
N TYR D 235 8.34 33.80 31.62
CA TYR D 235 9.07 33.30 32.78
C TYR D 235 10.50 32.89 32.44
N PRO D 236 11.39 33.89 32.23
CA PRO D 236 12.80 33.61 31.98
C PRO D 236 13.47 32.96 33.19
N GLU D 237 12.82 33.02 34.33
CA GLU D 237 13.33 32.37 35.54
C GLU D 237 13.26 30.85 35.40
N VAL D 238 12.08 30.37 35.03
CA VAL D 238 11.80 28.94 34.96
C VAL D 238 12.65 28.21 33.94
N ASP D 239 13.03 26.98 34.25
CA ASP D 239 13.64 26.08 33.28
C ASP D 239 12.51 25.24 32.67
N TRP D 240 12.20 25.49 31.41
CA TRP D 240 11.03 24.89 30.79
C TRP D 240 11.31 23.53 30.15
N HIS D 241 12.59 23.18 30.06
CA HIS D 241 12.96 21.86 29.57
C HIS D 241 12.73 20.84 30.68
N GLN D 242 13.14 21.20 31.89
CA GLN D 242 12.86 20.39 33.06
C GLN D 242 11.35 20.30 33.24
N PHE D 243 10.66 21.38 32.91
CA PHE D 243 9.21 21.42 33.01
C PHE D 243 8.59 20.44 32.03
N SER D 244 9.05 20.48 30.79
CA SER D 244 8.53 19.60 29.75
C SER D 244 8.75 18.14 30.13
N GLU D 245 10.00 17.81 30.47
CA GLU D 245 10.36 16.45 30.86
C GLU D 245 9.50 15.98 32.04
N GLU D 246 9.55 16.73 33.14
CA GLU D 246 8.78 16.41 34.35
C GLU D 246 7.30 16.19 34.06
N PHE D 247 6.68 17.12 33.37
CA PHE D 247 5.25 17.03 33.05
C PHE D 247 4.94 15.79 32.21
N VAL D 248 5.61 15.69 31.07
CA VAL D 248 5.39 14.60 30.14
C VAL D 248 5.57 13.23 30.80
N THR D 249 6.58 13.09 31.65
CA THR D 249 6.81 11.84 32.37
C THR D 249 5.74 11.60 33.42
N SER D 250 5.32 12.67 34.08
CA SER D 250 4.31 12.59 35.13
C SER D 250 2.96 12.19 34.54
N LEU D 251 2.78 12.42 33.24
CA LEU D 251 1.54 12.02 32.57
C LEU D 251 1.58 10.54 32.19
N GLY D 252 2.70 9.89 32.49
CA GLY D 252 2.88 8.49 32.18
C GLY D 252 3.48 8.30 30.79
N ILE D 253 3.87 9.41 30.17
CA ILE D 253 4.34 9.38 28.80
C ILE D 253 5.84 9.63 28.69
N GLN D 254 6.48 8.97 27.75
CA GLN D 254 7.90 9.19 27.47
C GLN D 254 8.08 10.48 26.66
N TRP D 255 9.23 11.10 26.79
CA TRP D 255 9.40 12.50 26.40
C TRP D 255 10.21 12.68 25.11
N ASN D 256 9.71 13.52 24.22
CA ASN D 256 10.44 13.90 23.01
C ASN D 256 10.91 15.35 23.12
N PRO D 257 12.21 15.55 23.37
CA PRO D 257 12.82 16.85 23.62
C PRO D 257 12.91 17.78 22.41
N TYR D 258 13.04 17.22 21.20
CA TYR D 258 13.25 18.02 20.00
C TYR D 258 12.06 17.93 19.05
N THR D 259 11.36 19.05 18.88
CA THR D 259 10.06 19.01 18.24
C THR D 259 9.67 20.33 17.56
N THR D 260 8.83 20.24 16.54
CA THR D 260 8.16 21.41 15.95
C THR D 260 6.83 21.56 16.66
N GLN D 261 5.94 22.36 16.10
CA GLN D 261 4.61 22.53 16.65
C GLN D 261 3.92 21.20 16.91
N ILE D 262 4.28 20.17 16.15
CA ILE D 262 3.69 18.84 16.30
C ILE D 262 4.70 17.80 16.74
N GLU D 263 4.21 16.75 17.40
CA GLU D 263 5.01 15.56 17.63
C GLU D 263 5.06 14.82 16.30
N PRO D 264 6.27 14.50 15.82
CA PRO D 264 6.48 13.96 14.48
C PRO D 264 5.68 12.67 14.21
N HIS D 265 5.18 12.04 15.26
CA HIS D 265 4.27 10.90 15.12
C HIS D 265 4.99 9.58 14.84
N ASP D 266 6.31 9.62 14.73
CA ASP D 266 7.09 8.42 14.42
C ASP D 266 6.73 7.23 15.32
N TYR D 267 6.55 7.48 16.61
CA TYR D 267 6.24 6.42 17.57
C TYR D 267 4.92 5.72 17.24
N ILE D 268 3.97 6.47 16.68
CA ILE D 268 2.72 5.90 16.22
C ILE D 268 2.99 4.94 15.08
N ALA D 269 3.93 5.31 14.21
CA ALA D 269 4.31 4.46 13.10
C ALA D 269 4.93 3.18 13.62
N GLU D 270 5.82 3.30 14.61
CA GLU D 270 6.45 2.13 15.21
C GLU D 270 5.40 1.19 15.80
N LEU D 271 4.57 1.74 16.68
CA LEU D 271 3.50 0.99 17.33
C LEU D 271 2.65 0.26 16.30
N PHE D 272 1.97 1.04 15.46
CA PHE D 272 1.10 0.49 14.43
C PHE D 272 1.82 -0.54 13.56
N ASP D 273 3.11 -0.35 13.36
CA ASP D 273 3.90 -1.33 12.61
C ASP D 273 3.90 -2.65 13.35
N CYS D 274 4.27 -2.62 14.62
CA CYS D 274 4.25 -3.83 15.44
C CYS D 274 2.88 -4.50 15.39
N ILE D 275 1.84 -3.71 15.68
CA ILE D 275 0.47 -4.21 15.65
C ILE D 275 0.16 -4.92 14.34
N ALA D 276 0.51 -4.29 13.23
CA ALA D 276 0.25 -4.84 11.91
C ALA D 276 1.02 -6.14 11.68
N ARG D 277 2.22 -6.22 12.26
CA ARG D 277 3.01 -7.44 12.17
C ARG D 277 2.28 -8.57 12.87
N PHE D 278 1.85 -8.32 14.10
CA PHE D 278 1.07 -9.28 14.84
C PHE D 278 -0.14 -9.72 14.02
N ASN D 279 -0.90 -8.74 13.53
CA ASN D 279 -2.07 -9.01 12.70
C ASN D 279 -1.75 -9.92 11.52
N THR D 280 -0.60 -9.69 10.89
CA THR D 280 -0.18 -10.50 9.75
C THR D 280 0.08 -11.94 10.19
N ILE D 281 0.78 -12.10 11.29
CA ILE D 281 0.97 -13.43 11.88
C ILE D 281 -0.39 -14.11 12.05
N LEU D 282 -1.35 -13.34 12.54
CA LEU D 282 -2.69 -13.86 12.79
C LEU D 282 -3.41 -14.23 11.49
N ILE D 283 -3.09 -13.51 10.41
CA ILE D 283 -3.65 -13.82 9.11
C ILE D 283 -3.10 -15.16 8.64
N ASP D 284 -1.79 -15.33 8.78
CA ASP D 284 -1.16 -16.60 8.44
C ASP D 284 -1.85 -17.72 9.21
N PHE D 285 -2.05 -17.50 10.51
CA PHE D 285 -2.71 -18.48 11.36
C PHE D 285 -4.12 -18.82 10.86
N ASP D 286 -4.92 -17.79 10.59
CA ASP D 286 -6.30 -17.97 10.15
C ASP D 286 -6.38 -18.74 8.83
N ARG D 287 -5.55 -18.37 7.86
CA ARG D 287 -5.52 -19.09 6.59
C ARG D 287 -5.12 -20.54 6.83
N ASP D 288 -4.17 -20.74 7.72
CA ASP D 288 -3.69 -22.08 8.04
C ASP D 288 -4.77 -22.95 8.67
N VAL D 289 -5.59 -22.37 9.53
CA VAL D 289 -6.68 -23.11 10.16
C VAL D 289 -7.78 -23.35 9.14
N TRP D 290 -7.96 -22.40 8.22
CA TRP D 290 -8.88 -22.56 7.12
C TRP D 290 -8.49 -23.80 6.34
N GLY D 291 -7.19 -23.93 6.08
CA GLY D 291 -6.65 -25.07 5.36
C GLY D 291 -6.83 -26.38 6.13
N TYR D 292 -6.34 -26.40 7.37
CA TYR D 292 -6.46 -27.59 8.21
C TYR D 292 -7.90 -28.08 8.27
N ILE D 293 -8.84 -27.15 8.36
CA ILE D 293 -10.25 -27.48 8.38
C ILE D 293 -10.70 -28.01 7.03
N ALA D 294 -10.19 -27.41 5.96
CA ALA D 294 -10.56 -27.81 4.60
C ALA D 294 -10.14 -29.23 4.30
N LEU D 295 -9.16 -29.73 5.04
CA LEU D 295 -8.69 -31.11 4.88
C LEU D 295 -9.40 -32.02 5.86
N ASN D 296 -10.33 -31.45 6.63
CA ASN D 296 -11.03 -32.18 7.68
C ASN D 296 -10.11 -32.66 8.79
N HIS D 297 -9.01 -31.94 9.00
CA HIS D 297 -8.13 -32.19 10.12
C HIS D 297 -8.80 -31.73 11.41
N PHE D 298 -9.73 -30.80 11.27
CA PHE D 298 -10.47 -30.26 12.41
C PHE D 298 -11.95 -30.60 12.35
N LYS D 299 -12.57 -30.72 13.52
CA LYS D 299 -13.99 -30.99 13.64
C LYS D 299 -14.60 -30.19 14.77
N GLN D 300 -15.88 -30.42 15.03
CA GLN D 300 -16.59 -29.74 16.12
C GLN D 300 -16.24 -30.34 17.47
N LYS D 301 -16.94 -29.89 18.51
CA LYS D 301 -16.77 -30.41 19.86
C LYS D 301 -17.95 -31.29 20.25
N MET D 312 -19.81 -40.86 13.40
CA MET D 312 -19.65 -39.79 12.42
C MET D 312 -19.10 -38.51 13.05
N PRO D 313 -18.28 -37.77 12.30
CA PRO D 313 -17.69 -36.49 12.72
C PRO D 313 -18.75 -35.38 12.65
N HIS D 314 -18.29 -34.16 12.84
CA HIS D 314 -19.08 -32.98 12.50
C HIS D 314 -18.18 -31.91 11.91
N LYS D 315 -18.53 -31.43 10.72
CA LYS D 315 -17.76 -30.38 10.08
C LYS D 315 -17.92 -29.09 10.87
N VAL D 316 -16.83 -28.36 11.08
CA VAL D 316 -16.91 -27.07 11.75
C VAL D 316 -16.84 -25.94 10.72
N ASN D 317 -17.67 -24.92 10.90
CA ASN D 317 -17.70 -23.79 9.98
C ASN D 317 -16.62 -22.76 10.33
N PRO D 318 -15.65 -22.56 9.42
CA PRO D 318 -14.50 -21.70 9.71
C PRO D 318 -14.80 -20.24 9.41
N ILE D 319 -15.92 -19.74 9.92
CA ILE D 319 -16.36 -18.39 9.61
C ILE D 319 -15.62 -17.31 10.42
N ASP D 320 -15.37 -17.61 11.70
CA ASP D 320 -14.71 -16.66 12.59
C ASP D 320 -13.29 -16.35 12.08
N PHE D 321 -12.67 -17.33 11.44
CA PHE D 321 -11.32 -17.16 10.93
C PHE D 321 -11.28 -16.32 9.66
N GLU D 322 -12.31 -16.44 8.83
CA GLU D 322 -12.41 -15.60 7.62
C GLU D 322 -12.77 -14.16 7.99
N ASN D 323 -13.79 -14.00 8.83
CA ASN D 323 -14.15 -12.68 9.33
C ASN D 323 -13.01 -12.04 10.11
N SER D 324 -12.14 -12.86 10.68
CA SER D 324 -10.92 -12.35 11.30
C SER D 324 -9.97 -11.88 10.20
N GLU D 325 -9.81 -12.72 9.19
CA GLU D 325 -8.91 -12.45 8.07
C GLU D 325 -9.20 -11.08 7.42
N GLY D 326 -10.44 -10.87 7.00
CA GLY D 326 -10.80 -9.63 6.32
C GLY D 326 -10.53 -8.40 7.15
N ASN D 327 -11.09 -8.36 8.36
CA ASN D 327 -10.91 -7.23 9.27
C ASN D 327 -9.45 -7.01 9.62
N LEU D 328 -8.65 -8.07 9.59
CA LEU D 328 -7.21 -7.92 9.78
C LEU D 328 -6.61 -7.21 8.56
N GLY D 329 -7.08 -7.57 7.38
CA GLY D 329 -6.69 -6.86 6.17
C GLY D 329 -6.96 -5.38 6.28
N LEU D 330 -8.19 -5.02 6.62
CA LEU D 330 -8.56 -3.61 6.78
C LEU D 330 -7.73 -2.91 7.86
N SER D 331 -7.64 -3.55 9.02
CA SER D 331 -6.83 -3.04 10.13
C SER D 331 -5.45 -2.64 9.65
N ASN D 332 -4.70 -3.63 9.16
CA ASN D 332 -3.38 -3.38 8.60
C ASN D 332 -3.38 -2.27 7.54
N ALA D 333 -4.44 -2.20 6.76
CA ALA D 333 -4.56 -1.14 5.76
C ALA D 333 -4.50 0.23 6.42
N VAL D 334 -5.42 0.48 7.35
CA VAL D 334 -5.49 1.76 8.05
C VAL D 334 -4.21 2.06 8.83
N LEU D 335 -3.81 1.12 9.68
CA LEU D 335 -2.61 1.26 10.50
C LEU D 335 -1.41 1.63 9.62
N HIS D 336 -1.23 0.90 8.53
CA HIS D 336 -0.16 1.18 7.60
C HIS D 336 -0.25 2.59 7.06
N HIS D 337 -1.41 2.96 6.55
CA HIS D 337 -1.59 4.30 5.99
C HIS D 337 -1.20 5.37 7.00
N LEU D 338 -1.77 5.31 8.19
CA LEU D 338 -1.45 6.28 9.24
C LEU D 338 0.03 6.32 9.55
N ALA D 339 0.64 5.13 9.65
CA ALA D 339 2.06 5.03 9.98
C ALA D 339 2.93 5.71 8.93
N ASN D 340 2.60 5.53 7.65
CA ASN D 340 3.39 6.10 6.57
C ASN D 340 3.12 7.58 6.28
N LYS D 341 1.87 7.99 6.38
CA LYS D 341 1.46 9.36 6.10
C LYS D 341 1.76 10.33 7.25
N LEU D 342 1.45 9.89 8.47
CA LEU D 342 1.50 10.77 9.65
C LEU D 342 2.82 11.53 9.85
N PRO D 343 3.96 10.83 9.82
CA PRO D 343 5.25 11.46 10.13
C PRO D 343 5.60 12.61 9.19
N VAL D 344 4.95 12.68 8.03
CA VAL D 344 5.26 13.73 7.07
C VAL D 344 4.34 14.93 7.24
N SER D 345 4.90 16.03 7.72
CA SER D 345 4.18 17.29 7.86
C SER D 345 5.03 18.42 7.31
N ARG D 346 4.42 19.26 6.47
CA ARG D 346 5.16 20.25 5.70
C ARG D 346 5.74 21.37 6.56
N TRP D 347 7.05 21.57 6.44
CA TRP D 347 7.77 22.58 7.19
C TRP D 347 7.61 22.41 8.70
N GLN D 348 7.27 23.49 9.39
CA GLN D 348 7.07 23.41 10.83
C GLN D 348 5.80 22.62 11.17
N ARG D 349 4.84 22.58 10.24
CA ARG D 349 3.73 21.63 10.32
C ARG D 349 2.70 21.87 9.23
N ASP D 350 1.84 20.88 9.00
CA ASP D 350 0.58 21.09 8.30
C ASP D 350 -0.51 20.40 9.11
N LEU D 351 -1.76 20.82 8.93
CA LEU D 351 -2.85 20.29 9.75
C LEU D 351 -3.52 19.05 9.16
N THR D 352 -2.95 18.54 8.07
CA THR D 352 -3.44 17.31 7.46
C THR D 352 -3.54 16.19 8.48
N ASP D 353 -2.61 16.15 9.43
CA ASP D 353 -2.59 15.11 10.45
C ASP D 353 -3.76 15.29 11.43
N SER D 354 -4.12 16.54 11.69
CA SER D 354 -5.12 16.87 12.69
C SER D 354 -6.33 15.96 12.58
N THR D 355 -6.85 15.82 11.36
CA THR D 355 -8.03 15.00 11.13
C THR D 355 -7.71 13.50 11.11
N VAL D 356 -6.58 13.14 10.50
CA VAL D 356 -6.21 11.74 10.34
C VAL D 356 -6.15 11.01 11.69
N LEU D 357 -5.74 11.75 12.71
CA LEU D 357 -5.58 11.21 14.05
C LEU D 357 -6.91 10.84 14.69
N ARG D 358 -8.00 11.43 14.22
CA ARG D 358 -9.33 11.05 14.69
C ARG D 358 -9.58 9.59 14.32
N ASN D 359 -8.76 9.08 13.40
CA ASN D 359 -8.87 7.70 12.97
C ASN D 359 -7.91 6.73 13.70
N LEU D 360 -7.19 7.24 14.71
CA LEU D 360 -6.20 6.44 15.42
C LEU D 360 -6.74 5.08 15.88
N GLY D 361 -8.02 5.05 16.26
CA GLY D 361 -8.63 3.83 16.76
C GLY D 361 -9.25 2.97 15.69
N VAL D 362 -9.62 3.59 14.57
CA VAL D 362 -10.30 2.88 13.48
C VAL D 362 -9.65 1.54 13.17
N GLY D 363 -8.42 1.59 12.66
CA GLY D 363 -7.68 0.37 12.37
C GLY D 363 -7.70 -0.56 13.56
N ILE D 364 -7.33 -0.02 14.71
CA ILE D 364 -7.31 -0.80 15.94
C ILE D 364 -8.63 -1.54 16.11
N GLY D 365 -9.73 -0.82 15.94
CA GLY D 365 -11.05 -1.41 16.06
C GLY D 365 -11.16 -2.66 15.23
N TYR D 366 -10.81 -2.55 13.95
CA TYR D 366 -10.85 -3.69 13.05
C TYR D 366 -10.11 -4.85 13.70
N ALA D 367 -8.87 -4.60 14.11
CA ALA D 367 -8.04 -5.63 14.73
C ALA D 367 -8.83 -6.35 15.83
N LEU D 368 -9.46 -5.55 16.68
CA LEU D 368 -10.27 -6.07 17.77
C LEU D 368 -11.26 -7.13 17.29
N ILE D 369 -12.06 -6.75 16.30
CA ILE D 369 -13.12 -7.62 15.79
C ILE D 369 -12.52 -8.93 15.29
N ALA D 370 -11.27 -8.89 14.85
CA ALA D 370 -10.56 -10.10 14.48
C ALA D 370 -10.15 -10.88 15.73
N TYR D 371 -9.46 -10.20 16.65
CA TYR D 371 -8.94 -10.84 17.86
C TYR D 371 -10.02 -11.64 18.56
N GLN D 372 -11.19 -11.03 18.73
CA GLN D 372 -12.30 -11.72 19.39
C GLN D 372 -12.75 -12.89 18.52
N SER D 373 -12.99 -12.61 17.25
CA SER D 373 -13.53 -13.61 16.33
C SER D 373 -12.68 -14.88 16.32
N THR D 374 -11.38 -14.72 16.08
CA THR D 374 -10.46 -15.86 16.09
C THR D 374 -10.61 -16.66 17.36
N LEU D 375 -10.75 -15.97 18.50
CA LEU D 375 -10.97 -16.63 19.77
C LEU D 375 -12.19 -17.54 19.69
N LYS D 376 -13.32 -16.95 19.29
CA LYS D 376 -14.55 -17.71 19.14
C LYS D 376 -14.34 -18.86 18.17
N GLY D 377 -13.43 -18.65 17.21
CA GLY D 377 -13.12 -19.68 16.23
C GLY D 377 -12.35 -20.83 16.84
N VAL D 378 -11.45 -20.51 17.76
CA VAL D 378 -10.62 -21.53 18.39
C VAL D 378 -11.42 -22.37 19.39
N SER D 379 -12.31 -21.72 20.14
CA SER D 379 -13.15 -22.41 21.11
C SER D 379 -13.95 -23.53 20.46
N LYS D 380 -14.27 -23.36 19.18
CA LYS D 380 -15.08 -24.33 18.45
C LYS D 380 -14.25 -25.48 17.89
N LEU D 381 -12.93 -25.42 18.10
CA LEU D 381 -12.04 -26.41 17.51
C LEU D 381 -11.81 -27.65 18.38
N GLU D 382 -11.96 -28.81 17.77
CA GLU D 382 -11.46 -30.06 18.33
C GLU D 382 -10.84 -30.88 17.21
N VAL D 383 -9.69 -31.48 17.49
CA VAL D 383 -8.91 -32.18 16.49
C VAL D 383 -9.53 -33.52 16.11
N ASN D 384 -9.30 -33.95 14.87
CA ASN D 384 -9.61 -35.30 14.45
C ASN D 384 -8.33 -36.13 14.44
N ARG D 385 -8.22 -37.04 15.41
CA ARG D 385 -7.02 -37.88 15.51
C ARG D 385 -6.98 -38.94 14.43
N ASP D 386 -8.10 -39.64 14.25
CA ASP D 386 -8.18 -40.74 13.29
C ASP D 386 -7.84 -40.29 11.88
N HIS D 387 -8.33 -39.11 11.50
CA HIS D 387 -8.08 -38.58 10.16
C HIS D 387 -6.60 -38.36 9.93
N LEU D 388 -5.96 -37.67 10.88
CA LEU D 388 -4.53 -37.40 10.81
C LEU D 388 -3.71 -38.69 10.77
N LEU D 389 -4.05 -39.63 11.64
CA LEU D 389 -3.34 -40.91 11.70
C LEU D 389 -3.48 -41.69 10.40
N ASP D 390 -4.69 -41.70 9.84
CA ASP D 390 -4.94 -42.42 8.60
C ASP D 390 -4.27 -41.73 7.43
N GLU D 391 -4.07 -40.43 7.53
CA GLU D 391 -3.36 -39.69 6.50
C GLU D 391 -1.88 -40.04 6.56
N LEU D 392 -1.34 -40.09 7.77
CA LEU D 392 0.05 -40.45 8.01
C LEU D 392 0.34 -41.87 7.55
N ASP D 393 -0.59 -42.79 7.84
CA ASP D 393 -0.41 -44.19 7.50
C ASP D 393 -0.41 -44.41 5.99
N HIS D 394 -1.05 -43.50 5.26
CA HIS D 394 -1.08 -43.61 3.81
C HIS D 394 0.09 -42.92 3.11
N ASN D 395 0.97 -42.29 3.89
CA ASN D 395 2.24 -41.85 3.34
C ASN D 395 3.41 -42.42 4.15
N TRP D 396 4.12 -43.39 3.55
CA TRP D 396 5.37 -43.88 4.11
C TRP D 396 6.58 -43.28 3.39
N GLU D 397 6.31 -42.51 2.35
CA GLU D 397 7.35 -41.92 1.52
C GLU D 397 8.16 -40.90 2.31
N VAL D 398 7.55 -40.36 3.36
CA VAL D 398 8.26 -39.47 4.27
C VAL D 398 9.44 -40.20 4.87
N LEU D 399 9.23 -41.48 5.16
CA LEU D 399 10.28 -42.32 5.76
C LEU D 399 11.40 -42.56 4.78
N ALA D 400 11.23 -42.11 3.55
CA ALA D 400 12.32 -42.13 2.58
C ALA D 400 13.44 -41.24 3.09
N GLU D 401 13.08 -40.13 3.72
CA GLU D 401 14.06 -39.17 4.21
C GLU D 401 15.03 -39.78 5.23
N PRO D 402 14.51 -40.22 6.38
CA PRO D 402 15.40 -40.60 7.49
C PRO D 402 16.35 -41.71 7.09
N ILE D 403 15.83 -42.75 6.46
CA ILE D 403 16.65 -43.86 6.01
C ILE D 403 17.85 -43.31 5.27
N GLN D 404 17.60 -42.40 4.33
CA GLN D 404 18.66 -41.85 3.51
C GLN D 404 19.80 -41.37 4.40
N THR D 405 19.47 -40.51 5.36
CA THR D 405 20.48 -39.95 6.25
C THR D 405 21.30 -41.05 6.90
N VAL D 406 20.63 -42.07 7.41
CA VAL D 406 21.33 -43.20 8.03
C VAL D 406 22.29 -43.83 7.02
N MET D 407 21.79 -44.09 5.81
CA MET D 407 22.61 -44.64 4.75
C MET D 407 23.85 -43.76 4.55
N ARG D 408 23.66 -42.46 4.67
CA ARG D 408 24.73 -41.50 4.42
C ARG D 408 25.73 -41.49 5.56
N ARG D 409 25.28 -41.89 6.75
CA ARG D 409 26.15 -41.90 7.92
C ARG D 409 27.09 -43.10 7.91
N TYR D 410 26.56 -44.24 7.49
CA TYR D 410 27.36 -45.47 7.42
C TYR D 410 27.98 -45.66 6.04
N GLY D 411 27.80 -44.65 5.19
CA GLY D 411 28.51 -44.57 3.93
C GLY D 411 28.06 -45.48 2.82
N ILE D 412 26.76 -45.71 2.71
CA ILE D 412 26.23 -46.43 1.55
C ILE D 412 26.36 -45.56 0.30
N GLU D 413 26.64 -46.19 -0.83
CA GLU D 413 26.83 -45.47 -2.09
C GLU D 413 25.57 -44.72 -2.55
N LYS D 414 25.75 -43.46 -2.94
CA LYS D 414 24.71 -42.72 -3.65
C LYS D 414 23.26 -43.04 -3.23
N PRO D 415 22.88 -42.70 -1.99
CA PRO D 415 21.57 -43.12 -1.48
C PRO D 415 20.37 -42.65 -2.29
N TYR D 416 20.31 -41.36 -2.64
CA TYR D 416 19.09 -40.79 -3.23
C TYR D 416 18.67 -41.46 -4.53
N GLU D 417 19.63 -41.99 -5.28
CA GLU D 417 19.32 -42.72 -6.49
C GLU D 417 18.59 -44.01 -6.12
N LYS D 418 19.17 -44.73 -5.17
CA LYS D 418 18.61 -46.00 -4.70
C LYS D 418 17.21 -45.86 -4.08
N LEU D 419 17.08 -44.93 -3.13
CA LEU D 419 15.80 -44.69 -2.49
C LEU D 419 14.77 -44.16 -3.49
N LYS D 420 15.20 -43.17 -4.27
CA LYS D 420 14.32 -42.54 -5.24
C LYS D 420 13.87 -43.53 -6.31
N GLU D 421 14.65 -44.59 -6.50
CA GLU D 421 14.23 -45.69 -7.38
C GLU D 421 13.29 -46.62 -6.64
N LEU D 422 13.57 -46.83 -5.36
CA LEU D 422 12.80 -47.76 -4.52
C LEU D 422 11.32 -47.38 -4.42
N THR D 423 11.01 -46.11 -4.64
CA THR D 423 9.63 -45.65 -4.61
C THR D 423 9.21 -45.06 -5.95
N ARG D 427 3.27 -45.79 -3.71
CA ARG D 427 2.72 -47.12 -3.42
C ARG D 427 3.61 -47.83 -2.41
N VAL D 428 3.71 -47.28 -1.20
CA VAL D 428 4.66 -47.75 -0.19
C VAL D 428 3.98 -48.40 1.00
N ASP D 429 4.60 -49.46 1.51
CA ASP D 429 4.06 -50.20 2.63
C ASP D 429 4.97 -50.15 3.85
N ALA D 430 4.56 -50.85 4.90
CA ALA D 430 5.43 -51.10 6.03
C ALA D 430 6.47 -52.14 5.64
N GLU D 431 5.99 -53.26 5.10
CA GLU D 431 6.86 -54.35 4.69
C GLU D 431 7.78 -53.96 3.54
N GLY D 432 7.34 -53.04 2.71
CA GLY D 432 8.19 -52.54 1.64
C GLY D 432 9.43 -51.92 2.22
N MET D 433 9.20 -51.00 3.15
CA MET D 433 10.25 -50.39 3.95
C MET D 433 11.12 -51.43 4.64
N LYS D 434 10.53 -52.22 5.52
CA LYS D 434 11.30 -53.20 6.28
C LYS D 434 12.22 -53.98 5.36
N GLN D 435 11.66 -54.44 4.25
CA GLN D 435 12.43 -55.15 3.24
C GLN D 435 13.62 -54.32 2.74
N PHE D 436 13.34 -53.09 2.30
CA PHE D 436 14.39 -52.22 1.77
C PHE D 436 15.50 -51.92 2.77
N ILE D 437 15.12 -51.77 4.04
CA ILE D 437 16.06 -51.53 5.12
C ILE D 437 16.91 -52.76 5.35
N ASP D 438 16.31 -53.93 5.20
CA ASP D 438 17.05 -55.18 5.30
C ASP D 438 17.89 -55.42 4.03
N SER D 439 17.65 -54.61 3.01
CA SER D 439 18.34 -54.72 1.74
C SER D 439 19.69 -54.02 1.76
N LEU D 440 20.04 -53.41 2.88
CA LEU D 440 21.20 -52.54 2.97
C LEU D 440 22.19 -53.03 4.01
N ALA D 441 23.42 -52.50 3.95
CA ALA D 441 24.43 -52.85 4.92
C ALA D 441 24.54 -51.76 5.97
N LEU D 442 24.03 -52.08 7.16
CA LEU D 442 24.00 -51.16 8.28
C LEU D 442 24.11 -51.96 9.58
N PRO D 443 24.56 -51.32 10.67
CA PRO D 443 24.46 -52.02 11.96
C PRO D 443 23.00 -52.43 12.18
N GLU D 444 22.78 -53.63 12.69
CA GLU D 444 21.42 -54.10 12.95
C GLU D 444 20.70 -53.17 13.93
N ALA D 445 21.47 -52.47 14.75
CA ALA D 445 20.92 -51.48 15.67
C ALA D 445 20.11 -50.46 14.90
N GLU D 446 20.67 -49.99 13.78
CA GLU D 446 20.02 -48.99 12.95
C GLU D 446 18.85 -49.57 12.17
N LYS D 447 18.87 -50.88 11.96
CA LYS D 447 17.76 -51.54 11.28
C LYS D 447 16.57 -51.74 12.21
N THR D 448 16.85 -51.90 13.50
CA THR D 448 15.79 -51.97 14.49
C THR D 448 15.28 -50.57 14.79
N ARG D 449 16.18 -49.58 14.70
CA ARG D 449 15.80 -48.18 14.85
C ARG D 449 14.87 -47.75 13.72
N LEU D 450 15.25 -48.13 12.50
CA LEU D 450 14.50 -47.76 11.31
C LEU D 450 13.20 -48.56 11.17
N LYS D 451 13.27 -49.85 11.45
CA LYS D 451 12.10 -50.71 11.41
C LYS D 451 11.12 -50.33 12.51
N ALA D 452 11.60 -49.50 13.44
CA ALA D 452 10.78 -49.00 14.52
C ALA D 452 9.88 -47.86 14.05
N MET D 453 10.39 -47.07 13.12
CA MET D 453 9.73 -45.87 12.65
C MET D 453 8.42 -46.14 11.91
N THR D 454 7.38 -45.40 12.28
CA THR D 454 6.22 -45.21 11.41
C THR D 454 6.13 -43.72 11.18
N PRO D 455 5.56 -43.30 10.04
CA PRO D 455 5.36 -41.88 9.76
C PRO D 455 4.65 -41.18 10.91
N ALA D 456 3.83 -41.93 11.64
CA ALA D 456 3.19 -41.42 12.85
C ALA D 456 4.21 -41.36 13.99
N ASN D 457 4.96 -42.44 14.15
CA ASN D 457 6.00 -42.53 15.16
C ASN D 457 7.11 -41.54 14.90
N TYR D 458 7.21 -41.04 13.66
CA TYR D 458 8.34 -40.22 13.32
C TYR D 458 7.94 -38.74 13.34
N ILE D 459 8.15 -38.12 14.51
CA ILE D 459 7.87 -36.70 14.71
C ILE D 459 9.14 -35.86 14.84
N GLY D 460 10.29 -36.51 14.76
CA GLY D 460 11.53 -35.88 15.17
C GLY D 460 11.49 -35.45 16.63
N ARG D 461 11.85 -34.21 16.89
CA ARG D 461 11.94 -33.70 18.26
C ARG D 461 10.68 -32.95 18.73
N ALA D 462 9.65 -32.88 17.90
CA ALA D 462 8.56 -31.93 18.10
C ALA D 462 8.01 -31.82 19.53
N VAL D 463 7.78 -32.95 20.18
CA VAL D 463 7.18 -32.96 21.51
C VAL D 463 7.94 -32.09 22.52
N THR D 464 9.24 -32.32 22.62
CA THR D 464 10.08 -31.57 23.56
C THR D 464 10.21 -30.11 23.15
N LEU D 465 10.16 -29.86 21.84
CA LEU D 465 10.13 -28.48 21.34
C LEU D 465 8.90 -27.76 21.86
N VAL D 466 7.78 -28.48 21.91
CA VAL D 466 6.55 -27.92 22.47
C VAL D 466 6.70 -27.71 23.98
N ASP D 467 7.31 -28.70 24.64
CA ASP D 467 7.49 -28.65 26.09
C ASP D 467 8.27 -27.42 26.56
N GLU D 468 9.19 -26.94 25.72
CA GLU D 468 10.09 -25.86 26.12
C GLU D 468 9.52 -24.48 25.80
N LEU D 469 8.32 -24.44 25.23
CA LEU D 469 7.66 -23.17 24.94
C LEU D 469 7.48 -22.40 26.24
N LYS D 470 6.97 -23.08 27.26
CA LYS D 470 6.82 -22.50 28.59
C LYS D 470 6.55 -23.59 29.61
C1 N2P E . -4.48 -22.39 2.90
C2 N2P E . -4.34 -23.72 2.20
C3 N2P E . -5.44 -23.92 1.16
C4 N2P E . -5.28 -22.90 0.07
NE2 N2P E . -3.44 -22.25 3.93
C5 N2P E . -6.42 -23.00 -0.94
N1 N2P E . -6.32 -21.95 -1.95
C1 N2P F . 6.74 22.83 0.79
C2 N2P F . 5.38 22.78 0.07
C3 N2P F . 5.36 23.71 -1.14
C4 N2P F . 4.00 23.63 -1.88
NE2 N2P F . 6.71 21.84 1.88
C5 N2P F . 3.73 22.20 -2.33
N1 N2P F . 2.46 22.18 -3.09
#